data_1L4X
# 
_entry.id   1L4X 
# 
_audit_conform.dict_name       mmcif_pdbx.dic 
_audit_conform.dict_version    5.398 
_audit_conform.dict_location   http://mmcif.pdb.org/dictionaries/ascii/mmcif_pdbx.dic 
# 
loop_
_database_2.database_id 
_database_2.database_code 
_database_2.pdbx_database_accession 
_database_2.pdbx_DOI 
PDB   1L4X         pdb_00001l4x 10.2210/pdb1l4x/pdb 
RCSB  RCSB015649   ?            ?                   
WWPDB D_1000015649 ?            ?                   
# 
loop_
_pdbx_audit_revision_history.ordinal 
_pdbx_audit_revision_history.data_content_type 
_pdbx_audit_revision_history.major_revision 
_pdbx_audit_revision_history.minor_revision 
_pdbx_audit_revision_history.revision_date 
1 'Structure model' 1 0 2002-11-13 
2 'Structure model' 1 1 2008-04-28 
3 'Structure model' 1 2 2011-07-13 
4 'Structure model' 1 3 2018-01-31 
5 'Structure model' 2 0 2023-06-07 
6 'Structure model' 3 0 2024-04-24 
7 'Structure model' 3 1 2024-11-13 
# 
_pdbx_audit_revision_details.ordinal             1 
_pdbx_audit_revision_details.revision_ordinal    1 
_pdbx_audit_revision_details.data_content_type   'Structure model' 
_pdbx_audit_revision_details.provider            repository 
_pdbx_audit_revision_details.type                'Initial release' 
_pdbx_audit_revision_details.description         ? 
_pdbx_audit_revision_details.details             ? 
# 
loop_
_pdbx_audit_revision_group.ordinal 
_pdbx_audit_revision_group.revision_ordinal 
_pdbx_audit_revision_group.data_content_type 
_pdbx_audit_revision_group.group 
1  2 'Structure model' 'Version format compliance' 
2  3 'Structure model' 'Version format compliance' 
3  4 'Structure model' 'Experimental preparation'  
4  5 'Structure model' Advisory                    
5  5 'Structure model' 'Atomic model'              
6  5 'Structure model' 'Data collection'           
7  5 'Structure model' 'Database references'       
8  5 'Structure model' 'Derived calculations'      
9  5 'Structure model' 'Polymer sequence'          
10 5 'Structure model' 'Source and taxonomy'       
11 5 'Structure model' 'Structure summary'         
12 6 'Structure model' Advisory                    
13 6 'Structure model' 'Atomic model'              
14 6 'Structure model' 'Data collection'           
15 6 'Structure model' 'Database references'       
16 6 'Structure model' 'Derived calculations'      
17 6 'Structure model' 'Non-polymer description'   
18 6 'Structure model' 'Polymer sequence'          
19 6 'Structure model' 'Source and taxonomy'       
20 6 'Structure model' 'Structure summary'         
21 7 'Structure model' 'Structure summary'         
# 
loop_
_pdbx_audit_revision_category.ordinal 
_pdbx_audit_revision_category.revision_ordinal 
_pdbx_audit_revision_category.data_content_type 
_pdbx_audit_revision_category.category 
1  4 'Structure model' exptl_crystal_grow           
2  5 'Structure model' atom_site                    
3  5 'Structure model' database_2                   
4  5 'Structure model' entity                       
5  5 'Structure model' entity_poly                  
6  5 'Structure model' entity_poly_seq              
7  5 'Structure model' pdbx_distant_solvent_atoms   
8  5 'Structure model' pdbx_entity_nonpoly          
9  5 'Structure model' pdbx_entity_src_syn          
10 5 'Structure model' pdbx_nonpoly_scheme          
11 5 'Structure model' pdbx_poly_seq_scheme         
12 5 'Structure model' pdbx_struct_assembly_gen     
13 5 'Structure model' pdbx_struct_conn_angle       
14 5 'Structure model' pdbx_struct_special_symmetry 
15 5 'Structure model' pdbx_unobs_or_zero_occ_atoms 
16 5 'Structure model' struct                       
17 5 'Structure model' struct_asym                  
18 5 'Structure model' struct_conf                  
19 5 'Structure model' struct_conn                  
20 5 'Structure model' struct_ref                   
21 5 'Structure model' struct_ref_seq               
22 5 'Structure model' struct_site                  
23 5 'Structure model' struct_site_gen              
24 6 'Structure model' atom_site                    
25 6 'Structure model' chem_comp                    
26 6 'Structure model' chem_comp_atom               
27 6 'Structure model' chem_comp_bond               
28 6 'Structure model' entity                       
29 6 'Structure model' entity_poly                  
30 6 'Structure model' entity_poly_seq              
31 6 'Structure model' pdbx_entity_src_syn          
32 6 'Structure model' pdbx_poly_seq_scheme         
33 6 'Structure model' pdbx_struct_conn_angle       
34 6 'Structure model' pdbx_unobs_or_zero_occ_atoms 
35 6 'Structure model' struct_conf                  
36 6 'Structure model' struct_conn                  
37 6 'Structure model' struct_ref_seq               
38 6 'Structure model' struct_site                  
39 6 'Structure model' struct_site_gen              
40 7 'Structure model' pdbx_entry_details           
41 7 'Structure model' pdbx_modification_feature    
# 
loop_
_pdbx_audit_revision_item.ordinal 
_pdbx_audit_revision_item.revision_ordinal 
_pdbx_audit_revision_item.data_content_type 
_pdbx_audit_revision_item.item 
1   4 'Structure model' '_exptl_crystal_grow.temp'                    
2   5 'Structure model' '_atom_site.B_iso_or_equiv'                   
3   5 'Structure model' '_atom_site.Cartn_x'                          
4   5 'Structure model' '_atom_site.Cartn_y'                          
5   5 'Structure model' '_atom_site.Cartn_z'                          
6   5 'Structure model' '_atom_site.auth_asym_id'                     
7   5 'Structure model' '_atom_site.auth_atom_id'                     
8   5 'Structure model' '_atom_site.auth_comp_id'                     
9   5 'Structure model' '_atom_site.auth_seq_id'                      
10  5 'Structure model' '_atom_site.group_PDB'                        
11  5 'Structure model' '_atom_site.label_asym_id'                    
12  5 'Structure model' '_atom_site.label_atom_id'                    
13  5 'Structure model' '_atom_site.label_comp_id'                    
14  5 'Structure model' '_atom_site.label_entity_id'                  
15  5 'Structure model' '_atom_site.label_seq_id'                     
16  5 'Structure model' '_atom_site.type_symbol'                      
17  5 'Structure model' '_database_2.pdbx_DOI'                        
18  5 'Structure model' '_database_2.pdbx_database_accession'         
19  5 'Structure model' '_entity_poly.pdbx_seq_one_letter_code'       
20  5 'Structure model' '_entity_poly.pdbx_seq_one_letter_code_can'   
21  5 'Structure model' '_pdbx_entity_src_syn.ncbi_taxonomy_id'       
22  5 'Structure model' '_pdbx_entity_src_syn.organism_scientific'    
23  5 'Structure model' '_pdbx_entity_src_syn.pdbx_beg_seq_num'       
24  5 'Structure model' '_pdbx_entity_src_syn.pdbx_end_seq_num'       
25  5 'Structure model' '_pdbx_struct_assembly_gen.asym_id_list'      
26  5 'Structure model' '_pdbx_struct_conn_angle.ptnr1_auth_asym_id'  
27  5 'Structure model' '_pdbx_struct_conn_angle.ptnr1_auth_comp_id'  
28  5 'Structure model' '_pdbx_struct_conn_angle.ptnr1_auth_seq_id'   
29  5 'Structure model' '_pdbx_struct_conn_angle.ptnr1_label_asym_id' 
30  5 'Structure model' '_pdbx_struct_conn_angle.ptnr1_label_atom_id' 
31  5 'Structure model' '_pdbx_struct_conn_angle.ptnr1_label_comp_id' 
32  5 'Structure model' '_pdbx_struct_conn_angle.ptnr1_label_seq_id'  
33  5 'Structure model' '_pdbx_struct_conn_angle.ptnr1_symmetry'      
34  5 'Structure model' '_pdbx_struct_conn_angle.ptnr2_label_asym_id' 
35  5 'Structure model' '_pdbx_struct_conn_angle.ptnr3_auth_asym_id'  
36  5 'Structure model' '_pdbx_struct_conn_angle.ptnr3_auth_comp_id'  
37  5 'Structure model' '_pdbx_struct_conn_angle.ptnr3_auth_seq_id'   
38  5 'Structure model' '_pdbx_struct_conn_angle.ptnr3_label_asym_id' 
39  5 'Structure model' '_pdbx_struct_conn_angle.ptnr3_label_atom_id' 
40  5 'Structure model' '_pdbx_struct_conn_angle.ptnr3_label_comp_id' 
41  5 'Structure model' '_pdbx_struct_conn_angle.ptnr3_label_seq_id'  
42  5 'Structure model' '_pdbx_struct_conn_angle.ptnr3_symmetry'      
43  5 'Structure model' '_pdbx_struct_conn_angle.value'               
44  5 'Structure model' '_pdbx_struct_special_symmetry.label_asym_id' 
45  5 'Structure model' '_pdbx_unobs_or_zero_occ_atoms.label_seq_id'  
46  5 'Structure model' '_struct.title'                               
47  5 'Structure model' '_struct_conf.beg_label_seq_id'               
48  5 'Structure model' '_struct_conf.end_label_seq_id'               
49  5 'Structure model' '_struct_conn.pdbx_dist_value'                
50  5 'Structure model' '_struct_conn.pdbx_leaving_atom_flag'         
51  5 'Structure model' '_struct_conn.ptnr1_auth_asym_id'             
52  5 'Structure model' '_struct_conn.ptnr1_auth_comp_id'             
53  5 'Structure model' '_struct_conn.ptnr1_auth_seq_id'              
54  5 'Structure model' '_struct_conn.ptnr1_label_asym_id'            
55  5 'Structure model' '_struct_conn.ptnr1_label_atom_id'            
56  5 'Structure model' '_struct_conn.ptnr1_label_comp_id'            
57  5 'Structure model' '_struct_conn.ptnr1_label_seq_id'             
58  5 'Structure model' '_struct_conn.ptnr1_symmetry'                 
59  5 'Structure model' '_struct_conn.ptnr2_auth_asym_id'             
60  5 'Structure model' '_struct_conn.ptnr2_auth_comp_id'             
61  5 'Structure model' '_struct_conn.ptnr2_auth_seq_id'              
62  5 'Structure model' '_struct_conn.ptnr2_label_asym_id'            
63  5 'Structure model' '_struct_conn.ptnr2_label_atom_id'            
64  5 'Structure model' '_struct_conn.ptnr2_label_comp_id'            
65  5 'Structure model' '_struct_conn.ptnr2_label_seq_id'             
66  5 'Structure model' '_struct_conn.ptnr2_symmetry'                 
67  5 'Structure model' '_struct_ref.pdbx_align_begin'                
68  5 'Structure model' '_struct_ref_seq.db_align_beg'                
69  5 'Structure model' '_struct_ref_seq.pdbx_auth_seq_align_beg'     
70  5 'Structure model' '_struct_ref_seq.seq_align_end'               
71  5 'Structure model' '_struct_site.pdbx_auth_asym_id'              
72  5 'Structure model' '_struct_site.pdbx_auth_comp_id'              
73  5 'Structure model' '_struct_site.pdbx_auth_seq_id'               
74  5 'Structure model' '_struct_site_gen.label_asym_id'              
75  5 'Structure model' '_struct_site_gen.label_seq_id'               
76  6 'Structure model' '_atom_site.B_iso_or_equiv'                   
77  6 'Structure model' '_atom_site.Cartn_x'                          
78  6 'Structure model' '_atom_site.Cartn_y'                          
79  6 'Structure model' '_atom_site.Cartn_z'                          
80  6 'Structure model' '_atom_site.auth_atom_id'                     
81  6 'Structure model' '_atom_site.auth_comp_id'                     
82  6 'Structure model' '_atom_site.auth_seq_id'                      
83  6 'Structure model' '_atom_site.group_PDB'                        
84  6 'Structure model' '_atom_site.label_atom_id'                    
85  6 'Structure model' '_atom_site.label_comp_id'                    
86  6 'Structure model' '_atom_site.label_seq_id'                     
87  6 'Structure model' '_atom_site.type_symbol'                      
88  6 'Structure model' '_chem_comp.formula'                          
89  6 'Structure model' '_chem_comp.formula_weight'                   
90  6 'Structure model' '_chem_comp.id'                               
91  6 'Structure model' '_chem_comp.mon_nstd_flag'                    
92  6 'Structure model' '_chem_comp.name'                             
93  6 'Structure model' '_chem_comp.pdbx_synonyms'                    
94  6 'Structure model' '_chem_comp.type'                             
95  6 'Structure model' '_entity.formula_weight'                      
96  6 'Structure model' '_entity_poly.pdbx_seq_one_letter_code'       
97  6 'Structure model' '_entity_poly.pdbx_seq_one_letter_code_can'   
98  6 'Structure model' '_pdbx_entity_src_syn.pdbx_end_seq_num'       
99  6 'Structure model' '_pdbx_struct_conn_angle.ptnr1_label_seq_id'  
100 6 'Structure model' '_pdbx_struct_conn_angle.ptnr1_symmetry'      
101 6 'Structure model' '_pdbx_struct_conn_angle.ptnr2_symmetry'      
102 6 'Structure model' '_pdbx_struct_conn_angle.ptnr3_label_seq_id'  
103 6 'Structure model' '_pdbx_struct_conn_angle.value'               
104 6 'Structure model' '_pdbx_unobs_or_zero_occ_atoms.label_seq_id'  
105 6 'Structure model' '_struct_ref_seq.db_align_beg'                
106 6 'Structure model' '_struct_ref_seq.pdbx_auth_seq_align_beg'     
107 6 'Structure model' '_struct_ref_seq.seq_align_end'               
# 
_pdbx_database_status.status_code                     REL 
_pdbx_database_status.entry_id                        1L4X 
_pdbx_database_status.recvd_initial_deposition_date   2002-03-06 
_pdbx_database_status.deposit_site                    RCSB 
_pdbx_database_status.process_site                    RCSB 
_pdbx_database_status.status_code_sf                  REL 
_pdbx_database_status.SG_entry                        . 
_pdbx_database_status.status_code_mr                  ? 
_pdbx_database_status.pdb_format_compatible           Y 
_pdbx_database_status.status_code_cs                  ? 
_pdbx_database_status.methods_development_category    ? 
_pdbx_database_status.status_code_nmr_data            ? 
# 
loop_
_pdbx_database_related.db_name 
_pdbx_database_related.db_id 
_pdbx_database_related.details 
_pdbx_database_related.content_type 
PDB 1D7M 'Coiled-Coil Dimerization Domain From Cortexillin I'                                                   unspecified 
PDB 1HQJ 'Crystal Structure Of A De Novo Designed Trimeric Coiled-Coil Peptide'                                 unspecified 
PDB 1KYC 'CRYSTAL STRUCTURE OF A DE NOVO DESIGNED TRIMERIC COILED-COIL PEPTIDE STABLIZED BY IONIC INTERACTIONS' unspecified 
# 
loop_
_audit_author.name 
_audit_author.pdbx_ordinal 
_audit_author.identifier_ORCID 
'Meier, M.'    1 ? 
'Lustig, A.'   2 ? 
'Aebi, U.'     3 ? 
'Burkhard, P.' 4 ? 
# 
loop_
_citation.id 
_citation.title 
_citation.journal_abbrev 
_citation.journal_volume 
_citation.page_first 
_citation.page_last 
_citation.year 
_citation.journal_id_ASTM 
_citation.country 
_citation.journal_id_ISSN 
_citation.journal_id_CSD 
_citation.book_publisher 
_citation.pdbx_database_id_PubMed 
_citation.pdbx_database_id_DOI 
primary 'Removing an interhelical salt bridge abolishes coiled-coil formation in a de novo designed peptide' J.STRUCT.BIOL.    137 
65   72   2002 JSBIEM US 1047-8477 0803 ? 12064934 10.1006/jsbi.2002.4467          
1       'Improving coiled-coil stability by optimizing ionic interactions' 'To be Published' ?   ?    ?    ?    ?      ?  ? 0353 ? 
?        ?                               
2       'Design of a Minimal Protein Oligomerization Domain by a Structural Approach' 'Protein Sci.'    9   2294 2301 2000 PRCIEI 
US 0961-8368 0795 ? ?        ?                               
3       
;The Coiled-coil Trigger Site of the Rod Domain of Cortexillin I Unveils a Distinct Network of Interhelical and Intrahelical Salt Bridges
;
Structure         8   223  230  2000 STRUE6 UK 0969-2126 2005 ? ?        '10.1016/S0969-2126(00)00100-3' 
# 
loop_
_citation_author.citation_id 
_citation_author.name 
_citation_author.ordinal 
_citation_author.identifier_ORCID 
primary 'Meier, M.'       1  ? 
primary 'Lustig, A.'      2  ? 
primary 'Aebi, U.'        3  ? 
primary 'Burkhard, P.'    4  ? 
1       'Burkhard, P.'    5  ? 
1       'Ivaninskii, S.'  6  ? 
1       'Lustig, A.'      7  ? 
2       'Burkhard, P.'    8  ? 
2       'Meier, M.'       9  ? 
2       'Lustig, A.'      10 ? 
3       'Burkhard, P.'    11 ? 
3       'Kammerer, R.A.'  12 ? 
3       'Steinmetz, M.O.' 13 ? 
3       'Bourenkov, G.P.' 14 ? 
3       'Aebi, U.'        15 ? 
# 
loop_
_entity.id 
_entity.type 
_entity.src_method 
_entity.pdbx_description 
_entity.formula_weight 
_entity.pdbx_number_of_molecules 
_entity.pdbx_ec 
_entity.pdbx_mutation 
_entity.pdbx_fragment 
_entity.details 
1 polymer     syn SIN-ASP-GLU-LEU-GLU-ARG-ALA-ILE-ARG-GLU-LEU-ALA-ALA-ARG-ILE-LYS-NH2 1885.150 8   ? ? ? ? 
2 non-polymer syn 'CHLORIDE ION'                                                      35.453   1   ? ? ? ? 
3 non-polymer syn 'MAGNESIUM ION'                                                     24.305   1   ? ? ? ? 
4 water       nat water                                                               18.015   105 ? ? ? ? 
# 
_entity_poly.entity_id                      1 
_entity_poly.type                           'polypeptide(L)' 
_entity_poly.nstd_linkage                   no 
_entity_poly.nstd_monomer                   yes 
_entity_poly.pdbx_seq_one_letter_code       '(ZJU)ELERAIRELAARIK(NH2)' 
_entity_poly.pdbx_seq_one_letter_code_can   DELERAIRELAARIKX 
_entity_poly.pdbx_strand_id                 A,B,C,D,E,F,G,H 
_entity_poly.pdbx_target_identifier         ? 
# 
loop_
_pdbx_entity_nonpoly.entity_id 
_pdbx_entity_nonpoly.name 
_pdbx_entity_nonpoly.comp_id 
2 'CHLORIDE ION'  CL  
3 'MAGNESIUM ION' MG  
4 water           HOH 
# 
loop_
_entity_poly_seq.entity_id 
_entity_poly_seq.num 
_entity_poly_seq.mon_id 
_entity_poly_seq.hetero 
1 1  ZJU n 
1 2  GLU n 
1 3  LEU n 
1 4  GLU n 
1 5  ARG n 
1 6  ALA n 
1 7  ILE n 
1 8  ARG n 
1 9  GLU n 
1 10 LEU n 
1 11 ALA n 
1 12 ALA n 
1 13 ARG n 
1 14 ILE n 
1 15 LYS n 
1 16 NH2 n 
# 
_pdbx_entity_src_syn.entity_id              1 
_pdbx_entity_src_syn.pdbx_src_id            1 
_pdbx_entity_src_syn.pdbx_alt_source_flag   sample 
_pdbx_entity_src_syn.pdbx_beg_seq_num       1 
_pdbx_entity_src_syn.pdbx_end_seq_num       16 
_pdbx_entity_src_syn.organism_scientific    'synthetic construct' 
_pdbx_entity_src_syn.organism_common_name   ? 
_pdbx_entity_src_syn.ncbi_taxonomy_id       32630 
_pdbx_entity_src_syn.details                'This peptide is a de novo designed sequence.' 
# 
loop_
_chem_comp.id 
_chem_comp.type 
_chem_comp.mon_nstd_flag 
_chem_comp.name 
_chem_comp.pdbx_synonyms 
_chem_comp.formula 
_chem_comp.formula_weight 
ALA 'L-peptide linking' y ALANINE                    ?                                                                'C3 H7 N O2' 
89.093  
ARG 'L-peptide linking' y ARGININE                   ?                                                                
'C6 H15 N4 O2 1' 175.209 
CL  non-polymer         . 'CHLORIDE ION'             ?                                                                'Cl -1' 
35.453  
GLU 'L-peptide linking' y 'GLUTAMIC ACID'            ?                                                                'C5 H9 N O4' 
147.129 
HOH non-polymer         . WATER                      ?                                                                'H2 O' 
18.015  
ILE 'L-peptide linking' y ISOLEUCINE                 ?                                                                
'C6 H13 N O2'    131.173 
LEU 'L-peptide linking' y LEUCINE                    ?                                                                
'C6 H13 N O2'    131.173 
LYS 'L-peptide linking' y LYSINE                     ?                                                                
'C6 H15 N2 O2 1' 147.195 
MG  non-polymer         . 'MAGNESIUM ION'            ?                                                                'Mg 2' 
24.305  
NH2 non-polymer         . 'AMINO GROUP'              ?                                                                'H2 N' 
16.023  
ZJU 'L-peptide linking' n 'N-SUCCINYL-ASPARTIC ACID' '2-[(4-oxidanyl-4-oxidanylidene-butanoyl)amino]butanedioic acid' 
'C8 H11 N O7'    233.175 
# 
loop_
_pdbx_poly_seq_scheme.asym_id 
_pdbx_poly_seq_scheme.entity_id 
_pdbx_poly_seq_scheme.seq_id 
_pdbx_poly_seq_scheme.mon_id 
_pdbx_poly_seq_scheme.ndb_seq_num 
_pdbx_poly_seq_scheme.pdb_seq_num 
_pdbx_poly_seq_scheme.auth_seq_num 
_pdbx_poly_seq_scheme.pdb_mon_id 
_pdbx_poly_seq_scheme.auth_mon_id 
_pdbx_poly_seq_scheme.pdb_strand_id 
_pdbx_poly_seq_scheme.pdb_ins_code 
_pdbx_poly_seq_scheme.hetero 
A 1 1  ZJU 1  1  0  ZJU SIN A . n 
A 1 2  GLU 2  2  2  GLU GLU A . n 
A 1 3  LEU 3  3  3  LEU LEU A . n 
A 1 4  GLU 4  4  4  GLU GLU A . n 
A 1 5  ARG 5  5  5  ARG ARG A . n 
A 1 6  ALA 6  6  6  ALA ALA A . n 
A 1 7  ILE 7  7  7  ILE ILE A . n 
A 1 8  ARG 8  8  8  ARG ARG A . n 
A 1 9  GLU 9  9  9  GLU GLU A . n 
A 1 10 LEU 10 10 10 LEU LEU A . n 
A 1 11 ALA 11 11 11 ALA ALA A . n 
A 1 12 ALA 12 12 12 ALA ALA A . n 
A 1 13 ARG 13 13 13 ARG ARG A . n 
A 1 14 ILE 14 14 14 ILE ILE A . n 
A 1 15 LYS 15 15 15 LYS LYS A . n 
A 1 16 NH2 16 16 16 NH2 NH2 A . n 
B 1 1  ZJU 1  1  0  ZJU SIN B . n 
B 1 2  GLU 2  2  2  GLU GLU B . n 
B 1 3  LEU 3  3  3  LEU LEU B . n 
B 1 4  GLU 4  4  4  GLU GLU B . n 
B 1 5  ARG 5  5  5  ARG ARG B . n 
B 1 6  ALA 6  6  6  ALA ALA B . n 
B 1 7  ILE 7  7  7  ILE ILE B . n 
B 1 8  ARG 8  8  8  ARG ARG B . n 
B 1 9  GLU 9  9  9  GLU GLU B . n 
B 1 10 LEU 10 10 10 LEU LEU B . n 
B 1 11 ALA 11 11 11 ALA ALA B . n 
B 1 12 ALA 12 12 12 ALA ALA B . n 
B 1 13 ARG 13 13 13 ARG ARG B . n 
B 1 14 ILE 14 14 14 ILE ILE B . n 
B 1 15 LYS 15 15 15 LYS LYS B . n 
B 1 16 NH2 16 16 16 NH2 NH2 B . n 
C 1 1  ZJU 1  1  0  ZJU SIN C . n 
C 1 2  GLU 2  2  2  GLU GLU C . n 
C 1 3  LEU 3  3  3  LEU LEU C . n 
C 1 4  GLU 4  4  4  GLU GLU C . n 
C 1 5  ARG 5  5  5  ARG ARG C . n 
C 1 6  ALA 6  6  6  ALA ALA C . n 
C 1 7  ILE 7  7  7  ILE ILE C . n 
C 1 8  ARG 8  8  8  ARG ARG C . n 
C 1 9  GLU 9  9  9  GLU GLU C . n 
C 1 10 LEU 10 10 10 LEU LEU C . n 
C 1 11 ALA 11 11 11 ALA ALA C . n 
C 1 12 ALA 12 12 12 ALA ALA C . n 
C 1 13 ARG 13 13 13 ARG ARG C . n 
C 1 14 ILE 14 14 14 ILE ILE C . n 
C 1 15 LYS 15 15 15 LYS LYS C . n 
C 1 16 NH2 16 16 16 NH2 NH2 C . n 
D 1 1  ZJU 1  1  0  ZJU SIN D . n 
D 1 2  GLU 2  2  2  GLU GLU D . n 
D 1 3  LEU 3  3  3  LEU LEU D . n 
D 1 4  GLU 4  4  4  GLU GLU D . n 
D 1 5  ARG 5  5  5  ARG ARG D . n 
D 1 6  ALA 6  6  6  ALA ALA D . n 
D 1 7  ILE 7  7  7  ILE ILE D . n 
D 1 8  ARG 8  8  8  ARG ARG D . n 
D 1 9  GLU 9  9  9  GLU GLU D . n 
D 1 10 LEU 10 10 10 LEU LEU D . n 
D 1 11 ALA 11 11 11 ALA ALA D . n 
D 1 12 ALA 12 12 12 ALA ALA D . n 
D 1 13 ARG 13 13 13 ARG ARG D . n 
D 1 14 ILE 14 14 14 ILE ILE D . n 
D 1 15 LYS 15 15 15 LYS LYS D . n 
D 1 16 NH2 16 16 16 NH2 NH2 D . n 
E 1 1  ZJU 1  1  0  ZJU SIN E . n 
E 1 2  GLU 2  2  2  GLU GLU E . n 
E 1 3  LEU 3  3  3  LEU LEU E . n 
E 1 4  GLU 4  4  4  GLU GLU E . n 
E 1 5  ARG 5  5  5  ARG ARG E . n 
E 1 6  ALA 6  6  6  ALA ALA E . n 
E 1 7  ILE 7  7  7  ILE ILE E . n 
E 1 8  ARG 8  8  8  ARG ARG E . n 
E 1 9  GLU 9  9  9  GLU GLU E . n 
E 1 10 LEU 10 10 10 LEU LEU E . n 
E 1 11 ALA 11 11 11 ALA ALA E . n 
E 1 12 ALA 12 12 12 ALA ALA E . n 
E 1 13 ARG 13 13 13 ARG ARG E . n 
E 1 14 ILE 14 14 14 ILE ILE E . n 
E 1 15 LYS 15 15 15 LYS LYS E . n 
E 1 16 NH2 16 16 16 NH2 NH2 E . n 
F 1 1  ZJU 1  1  0  ZJU SIN F . n 
F 1 2  GLU 2  2  2  GLU GLU F . n 
F 1 3  LEU 3  3  3  LEU LEU F . n 
F 1 4  GLU 4  4  4  GLU GLU F . n 
F 1 5  ARG 5  5  5  ARG ARG F . n 
F 1 6  ALA 6  6  6  ALA ALA F . n 
F 1 7  ILE 7  7  7  ILE ILE F . n 
F 1 8  ARG 8  8  8  ARG ARG F . n 
F 1 9  GLU 9  9  9  GLU GLU F . n 
F 1 10 LEU 10 10 10 LEU LEU F . n 
F 1 11 ALA 11 11 11 ALA ALA F . n 
F 1 12 ALA 12 12 12 ALA ALA F . n 
F 1 13 ARG 13 13 13 ARG ARG F . n 
F 1 14 ILE 14 14 14 ILE ILE F . n 
F 1 15 LYS 15 15 15 LYS LYS F . n 
F 1 16 NH2 16 16 16 NH2 NH2 F . n 
G 1 1  ZJU 1  1  0  ZJU SIN G . n 
G 1 2  GLU 2  2  2  GLU GLU G . n 
G 1 3  LEU 3  3  3  LEU LEU G . n 
G 1 4  GLU 4  4  4  GLU GLU G . n 
G 1 5  ARG 5  5  5  ARG ARG G . n 
G 1 6  ALA 6  6  6  ALA ALA G . n 
G 1 7  ILE 7  7  7  ILE ILE G . n 
G 1 8  ARG 8  8  8  ARG ARG G . n 
G 1 9  GLU 9  9  9  GLU GLU G . n 
G 1 10 LEU 10 10 10 LEU LEU G . n 
G 1 11 ALA 11 11 11 ALA ALA G . n 
G 1 12 ALA 12 12 12 ALA ALA G . n 
G 1 13 ARG 13 13 13 ARG ARG G . n 
G 1 14 ILE 14 14 14 ILE ILE G . n 
G 1 15 LYS 15 15 15 LYS LYS G . n 
G 1 16 NH2 16 16 16 NH2 NH2 G . n 
H 1 1  ZJU 1  1  0  ZJU SIN H . n 
H 1 2  GLU 2  2  2  GLU GLU H . n 
H 1 3  LEU 3  3  3  LEU LEU H . n 
H 1 4  GLU 4  4  4  GLU GLU H . n 
H 1 5  ARG 5  5  5  ARG ARG H . n 
H 1 6  ALA 6  6  6  ALA ALA H . n 
H 1 7  ILE 7  7  7  ILE ILE H . n 
H 1 8  ARG 8  8  8  ARG ARG H . n 
H 1 9  GLU 9  9  9  GLU GLU H . n 
H 1 10 LEU 10 10 10 LEU LEU H . n 
H 1 11 ALA 11 11 11 ALA ALA H . n 
H 1 12 ALA 12 12 12 ALA ALA H . n 
H 1 13 ARG 13 13 13 ARG ARG H . n 
H 1 14 ILE 14 14 14 ILE ILE H . n 
H 1 15 LYS 15 15 15 LYS LYS H . n 
H 1 16 NH2 16 16 16 NH2 NH2 H . n 
# 
loop_
_pdbx_nonpoly_scheme.asym_id 
_pdbx_nonpoly_scheme.entity_id 
_pdbx_nonpoly_scheme.mon_id 
_pdbx_nonpoly_scheme.ndb_seq_num 
_pdbx_nonpoly_scheme.pdb_seq_num 
_pdbx_nonpoly_scheme.auth_seq_num 
_pdbx_nonpoly_scheme.pdb_mon_id 
_pdbx_nonpoly_scheme.auth_mon_id 
_pdbx_nonpoly_scheme.pdb_strand_id 
_pdbx_nonpoly_scheme.pdb_ins_code 
I 2 CL  1  202 202 CL  CL  G . 
J 3 MG  1  201 201 MG  MG  H . 
K 4 HOH 1  23  23  HOH HOH A . 
K 4 HOH 2  28  28  HOH HOH A . 
K 4 HOH 3  34  34  HOH HOH A . 
K 4 HOH 4  46  46  HOH HOH A . 
K 4 HOH 5  51  51  HOH HOH A . 
K 4 HOH 6  52  52  HOH HOH A . 
K 4 HOH 7  67  67  HOH HOH A . 
K 4 HOH 8  85  85  HOH HOH A . 
K 4 HOH 9  95  95  HOH HOH A . 
K 4 HOH 10 99  99  HOH HOH A . 
K 4 HOH 11 100 100 HOH HOH A . 
K 4 HOH 12 101 101 HOH HOH A . 
K 4 HOH 13 104 104 HOH HOH A . 
L 4 HOH 1  17  7   HOH HOH B . 
L 4 HOH 2  18  25  HOH HOH B . 
L 4 HOH 3  19  47  HOH HOH B . 
L 4 HOH 4  20  53  HOH HOH B . 
L 4 HOH 5  21  56  HOH HOH B . 
L 4 HOH 6  22  74  HOH HOH B . 
M 4 HOH 1  17  1   HOH HOH C . 
M 4 HOH 2  18  3   HOH HOH C . 
M 4 HOH 3  19  42  HOH HOH C . 
M 4 HOH 4  20  54  HOH HOH C . 
M 4 HOH 5  21  55  HOH HOH C . 
M 4 HOH 6  22  59  HOH HOH C . 
M 4 HOH 7  23  65  HOH HOH C . 
M 4 HOH 8  24  77  HOH HOH C . 
M 4 HOH 9  25  86  HOH HOH C . 
M 4 HOH 10 26  93  HOH HOH C . 
M 4 HOH 11 27  98  HOH HOH C . 
N 4 HOH 1  17  4   HOH HOH D . 
N 4 HOH 2  18  5   HOH HOH D . 
N 4 HOH 3  19  11  HOH HOH D . 
N 4 HOH 4  20  14  HOH HOH D . 
N 4 HOH 5  21  15  HOH HOH D . 
N 4 HOH 6  22  18  HOH HOH D . 
N 4 HOH 7  23  21  HOH HOH D . 
N 4 HOH 8  24  22  HOH HOH D . 
N 4 HOH 9  25  31  HOH HOH D . 
N 4 HOH 10 26  32  HOH HOH D . 
N 4 HOH 11 27  36  HOH HOH D . 
N 4 HOH 12 28  63  HOH HOH D . 
N 4 HOH 13 29  64  HOH HOH D . 
N 4 HOH 14 30  79  HOH HOH D . 
N 4 HOH 15 31  82  HOH HOH D . 
N 4 HOH 16 32  87  HOH HOH D . 
N 4 HOH 17 33  90  HOH HOH D . 
N 4 HOH 18 34  102 HOH HOH D . 
N 4 HOH 19 35  103 HOH HOH D . 
O 4 HOH 1  17  8   HOH HOH E . 
O 4 HOH 2  18  12  HOH HOH E . 
O 4 HOH 3  19  26  HOH HOH E . 
O 4 HOH 4  20  38  HOH HOH E . 
O 4 HOH 5  21  48  HOH HOH E . 
O 4 HOH 6  22  66  HOH HOH E . 
O 4 HOH 7  23  68  HOH HOH E . 
O 4 HOH 8  24  70  HOH HOH E . 
O 4 HOH 9  25  72  HOH HOH E . 
O 4 HOH 10 26  75  HOH HOH E . 
O 4 HOH 11 27  78  HOH HOH E . 
O 4 HOH 12 28  97  HOH HOH E . 
P 4 HOH 1  17  6   HOH HOH F . 
P 4 HOH 2  18  30  HOH HOH F . 
P 4 HOH 3  19  35  HOH HOH F . 
P 4 HOH 4  20  40  HOH HOH F . 
P 4 HOH 5  21  41  HOH HOH F . 
P 4 HOH 6  22  45  HOH HOH F . 
P 4 HOH 7  23  96  HOH HOH F . 
Q 4 HOH 1  203 2   HOH HOH G . 
Q 4 HOH 2  204 10  HOH HOH G . 
Q 4 HOH 3  205 13  HOH HOH G . 
Q 4 HOH 4  206 44  HOH HOH G . 
Q 4 HOH 5  207 58  HOH HOH G . 
Q 4 HOH 6  208 60  HOH HOH G . 
Q 4 HOH 7  209 69  HOH HOH G . 
Q 4 HOH 8  210 73  HOH HOH G . 
Q 4 HOH 9  211 76  HOH HOH G . 
Q 4 HOH 10 212 80  HOH HOH G . 
Q 4 HOH 11 213 83  HOH HOH G . 
Q 4 HOH 12 214 89  HOH HOH G . 
Q 4 HOH 13 215 92  HOH HOH G . 
Q 4 HOH 14 216 105 HOH HOH G . 
R 4 HOH 1  202 9   HOH HOH H . 
R 4 HOH 2  203 16  HOH HOH H . 
R 4 HOH 3  204 17  HOH HOH H . 
R 4 HOH 4  205 19  HOH HOH H . 
R 4 HOH 5  206 20  HOH HOH H . 
R 4 HOH 6  207 24  HOH HOH H . 
R 4 HOH 7  208 27  HOH HOH H . 
R 4 HOH 8  209 29  HOH HOH H . 
R 4 HOH 9  210 33  HOH HOH H . 
R 4 HOH 10 211 37  HOH HOH H . 
R 4 HOH 11 212 39  HOH HOH H . 
R 4 HOH 12 213 43  HOH HOH H . 
R 4 HOH 13 214 49  HOH HOH H . 
R 4 HOH 14 215 50  HOH HOH H . 
R 4 HOH 15 216 57  HOH HOH H . 
R 4 HOH 16 217 61  HOH HOH H . 
R 4 HOH 17 218 62  HOH HOH H . 
R 4 HOH 18 219 71  HOH HOH H . 
R 4 HOH 19 220 81  HOH HOH H . 
R 4 HOH 20 221 84  HOH HOH H . 
R 4 HOH 21 222 88  HOH HOH H . 
R 4 HOH 22 223 91  HOH HOH H . 
R 4 HOH 23 224 94  HOH HOH H . 
# 
loop_
_pdbx_unobs_or_zero_occ_atoms.id 
_pdbx_unobs_or_zero_occ_atoms.PDB_model_num 
_pdbx_unobs_or_zero_occ_atoms.polymer_flag 
_pdbx_unobs_or_zero_occ_atoms.occupancy_flag 
_pdbx_unobs_or_zero_occ_atoms.auth_asym_id 
_pdbx_unobs_or_zero_occ_atoms.auth_comp_id 
_pdbx_unobs_or_zero_occ_atoms.auth_seq_id 
_pdbx_unobs_or_zero_occ_atoms.PDB_ins_code 
_pdbx_unobs_or_zero_occ_atoms.auth_atom_id 
_pdbx_unobs_or_zero_occ_atoms.label_alt_id 
_pdbx_unobs_or_zero_occ_atoms.label_asym_id 
_pdbx_unobs_or_zero_occ_atoms.label_comp_id 
_pdbx_unobs_or_zero_occ_atoms.label_seq_id 
_pdbx_unobs_or_zero_occ_atoms.label_atom_id 
1 1 Y 1 C LYS 15 ? CG ? C LYS 15 CG 
2 1 Y 1 C LYS 15 ? CD ? C LYS 15 CD 
3 1 Y 1 C LYS 15 ? CE ? C LYS 15 CE 
4 1 Y 1 C LYS 15 ? NZ ? C LYS 15 NZ 
5 1 Y 1 G LYS 15 ? CG ? G LYS 15 CG 
6 1 Y 1 G LYS 15 ? CD ? G LYS 15 CD 
7 1 Y 1 G LYS 15 ? CE ? G LYS 15 CE 
8 1 Y 1 G LYS 15 ? NZ ? G LYS 15 NZ 
# 
loop_
_software.name 
_software.classification 
_software.version 
_software.citation_id 
_software.pdbx_ordinal 
_software.date 
_software.type 
_software.location 
_software.language 
DENZO    'data reduction' .            ? 1 ? ? ? ? 
TRUNCATE 'data reduction' .            ? 2 ? ? ? ? 
SHARP    phasing          .            ? 3 ? ? ? ? 
CNS      refinement       .            ? 4 ? ? ? ? 
CCP4     'data scaling'   '(TRUNCATE)' ? 5 ? ? ? ? 
# 
_cell.entry_id           1L4X 
_cell.length_a           56.628 
_cell.length_b           56.628 
_cell.length_c           113.869 
_cell.angle_alpha        90.00 
_cell.angle_beta         90.00 
_cell.angle_gamma        120.00 
_cell.Z_PDB              48 
_cell.pdbx_unique_axis   ? 
_cell.length_a_esd       ? 
_cell.length_b_esd       ? 
_cell.length_c_esd       ? 
_cell.angle_alpha_esd    ? 
_cell.angle_beta_esd     ? 
_cell.angle_gamma_esd    ? 
# 
_symmetry.entry_id                         1L4X 
_symmetry.space_group_name_H-M             'P 31 2 1' 
_symmetry.pdbx_full_space_group_name_H-M   ? 
_symmetry.cell_setting                     ? 
_symmetry.Int_Tables_number                152 
_symmetry.space_group_name_Hall            ? 
# 
_exptl.entry_id          1L4X 
_exptl.method            'X-RAY DIFFRACTION' 
_exptl.crystals_number   3 
# 
loop_
_exptl_crystal.id 
_exptl_crystal.density_meas 
_exptl_crystal.density_percent_sol 
_exptl_crystal.density_Matthews 
_exptl_crystal.description 
_exptl_crystal.F_000 
_exptl_crystal.preparation 
1 ? 66.67 3.69 ? ? ? 
2 ? ?     ?    ? ? ? 
3 ? ?     ?    ? ? ? 
# 
loop_
_exptl_crystal_grow.crystal_id 
_exptl_crystal_grow.method 
_exptl_crystal_grow.temp 
_exptl_crystal_grow.temp_details 
_exptl_crystal_grow.pH 
_exptl_crystal_grow.pdbx_details 
_exptl_crystal_grow.pdbx_pH_range 
1 'VAPOR DIFFUSION, HANGING DROP' ? ? 4.6 
'magnesium sulphate; sodium acetate or bicine, pH 4.6, VAPOR DIFFUSION, HANGING DROP, temperature 100K' . 
2 'VAPOR DIFFUSION, HANGING DROP' ? ? 4.6 
'magnesium sulphate; sodium acetate or bicine, pH 4.6, VAPOR DIFFUSION, HANGING DROP, temperature 100K' . 
3 'VAPOR DIFFUSION, HANGING DROP' ? ? 9.0 
'magnesium sulphate; sodium acetate or bicine, pH 9.0, VAPOR DIFFUSION, HANGING DROP, temperature 100K' . 
# 
loop_
_diffrn.id 
_diffrn.ambient_temp 
_diffrn.ambient_temp_details 
_diffrn.crystal_id 
1 100 ? 1 
2 100 ? 1 
3 100 ? 1 
# 
loop_
_diffrn_detector.diffrn_id 
_diffrn_detector.detector 
_diffrn_detector.type 
_diffrn_detector.pdbx_collection_date 
_diffrn_detector.details 
1 'IMAGE PLATE' MARRESEARCH      2001-02-23 ? 
2 'IMAGE PLATE' MARRESEARCH      2001-03-09 ? 
3 CCD           'ADSC QUANTUM 4' 2001-07-09 ? 
# 
_diffrn_radiation.diffrn_id                        1 
_diffrn_radiation.wavelength_id                    1 
_diffrn_radiation.monochromator                    ? 
_diffrn_radiation.pdbx_monochromatic_or_laue_m_l   M 
_diffrn_radiation.pdbx_diffrn_protocol             'SINGLE WAVELENGTH' 
_diffrn_radiation.pdbx_scattering_type             x-ray 
# 
loop_
_diffrn_radiation_wavelength.id 
_diffrn_radiation_wavelength.wavelength 
_diffrn_radiation_wavelength.wt 
1 1.5418   1.0 
2 0.976257 1.0 
# 
loop_
_diffrn_source.diffrn_id 
_diffrn_source.source 
_diffrn_source.type 
_diffrn_source.pdbx_synchrotron_site 
_diffrn_source.pdbx_synchrotron_beamline 
_diffrn_source.pdbx_wavelength 
_diffrn_source.pdbx_wavelength_list 
1 'ROTATING ANODE' 'ELLIOTT GX-20'      ?    ?    1.5418   1.5418   
2 'ROTATING ANODE' 'ELLIOTT GX-20'      ?    ?    1.5418   1.5418   
3 SYNCHROTRON      'ESRF BEAMLINE ID29' ESRF ID29 0.976257 0.976257 
# 
_reflns.entry_id                     1L4X 
_reflns.observed_criterion_sigma_I   -3.0 
_reflns.observed_criterion_sigma_F   ? 
_reflns.d_resolution_low             50 
_reflns.d_resolution_high            2.0 
_reflns.number_obs                   14176 
_reflns.number_all                   14920 
_reflns.percent_possible_obs         95.1 
_reflns.pdbx_Rmerge_I_obs            0.074 
_reflns.pdbx_Rsym_value              ? 
_reflns.pdbx_netI_over_sigmaI        13.2 
_reflns.B_iso_Wilson_estimate        44 
_reflns.pdbx_redundancy              7.7 
_reflns.R_free_details               ? 
_reflns.limit_h_max                  ? 
_reflns.limit_h_min                  ? 
_reflns.limit_k_max                  ? 
_reflns.limit_k_min                  ? 
_reflns.limit_l_max                  ? 
_reflns.limit_l_min                  ? 
_reflns.observed_criterion_F_max     ? 
_reflns.observed_criterion_F_min     ? 
_reflns.pdbx_chi_squared             ? 
_reflns.pdbx_scaling_rejects         ? 
_reflns.pdbx_diffrn_id               1 
_reflns.pdbx_ordinal                 1 
_reflns.pdbx_CC_half                 ? 
_reflns.pdbx_CC_star                 ? 
_reflns.pdbx_Rpim_I_all              ? 
_reflns.pdbx_Rrim_I_all              ? 
# 
_reflns_shell.d_res_high             2.00 
_reflns_shell.d_res_low              2.06 
_reflns_shell.percent_possible_all   83.3 
_reflns_shell.Rmerge_I_obs           0.463 
_reflns_shell.pdbx_Rsym_value        ? 
_reflns_shell.meanI_over_sigI_obs    3.3 
_reflns_shell.pdbx_redundancy        4.1 
_reflns_shell.percent_possible_obs   ? 
_reflns_shell.number_unique_all      1004 
_reflns_shell.number_measured_all    ? 
_reflns_shell.number_measured_obs    ? 
_reflns_shell.number_unique_obs      ? 
_reflns_shell.pdbx_chi_squared       ? 
_reflns_shell.pdbx_diffrn_id         ? 
_reflns_shell.pdbx_ordinal           1 
_reflns_shell.pdbx_CC_half           ? 
_reflns_shell.pdbx_CC_star           ? 
_reflns_shell.pdbx_Rpim_I_all        ? 
_reflns_shell.pdbx_Rrim_I_all        ? 
# 
_refine.entry_id                                 1L4X 
_refine.ls_number_reflns_obs                     13923 
_refine.ls_number_reflns_all                     14176 
_refine.pdbx_ls_sigma_I                          ? 
_refine.pdbx_ls_sigma_F                          0 
_refine.pdbx_data_cutoff_high_absF               ? 
_refine.pdbx_data_cutoff_low_absF                ? 
_refine.ls_d_res_low                             30.02 
_refine.ls_d_res_high                            2.00 
_refine.ls_percent_reflns_obs                    93.5 
_refine.ls_R_factor_obs                          ? 
_refine.ls_R_factor_all                          ? 
_refine.ls_R_factor_R_work                       0.242 
_refine.ls_R_factor_R_free                       0.278 
_refine.ls_R_factor_R_free_error                 0.010 
_refine.ls_R_factor_R_free_error_details         ? 
_refine.ls_percent_reflns_R_free                 5.1 
_refine.ls_number_reflns_R_free                  711 
_refine.ls_number_parameters                     ? 
_refine.ls_number_restraints                     ? 
_refine.occupancy_min                            ? 
_refine.occupancy_max                            ? 
_refine.B_iso_mean                               55.0 
_refine.aniso_B[1][1]                            0.72 
_refine.aniso_B[2][2]                            0.72 
_refine.aniso_B[3][3]                            -1.44 
_refine.aniso_B[1][2]                            -3.43 
_refine.aniso_B[1][3]                            0.00 
_refine.aniso_B[2][3]                            0.00 
_refine.solvent_model_details                    'flat model' 
_refine.solvent_model_param_ksol                 0.414419 
_refine.solvent_model_param_bsol                 92.7455 
_refine.pdbx_ls_cross_valid_method               THROUGHOUT 
_refine.details                                  
;maximum likelihood target using amplitudes.  The CG, CD, CE and NZ of LYS 15 in chains C and G are
missing in
the coordinates because they are disordered.
;
_refine.pdbx_starting_model                      ? 
_refine.pdbx_method_to_determine_struct          SIR 
_refine.pdbx_isotropic_thermal_model             RESTRAINED 
_refine.pdbx_stereochemistry_target_values       'Engh & Huber' 
_refine.pdbx_stereochem_target_val_spec_case     ? 
_refine.pdbx_R_Free_selection_details            RANDOM 
_refine.pdbx_overall_ESU_R_Free                  ? 
_refine.overall_SU_B                             ? 
_refine.ls_redundancy_reflns_obs                 ? 
_refine.B_iso_min                                ? 
_refine.B_iso_max                                ? 
_refine.correlation_coeff_Fo_to_Fc               ? 
_refine.overall_SU_R_Cruickshank_DPI             ? 
_refine.overall_SU_R_free                        ? 
_refine.overall_SU_ML                            ? 
_refine.pdbx_overall_ESU_R                       ? 
_refine.pdbx_data_cutoff_high_rms_absF           ? 
_refine.correlation_coeff_Fo_to_Fc_free          ? 
_refine.pdbx_solvent_vdw_probe_radii             ? 
_refine.pdbx_solvent_ion_probe_radii             ? 
_refine.pdbx_solvent_shrinkage_radii             ? 
_refine.pdbx_overall_phase_error                 ? 
_refine.ls_wR_factor_R_free                      ? 
_refine.ls_wR_factor_R_work                      ? 
_refine.overall_FOM_free_R_set                   ? 
_refine.overall_FOM_work_R_set                   ? 
_refine.pdbx_refine_id                           'X-RAY DIFFRACTION' 
_refine.pdbx_diffrn_id                           1 
_refine.pdbx_TLS_residual_ADP_flag               ? 
_refine.pdbx_overall_SU_R_free_Cruickshank_DPI   ? 
_refine.pdbx_overall_SU_R_Blow_DPI               ? 
_refine.pdbx_overall_SU_R_free_Blow_DPI          ? 
# 
_refine_analyze.entry_id                        1L4X 
_refine_analyze.Luzzati_coordinate_error_obs    0.33 
_refine_analyze.Luzzati_sigma_a_obs             0.36 
_refine_analyze.Luzzati_d_res_low_obs           5.00 
_refine_analyze.Luzzati_coordinate_error_free   0.32 
_refine_analyze.Luzzati_sigma_a_free            0.42 
_refine_analyze.Luzzati_d_res_low_free          ? 
_refine_analyze.number_disordered_residues      ? 
_refine_analyze.occupancy_sum_hydrogen          ? 
_refine_analyze.occupancy_sum_non_hydrogen      ? 
_refine_analyze.pdbx_Luzzati_d_res_high_obs     ? 
_refine_analyze.pdbx_refine_id                  'X-RAY DIFFRACTION' 
# 
_refine_hist.pdbx_refine_id                   'X-RAY DIFFRACTION' 
_refine_hist.cycle_id                         LAST 
_refine_hist.pdbx_number_atoms_protein        1000 
_refine_hist.pdbx_number_atoms_nucleic_acid   0 
_refine_hist.pdbx_number_atoms_ligand         58 
_refine_hist.number_atoms_solvent             105 
_refine_hist.number_atoms_total               1163 
_refine_hist.d_res_high                       2.00 
_refine_hist.d_res_low                        30.02 
# 
loop_
_refine_ls_restr.type 
_refine_ls_restr.dev_ideal 
_refine_ls_restr.dev_ideal_target 
_refine_ls_restr.weight 
_refine_ls_restr.number 
_refine_ls_restr.pdbx_refine_id 
_refine_ls_restr.pdbx_restraint_function 
c_bond_d           0.010 ?    ? ? 'X-RAY DIFFRACTION' ? 
c_angle_deg        1.2   ?    ? ? 'X-RAY DIFFRACTION' ? 
c_dihedral_angle_d 16.1  ?    ? ? 'X-RAY DIFFRACTION' ? 
c_improper_angle_d 0.80  ?    ? ? 'X-RAY DIFFRACTION' ? 
c_mcbond_it        5.72  1.50 ? ? 'X-RAY DIFFRACTION' ? 
c_mcangle_it       7.66  2.00 ? ? 'X-RAY DIFFRACTION' ? 
c_scbond_it        7.89  2.00 ? ? 'X-RAY DIFFRACTION' ? 
c_scangle_it       11.27 2.50 ? ? 'X-RAY DIFFRACTION' ? 
# 
_refine_ls_shell.pdbx_total_number_of_bins_used   6 
_refine_ls_shell.d_res_high                       2.00 
_refine_ls_shell.d_res_low                        2.13 
_refine_ls_shell.number_reflns_R_work             1815 
_refine_ls_shell.R_factor_R_work                  0.454 
_refine_ls_shell.percent_reflns_obs               79.6 
_refine_ls_shell.R_factor_R_free                  0.49 
_refine_ls_shell.R_factor_R_free_error            0.047 
_refine_ls_shell.percent_reflns_R_free            5.6 
_refine_ls_shell.number_reflns_R_free             107 
_refine_ls_shell.number_reflns_obs                1922 
_refine_ls_shell.redundancy_reflns_obs            ? 
_refine_ls_shell.number_reflns_all                ? 
_refine_ls_shell.R_factor_all                     ? 
_refine_ls_shell.pdbx_refine_id                   'X-RAY DIFFRACTION' 
_refine_ls_shell.R_factor_obs                     ? 
# 
_struct.entry_id                  1L4X 
_struct.title                     'Octameric de novo designed peptide' 
_struct.pdbx_model_details        ? 
_struct.pdbx_CASP_flag            ? 
_struct.pdbx_model_type_details   ? 
# 
_struct_keywords.entry_id        1L4X 
_struct_keywords.pdbx_keywords   'DE NOVO PROTEIN' 
_struct_keywords.text            
'coiled coil, protein de novo design, ionic interactions, protein folding, protein oligomerization, DE NOVO PROTEIN' 
# 
loop_
_struct_asym.id 
_struct_asym.pdbx_blank_PDB_chainid_flag 
_struct_asym.pdbx_modified 
_struct_asym.entity_id 
_struct_asym.details 
A N N 1 ? 
B N N 1 ? 
C N N 1 ? 
D N N 1 ? 
E N N 1 ? 
F N N 1 ? 
G N N 1 ? 
H N N 1 ? 
I N N 2 ? 
J N N 3 ? 
K N N 4 ? 
L N N 4 ? 
M N N 4 ? 
N N N 4 ? 
O N N 4 ? 
P N N 4 ? 
Q N N 4 ? 
R N N 4 ? 
# 
_struct_ref.id                         1 
_struct_ref.db_name                    PDB 
_struct_ref.db_code                    1L4X 
_struct_ref.pdbx_db_accession          1L4X 
_struct_ref.pdbx_db_isoform            ? 
_struct_ref.entity_id                  1 
_struct_ref.pdbx_seq_one_letter_code   ? 
_struct_ref.pdbx_align_begin           1 
# 
loop_
_struct_ref_seq.align_id 
_struct_ref_seq.ref_id 
_struct_ref_seq.pdbx_PDB_id_code 
_struct_ref_seq.pdbx_strand_id 
_struct_ref_seq.seq_align_beg 
_struct_ref_seq.pdbx_seq_align_beg_ins_code 
_struct_ref_seq.seq_align_end 
_struct_ref_seq.pdbx_seq_align_end_ins_code 
_struct_ref_seq.pdbx_db_accession 
_struct_ref_seq.db_align_beg 
_struct_ref_seq.pdbx_db_align_beg_ins_code 
_struct_ref_seq.db_align_end 
_struct_ref_seq.pdbx_db_align_end_ins_code 
_struct_ref_seq.pdbx_auth_seq_align_beg 
_struct_ref_seq.pdbx_auth_seq_align_end 
1 1 1L4X A 1 ? 16 ? 1L4X 1 ? 16 ? 1 16 
2 1 1L4X B 1 ? 16 ? 1L4X 1 ? 16 ? 1 16 
3 1 1L4X C 1 ? 16 ? 1L4X 1 ? 16 ? 1 16 
4 1 1L4X D 1 ? 16 ? 1L4X 1 ? 16 ? 1 16 
5 1 1L4X E 1 ? 16 ? 1L4X 1 ? 16 ? 1 16 
6 1 1L4X F 1 ? 16 ? 1L4X 1 ? 16 ? 1 16 
7 1 1L4X G 1 ? 16 ? 1L4X 1 ? 16 ? 1 16 
8 1 1L4X H 1 ? 16 ? 1L4X 1 ? 16 ? 1 16 
# 
_pdbx_struct_assembly.id                   1 
_pdbx_struct_assembly.details              author_defined_assembly 
_pdbx_struct_assembly.method_details       ? 
_pdbx_struct_assembly.oligomeric_details   octameric 
_pdbx_struct_assembly.oligomeric_count     8 
# 
_pdbx_struct_assembly_gen.assembly_id       1 
_pdbx_struct_assembly_gen.oper_expression   1 
_pdbx_struct_assembly_gen.asym_id_list      A,B,C,D,E,F,G,H,I,J,K,L,M,N,O,P,Q,R 
# 
_pdbx_struct_oper_list.id                   1 
_pdbx_struct_oper_list.type                 'identity operation' 
_pdbx_struct_oper_list.name                 1_555 
_pdbx_struct_oper_list.symmetry_operation   x,y,z 
_pdbx_struct_oper_list.matrix[1][1]         1.0000000000 
_pdbx_struct_oper_list.matrix[1][2]         0.0000000000 
_pdbx_struct_oper_list.matrix[1][3]         0.0000000000 
_pdbx_struct_oper_list.vector[1]            0.0000000000 
_pdbx_struct_oper_list.matrix[2][1]         0.0000000000 
_pdbx_struct_oper_list.matrix[2][2]         1.0000000000 
_pdbx_struct_oper_list.matrix[2][3]         0.0000000000 
_pdbx_struct_oper_list.vector[2]            0.0000000000 
_pdbx_struct_oper_list.matrix[3][1]         0.0000000000 
_pdbx_struct_oper_list.matrix[3][2]         0.0000000000 
_pdbx_struct_oper_list.matrix[3][3]         1.0000000000 
_pdbx_struct_oper_list.vector[3]            0.0000000000 
# 
loop_
_struct_conn.id 
_struct_conn.conn_type_id 
_struct_conn.pdbx_leaving_atom_flag 
_struct_conn.pdbx_PDB_id 
_struct_conn.ptnr1_label_asym_id 
_struct_conn.ptnr1_label_comp_id 
_struct_conn.ptnr1_label_seq_id 
_struct_conn.ptnr1_label_atom_id 
_struct_conn.pdbx_ptnr1_label_alt_id 
_struct_conn.pdbx_ptnr1_PDB_ins_code 
_struct_conn.pdbx_ptnr1_standard_comp_id 
_struct_conn.ptnr1_symmetry 
_struct_conn.ptnr2_label_asym_id 
_struct_conn.ptnr2_label_comp_id 
_struct_conn.ptnr2_label_seq_id 
_struct_conn.ptnr2_label_atom_id 
_struct_conn.pdbx_ptnr2_label_alt_id 
_struct_conn.pdbx_ptnr2_PDB_ins_code 
_struct_conn.ptnr1_auth_asym_id 
_struct_conn.ptnr1_auth_comp_id 
_struct_conn.ptnr1_auth_seq_id 
_struct_conn.ptnr2_auth_asym_id 
_struct_conn.ptnr2_auth_comp_id 
_struct_conn.ptnr2_auth_seq_id 
_struct_conn.ptnr2_symmetry 
_struct_conn.pdbx_ptnr3_label_atom_id 
_struct_conn.pdbx_ptnr3_label_seq_id 
_struct_conn.pdbx_ptnr3_label_comp_id 
_struct_conn.pdbx_ptnr3_label_asym_id 
_struct_conn.pdbx_ptnr3_label_alt_id 
_struct_conn.pdbx_ptnr3_PDB_ins_code 
_struct_conn.details 
_struct_conn.pdbx_dist_value 
_struct_conn.pdbx_value_order 
_struct_conn.pdbx_role 
covale1  covale both ? A ZJU 1  C   ? ? ? 1_555 A GLU 2  N  ? ? A ZJU 1   A GLU 2   1_555 ? ? ? ? ? ? ? 1.330 ? ? 
covale2  covale both ? A LYS 15 C   ? ? ? 1_555 A NH2 16 N  ? ? A LYS 15  A NH2 16  1_555 ? ? ? ? ? ? ? 1.328 ? ? 
covale3  covale both ? B ZJU 1  C   ? ? ? 1_555 B GLU 2  N  ? ? B ZJU 1   B GLU 2   1_555 ? ? ? ? ? ? ? 1.332 ? ? 
covale4  covale both ? B LYS 15 C   ? ? ? 1_555 B NH2 16 N  ? ? B LYS 15  B NH2 16  1_555 ? ? ? ? ? ? ? 1.328 ? ? 
covale5  covale both ? C ZJU 1  C   ? ? ? 1_555 C GLU 2  N  ? ? C ZJU 1   C GLU 2   1_555 ? ? ? ? ? ? ? 1.320 ? ? 
covale6  covale both ? C LYS 15 C   ? ? ? 1_555 C NH2 16 N  ? ? C LYS 15  C NH2 16  1_555 ? ? ? ? ? ? ? 1.328 ? ? 
covale7  covale both ? D ZJU 1  C   ? ? ? 1_555 D GLU 2  N  ? ? D ZJU 1   D GLU 2   1_555 ? ? ? ? ? ? ? 1.332 ? ? 
covale8  covale both ? D LYS 15 C   ? ? ? 1_555 D NH2 16 N  ? ? D LYS 15  D NH2 16  1_555 ? ? ? ? ? ? ? 1.328 ? ? 
covale9  covale both ? E ZJU 1  C   ? ? ? 1_555 E GLU 2  N  ? ? E ZJU 1   E GLU 2   1_555 ? ? ? ? ? ? ? 1.332 ? ? 
covale10 covale both ? E LYS 15 C   ? ? ? 1_555 E NH2 16 N  ? ? E LYS 15  E NH2 16  1_555 ? ? ? ? ? ? ? 1.328 ? ? 
covale11 covale both ? F ZJU 1  C   ? ? ? 1_555 F GLU 2  N  ? ? F ZJU 1   F GLU 2   1_555 ? ? ? ? ? ? ? 1.326 ? ? 
covale12 covale both ? F LYS 15 C   ? ? ? 1_555 F NH2 16 N  ? ? F LYS 15  F NH2 16  1_555 ? ? ? ? ? ? ? 1.328 ? ? 
covale13 covale both ? G ZJU 1  C   ? ? ? 1_555 G GLU 2  N  ? ? G ZJU 1   G GLU 2   1_555 ? ? ? ? ? ? ? 1.331 ? ? 
covale14 covale both ? G LYS 15 C   ? ? ? 1_555 G NH2 16 N  ? ? G LYS 15  G NH2 16  1_555 ? ? ? ? ? ? ? 1.328 ? ? 
covale15 covale both ? H ZJU 1  C   ? ? ? 1_555 H GLU 2  N  ? ? H ZJU 1   H GLU 2   1_555 ? ? ? ? ? ? ? 1.332 ? ? 
covale16 covale both ? H LYS 15 C   ? ? ? 1_555 H NH2 16 N  ? ? H LYS 15  H NH2 16  1_555 ? ? ? ? ? ? ? 1.328 ? ? 
metalc1  metalc ?    ? D GLU 2  OE2 ? ? ? 1_555 J MG  .  MG ? ? D GLU 2   H MG  201 6_665 ? ? ? ? ? ? ? 2.087 ? ? 
metalc2  metalc ?    ? N HOH .  O   ? ? ? 6_655 J MG  .  MG ? ? D HOH 22  H MG  201 1_555 ? ? ? ? ? ? ? 2.167 ? ? 
metalc3  metalc ?    ? H GLU 2  OE2 ? ? ? 1_555 J MG  .  MG ? ? H GLU 2   H MG  201 1_555 ? ? ? ? ? ? ? 1.914 ? ? 
metalc4  metalc ?    ? J MG  .  MG  ? ? ? 1_555 R HOH .  O  ? ? H MG  201 H HOH 203 1_555 ? ? ? ? ? ? ? 1.947 ? ? 
metalc5  metalc ?    ? J MG  .  MG  ? ? ? 1_555 R HOH .  O  ? ? H MG  201 H HOH 207 1_555 ? ? ? ? ? ? ? 2.247 ? ? 
metalc6  metalc ?    ? J MG  .  MG  ? ? ? 1_555 R HOH .  O  ? ? H MG  201 H HOH 211 1_555 ? ? ? ? ? ? ? 1.888 ? ? 
# 
loop_
_struct_conn_type.id 
_struct_conn_type.criteria 
_struct_conn_type.reference 
covale ? ? 
metalc ? ? 
# 
loop_
_pdbx_struct_conn_angle.id 
_pdbx_struct_conn_angle.ptnr1_label_atom_id 
_pdbx_struct_conn_angle.ptnr1_label_alt_id 
_pdbx_struct_conn_angle.ptnr1_label_asym_id 
_pdbx_struct_conn_angle.ptnr1_label_comp_id 
_pdbx_struct_conn_angle.ptnr1_label_seq_id 
_pdbx_struct_conn_angle.ptnr1_auth_atom_id 
_pdbx_struct_conn_angle.ptnr1_auth_asym_id 
_pdbx_struct_conn_angle.ptnr1_auth_comp_id 
_pdbx_struct_conn_angle.ptnr1_auth_seq_id 
_pdbx_struct_conn_angle.ptnr1_PDB_ins_code 
_pdbx_struct_conn_angle.ptnr1_symmetry 
_pdbx_struct_conn_angle.ptnr2_label_atom_id 
_pdbx_struct_conn_angle.ptnr2_label_alt_id 
_pdbx_struct_conn_angle.ptnr2_label_asym_id 
_pdbx_struct_conn_angle.ptnr2_label_comp_id 
_pdbx_struct_conn_angle.ptnr2_label_seq_id 
_pdbx_struct_conn_angle.ptnr2_auth_atom_id 
_pdbx_struct_conn_angle.ptnr2_auth_asym_id 
_pdbx_struct_conn_angle.ptnr2_auth_comp_id 
_pdbx_struct_conn_angle.ptnr2_auth_seq_id 
_pdbx_struct_conn_angle.ptnr2_PDB_ins_code 
_pdbx_struct_conn_angle.ptnr2_symmetry 
_pdbx_struct_conn_angle.ptnr3_label_atom_id 
_pdbx_struct_conn_angle.ptnr3_label_alt_id 
_pdbx_struct_conn_angle.ptnr3_label_asym_id 
_pdbx_struct_conn_angle.ptnr3_label_comp_id 
_pdbx_struct_conn_angle.ptnr3_label_seq_id 
_pdbx_struct_conn_angle.ptnr3_auth_atom_id 
_pdbx_struct_conn_angle.ptnr3_auth_asym_id 
_pdbx_struct_conn_angle.ptnr3_auth_comp_id 
_pdbx_struct_conn_angle.ptnr3_auth_seq_id 
_pdbx_struct_conn_angle.ptnr3_PDB_ins_code 
_pdbx_struct_conn_angle.ptnr3_symmetry 
_pdbx_struct_conn_angle.value 
_pdbx_struct_conn_angle.value_esd 
1  OE2 ? D GLU 2 ? D GLU 2   ? 1_555 MG ? J MG . ? H MG 201 ? 6_665 O   ? N HOH . ? D HOH 22  ? 6_655 62.1 ? 
2  OE2 ? D GLU 2 ? D GLU 2   ? 1_555 MG ? J MG . ? H MG 201 ? 6_665 OE2 ? H GLU 2 ? H GLU 2   ? 1_555 61.0 ? 
3  O   ? N HOH . ? D HOH 22  ? 6_655 MG ? J MG . ? H MG 201 ? 6_665 OE2 ? H GLU 2 ? H GLU 2   ? 1_555 2.5  ? 
4  OE2 ? D GLU 2 ? D GLU 2   ? 1_555 MG ? J MG . ? H MG 201 ? 6_665 O   ? R HOH . ? H HOH 203 ? 1_555 64.4 ? 
5  O   ? N HOH . ? D HOH 22  ? 6_655 MG ? J MG . ? H MG 201 ? 6_665 O   ? R HOH . ? H HOH 203 ? 1_555 4.8  ? 
6  OE2 ? H GLU 2 ? H GLU 2   ? 1_555 MG ? J MG . ? H MG 201 ? 6_665 O   ? R HOH . ? H HOH 203 ? 1_555 3.9  ? 
7  OE2 ? D GLU 2 ? D GLU 2   ? 1_555 MG ? J MG . ? H MG 201 ? 6_665 O   ? R HOH . ? H HOH 207 ? 1_555 66.2 ? 
8  O   ? N HOH . ? D HOH 22  ? 6_655 MG ? J MG . ? H MG 201 ? 6_665 O   ? R HOH . ? H HOH 207 ? 1_555 4.7  ? 
9  OE2 ? H GLU 2 ? H GLU 2   ? 1_555 MG ? J MG . ? H MG 201 ? 6_665 O   ? R HOH . ? H HOH 207 ? 1_555 5.2  ? 
10 O   ? R HOH . ? H HOH 203 ? 1_555 MG ? J MG . ? H MG 201 ? 6_665 O   ? R HOH . ? H HOH 207 ? 1_555 2.7  ? 
11 OE2 ? D GLU 2 ? D GLU 2   ? 1_555 MG ? J MG . ? H MG 201 ? 6_665 O   ? R HOH . ? H HOH 211 ? 1_555 63.6 ? 
12 O   ? N HOH . ? D HOH 22  ? 6_655 MG ? J MG . ? H MG 201 ? 6_665 O   ? R HOH . ? H HOH 211 ? 1_555 2.9  ? 
13 OE2 ? H GLU 2 ? H GLU 2   ? 1_555 MG ? J MG . ? H MG 201 ? 6_665 O   ? R HOH . ? H HOH 211 ? 1_555 5.4  ? 
14 O   ? R HOH . ? H HOH 203 ? 1_555 MG ? J MG . ? H MG 201 ? 6_665 O   ? R HOH . ? H HOH 211 ? 1_555 6.8  ? 
15 O   ? R HOH . ? H HOH 207 ? 1_555 MG ? J MG . ? H MG 201 ? 6_665 O   ? R HOH . ? H HOH 211 ? 1_555 5.4  ? 
# 
loop_
_pdbx_modification_feature.ordinal 
_pdbx_modification_feature.label_comp_id 
_pdbx_modification_feature.label_asym_id 
_pdbx_modification_feature.label_seq_id 
_pdbx_modification_feature.label_alt_id 
_pdbx_modification_feature.modified_residue_label_comp_id 
_pdbx_modification_feature.modified_residue_label_asym_id 
_pdbx_modification_feature.modified_residue_label_seq_id 
_pdbx_modification_feature.modified_residue_label_alt_id 
_pdbx_modification_feature.auth_comp_id 
_pdbx_modification_feature.auth_asym_id 
_pdbx_modification_feature.auth_seq_id 
_pdbx_modification_feature.PDB_ins_code 
_pdbx_modification_feature.symmetry 
_pdbx_modification_feature.modified_residue_auth_comp_id 
_pdbx_modification_feature.modified_residue_auth_asym_id 
_pdbx_modification_feature.modified_residue_auth_seq_id 
_pdbx_modification_feature.modified_residue_PDB_ins_code 
_pdbx_modification_feature.modified_residue_symmetry 
_pdbx_modification_feature.comp_id_linking_atom 
_pdbx_modification_feature.modified_residue_id_linking_atom 
_pdbx_modification_feature.modified_residue_id 
_pdbx_modification_feature.ref_pcm_id 
_pdbx_modification_feature.ref_comp_id 
_pdbx_modification_feature.type 
_pdbx_modification_feature.category 
1  ZJU A 1  ? .   . .  . ZJU A 1  ? 1_555 .   . .  . .     . . ASP 1  ZJU Succinylation 'Named protein modification' 
2  ZJU B 1  ? .   . .  . ZJU B 1  ? 1_555 .   . .  . .     . . ASP 1  ZJU Succinylation 'Named protein modification' 
3  ZJU C 1  ? .   . .  . ZJU C 1  ? 1_555 .   . .  . .     . . ASP 1  ZJU Succinylation 'Named protein modification' 
4  ZJU D 1  ? .   . .  . ZJU D 1  ? 1_555 .   . .  . .     . . ASP 1  ZJU Succinylation 'Named protein modification' 
5  ZJU E 1  ? .   . .  . ZJU E 1  ? 1_555 .   . .  . .     . . ASP 1  ZJU Succinylation 'Named protein modification' 
6  ZJU F 1  ? .   . .  . ZJU F 1  ? 1_555 .   . .  . .     . . ASP 1  ZJU Succinylation 'Named protein modification' 
7  ZJU G 1  ? .   . .  . ZJU G 1  ? 1_555 .   . .  . .     . . ASP 1  ZJU Succinylation 'Named protein modification' 
8  ZJU H 1  ? .   . .  . ZJU H 1  ? 1_555 .   . .  . .     . . ASP 1  ZJU Succinylation 'Named protein modification' 
9  NH2 A 16 ? LYS A 15 ? NH2 A 16 ? 1_555 LYS A 15 ? 1_555 . . LYS 20 NH2 None          'Terminal amidation'         
10 NH2 B 16 ? LYS B 15 ? NH2 B 16 ? 1_555 LYS B 15 ? 1_555 . . LYS 20 NH2 None          'Terminal amidation'         
11 NH2 C 16 ? LYS C 15 ? NH2 C 16 ? 1_555 LYS C 15 ? 1_555 . . LYS 20 NH2 None          'Terminal amidation'         
12 NH2 D 16 ? LYS D 15 ? NH2 D 16 ? 1_555 LYS D 15 ? 1_555 . . LYS 20 NH2 None          'Terminal amidation'         
13 NH2 E 16 ? LYS E 15 ? NH2 E 16 ? 1_555 LYS E 15 ? 1_555 . . LYS 20 NH2 None          'Terminal amidation'         
14 NH2 F 16 ? LYS F 15 ? NH2 F 16 ? 1_555 LYS F 15 ? 1_555 . . LYS 20 NH2 None          'Terminal amidation'         
15 NH2 G 16 ? LYS G 15 ? NH2 G 16 ? 1_555 LYS G 15 ? 1_555 . . LYS 20 NH2 None          'Terminal amidation'         
16 NH2 H 16 ? LYS H 15 ? NH2 H 16 ? 1_555 LYS H 15 ? 1_555 . . LYS 20 NH2 None          'Terminal amidation'         
# 
loop_
_struct_site.id 
_struct_site.pdbx_evidence_code 
_struct_site.pdbx_auth_asym_id 
_struct_site.pdbx_auth_comp_id 
_struct_site.pdbx_auth_seq_id 
_struct_site.pdbx_auth_ins_code 
_struct_site.pdbx_num_residues 
_struct_site.details 
AC1 Software G CL 202 ? 2 'BINDING SITE FOR RESIDUE CL G 202' 
AC2 Software H MG 201 ? 6 'BINDING SITE FOR RESIDUE MG H 201' 
# 
loop_
_struct_site_gen.id 
_struct_site_gen.site_id 
_struct_site_gen.pdbx_num_res 
_struct_site_gen.label_comp_id 
_struct_site_gen.label_asym_id 
_struct_site_gen.label_seq_id 
_struct_site_gen.pdbx_auth_ins_code 
_struct_site_gen.auth_comp_id 
_struct_site_gen.auth_asym_id 
_struct_site_gen.auth_seq_id 
_struct_site_gen.label_atom_id 
_struct_site_gen.label_alt_id 
_struct_site_gen.symmetry 
_struct_site_gen.details 
1 AC1 2 ARG C 8 ? ARG C 8   . ? 6_655 ? 
2 AC1 2 ARG G 8 ? ARG G 8   . ? 1_555 ? 
3 AC2 6 GLU D 2 ? GLU D 2   . ? 6_655 ? 
4 AC2 6 HOH N . ? HOH D 22  . ? 6_655 ? 
5 AC2 6 GLU H 2 ? GLU H 2   . ? 1_555 ? 
6 AC2 6 HOH R . ? HOH H 203 . ? 1_555 ? 
7 AC2 6 HOH R . ? HOH H 207 . ? 1_555 ? 
8 AC2 6 HOH R . ? HOH H 211 . ? 1_555 ? 
# 
_pdbx_entry_details.entry_id                   1L4X 
_pdbx_entry_details.compound_details           ? 
_pdbx_entry_details.source_details             ? 
_pdbx_entry_details.nonpolymer_details         ? 
_pdbx_entry_details.sequence_details           ? 
_pdbx_entry_details.has_ligand_of_interest     ? 
_pdbx_entry_details.has_protein_modification   Y 
# 
_pdbx_validate_symm_contact.id                1 
_pdbx_validate_symm_contact.PDB_model_num     1 
_pdbx_validate_symm_contact.auth_atom_id_1    OE1 
_pdbx_validate_symm_contact.auth_asym_id_1    D 
_pdbx_validate_symm_contact.auth_comp_id_1    GLU 
_pdbx_validate_symm_contact.auth_seq_id_1     2 
_pdbx_validate_symm_contact.PDB_ins_code_1    ? 
_pdbx_validate_symm_contact.label_alt_id_1    ? 
_pdbx_validate_symm_contact.site_symmetry_1   1_555 
_pdbx_validate_symm_contact.auth_atom_id_2    O 
_pdbx_validate_symm_contact.auth_asym_id_2    H 
_pdbx_validate_symm_contact.auth_comp_id_2    HOH 
_pdbx_validate_symm_contact.auth_seq_id_2     223 
_pdbx_validate_symm_contact.PDB_ins_code_2    ? 
_pdbx_validate_symm_contact.label_alt_id_2    ? 
_pdbx_validate_symm_contact.site_symmetry_2   6_665 
_pdbx_validate_symm_contact.dist              2.10 
# 
_pdbx_struct_special_symmetry.id              1 
_pdbx_struct_special_symmetry.PDB_model_num   1 
_pdbx_struct_special_symmetry.auth_asym_id    E 
_pdbx_struct_special_symmetry.auth_comp_id    HOH 
_pdbx_struct_special_symmetry.auth_seq_id     25 
_pdbx_struct_special_symmetry.PDB_ins_code    ? 
_pdbx_struct_special_symmetry.label_asym_id   O 
_pdbx_struct_special_symmetry.label_comp_id   HOH 
_pdbx_struct_special_symmetry.label_seq_id    . 
# 
_pdbx_database_remark.id     400 
_pdbx_database_remark.text   
;COMPOUND
THE PEPTIDE DOES NOT FORM A COILED COIL.
;
# 
loop_
_pdbx_distant_solvent_atoms.id 
_pdbx_distant_solvent_atoms.PDB_model_num 
_pdbx_distant_solvent_atoms.auth_atom_id 
_pdbx_distant_solvent_atoms.label_alt_id 
_pdbx_distant_solvent_atoms.auth_asym_id 
_pdbx_distant_solvent_atoms.auth_comp_id 
_pdbx_distant_solvent_atoms.auth_seq_id 
_pdbx_distant_solvent_atoms.PDB_ins_code 
_pdbx_distant_solvent_atoms.neighbor_macromolecule_distance 
_pdbx_distant_solvent_atoms.neighbor_ligand_distance 
1 1 O ? E HOH 17  ? 6.29 . 
2 1 O ? E HOH 20  ? 6.64 . 
3 1 O ? E HOH 22  ? 5.84 . 
4 1 O ? G HOH 214 ? 6.87 . 
# 
loop_
_chem_comp_atom.comp_id 
_chem_comp_atom.atom_id 
_chem_comp_atom.type_symbol 
_chem_comp_atom.pdbx_aromatic_flag 
_chem_comp_atom.pdbx_stereo_config 
_chem_comp_atom.pdbx_ordinal 
ALA N    N  N N 1   
ALA CA   C  N S 2   
ALA C    C  N N 3   
ALA O    O  N N 4   
ALA CB   C  N N 5   
ALA OXT  O  N N 6   
ALA H    H  N N 7   
ALA H2   H  N N 8   
ALA HA   H  N N 9   
ALA HB1  H  N N 10  
ALA HB2  H  N N 11  
ALA HB3  H  N N 12  
ALA HXT  H  N N 13  
ARG N    N  N N 14  
ARG CA   C  N S 15  
ARG C    C  N N 16  
ARG O    O  N N 17  
ARG CB   C  N N 18  
ARG CG   C  N N 19  
ARG CD   C  N N 20  
ARG NE   N  N N 21  
ARG CZ   C  N N 22  
ARG NH1  N  N N 23  
ARG NH2  N  N N 24  
ARG OXT  O  N N 25  
ARG H    H  N N 26  
ARG H2   H  N N 27  
ARG HA   H  N N 28  
ARG HB2  H  N N 29  
ARG HB3  H  N N 30  
ARG HG2  H  N N 31  
ARG HG3  H  N N 32  
ARG HD2  H  N N 33  
ARG HD3  H  N N 34  
ARG HE   H  N N 35  
ARG HH11 H  N N 36  
ARG HH12 H  N N 37  
ARG HH21 H  N N 38  
ARG HH22 H  N N 39  
ARG HXT  H  N N 40  
CL  CL   CL N N 41  
GLU N    N  N N 42  
GLU CA   C  N S 43  
GLU C    C  N N 44  
GLU O    O  N N 45  
GLU CB   C  N N 46  
GLU CG   C  N N 47  
GLU CD   C  N N 48  
GLU OE1  O  N N 49  
GLU OE2  O  N N 50  
GLU OXT  O  N N 51  
GLU H    H  N N 52  
GLU H2   H  N N 53  
GLU HA   H  N N 54  
GLU HB2  H  N N 55  
GLU HB3  H  N N 56  
GLU HG2  H  N N 57  
GLU HG3  H  N N 58  
GLU HE2  H  N N 59  
GLU HXT  H  N N 60  
HOH O    O  N N 61  
HOH H1   H  N N 62  
HOH H2   H  N N 63  
ILE N    N  N N 64  
ILE CA   C  N S 65  
ILE C    C  N N 66  
ILE O    O  N N 67  
ILE CB   C  N S 68  
ILE CG1  C  N N 69  
ILE CG2  C  N N 70  
ILE CD1  C  N N 71  
ILE OXT  O  N N 72  
ILE H    H  N N 73  
ILE H2   H  N N 74  
ILE HA   H  N N 75  
ILE HB   H  N N 76  
ILE HG12 H  N N 77  
ILE HG13 H  N N 78  
ILE HG21 H  N N 79  
ILE HG22 H  N N 80  
ILE HG23 H  N N 81  
ILE HD11 H  N N 82  
ILE HD12 H  N N 83  
ILE HD13 H  N N 84  
ILE HXT  H  N N 85  
LEU N    N  N N 86  
LEU CA   C  N S 87  
LEU C    C  N N 88  
LEU O    O  N N 89  
LEU CB   C  N N 90  
LEU CG   C  N N 91  
LEU CD1  C  N N 92  
LEU CD2  C  N N 93  
LEU OXT  O  N N 94  
LEU H    H  N N 95  
LEU H2   H  N N 96  
LEU HA   H  N N 97  
LEU HB2  H  N N 98  
LEU HB3  H  N N 99  
LEU HG   H  N N 100 
LEU HD11 H  N N 101 
LEU HD12 H  N N 102 
LEU HD13 H  N N 103 
LEU HD21 H  N N 104 
LEU HD22 H  N N 105 
LEU HD23 H  N N 106 
LEU HXT  H  N N 107 
LYS N    N  N N 108 
LYS CA   C  N S 109 
LYS C    C  N N 110 
LYS O    O  N N 111 
LYS CB   C  N N 112 
LYS CG   C  N N 113 
LYS CD   C  N N 114 
LYS CE   C  N N 115 
LYS NZ   N  N N 116 
LYS OXT  O  N N 117 
LYS H    H  N N 118 
LYS H2   H  N N 119 
LYS HA   H  N N 120 
LYS HB2  H  N N 121 
LYS HB3  H  N N 122 
LYS HG2  H  N N 123 
LYS HG3  H  N N 124 
LYS HD2  H  N N 125 
LYS HD3  H  N N 126 
LYS HE2  H  N N 127 
LYS HE3  H  N N 128 
LYS HZ1  H  N N 129 
LYS HZ2  H  N N 130 
LYS HZ3  H  N N 131 
LYS HXT  H  N N 132 
MG  MG   MG N N 133 
NH2 N    N  N N 134 
NH2 HN1  H  N N 135 
NH2 HN2  H  N N 136 
ZJU O1   O  N N 137 
ZJU C1   C  N N 138 
ZJU O2   O  N N 139 
ZJU C2   C  N N 140 
ZJU C3   C  N N 141 
ZJU C4   C  N N 142 
ZJU O3   O  N N 143 
ZJU N    N  N N 144 
ZJU CA   C  N S 145 
ZJU CB   C  N N 146 
ZJU CG   C  N N 147 
ZJU OD2  O  N N 148 
ZJU OD1  O  N N 149 
ZJU C    C  N N 150 
ZJU OXT  O  N N 151 
ZJU O    O  N N 152 
ZJU H1   H  N N 153 
ZJU H6   H  N N 154 
ZJU H3   H  N N 155 
ZJU H4   H  N N 156 
ZJU H5   H  N N 157 
ZJU H    H  N N 158 
ZJU HA   H  N N 159 
ZJU HB2  H  N N 160 
ZJU HB3  H  N N 161 
ZJU HD2  H  N N 162 
ZJU HXT  H  N N 163 
# 
loop_
_chem_comp_bond.comp_id 
_chem_comp_bond.atom_id_1 
_chem_comp_bond.atom_id_2 
_chem_comp_bond.value_order 
_chem_comp_bond.pdbx_aromatic_flag 
_chem_comp_bond.pdbx_stereo_config 
_chem_comp_bond.pdbx_ordinal 
ALA N   CA   sing N N 1   
ALA N   H    sing N N 2   
ALA N   H2   sing N N 3   
ALA CA  C    sing N N 4   
ALA CA  CB   sing N N 5   
ALA CA  HA   sing N N 6   
ALA C   O    doub N N 7   
ALA C   OXT  sing N N 8   
ALA CB  HB1  sing N N 9   
ALA CB  HB2  sing N N 10  
ALA CB  HB3  sing N N 11  
ALA OXT HXT  sing N N 12  
ARG N   CA   sing N N 13  
ARG N   H    sing N N 14  
ARG N   H2   sing N N 15  
ARG CA  C    sing N N 16  
ARG CA  CB   sing N N 17  
ARG CA  HA   sing N N 18  
ARG C   O    doub N N 19  
ARG C   OXT  sing N N 20  
ARG CB  CG   sing N N 21  
ARG CB  HB2  sing N N 22  
ARG CB  HB3  sing N N 23  
ARG CG  CD   sing N N 24  
ARG CG  HG2  sing N N 25  
ARG CG  HG3  sing N N 26  
ARG CD  NE   sing N N 27  
ARG CD  HD2  sing N N 28  
ARG CD  HD3  sing N N 29  
ARG NE  CZ   sing N N 30  
ARG NE  HE   sing N N 31  
ARG CZ  NH1  sing N N 32  
ARG CZ  NH2  doub N N 33  
ARG NH1 HH11 sing N N 34  
ARG NH1 HH12 sing N N 35  
ARG NH2 HH21 sing N N 36  
ARG NH2 HH22 sing N N 37  
ARG OXT HXT  sing N N 38  
GLU N   CA   sing N N 39  
GLU N   H    sing N N 40  
GLU N   H2   sing N N 41  
GLU CA  C    sing N N 42  
GLU CA  CB   sing N N 43  
GLU CA  HA   sing N N 44  
GLU C   O    doub N N 45  
GLU C   OXT  sing N N 46  
GLU CB  CG   sing N N 47  
GLU CB  HB2  sing N N 48  
GLU CB  HB3  sing N N 49  
GLU CG  CD   sing N N 50  
GLU CG  HG2  sing N N 51  
GLU CG  HG3  sing N N 52  
GLU CD  OE1  doub N N 53  
GLU CD  OE2  sing N N 54  
GLU OE2 HE2  sing N N 55  
GLU OXT HXT  sing N N 56  
HOH O   H1   sing N N 57  
HOH O   H2   sing N N 58  
ILE N   CA   sing N N 59  
ILE N   H    sing N N 60  
ILE N   H2   sing N N 61  
ILE CA  C    sing N N 62  
ILE CA  CB   sing N N 63  
ILE CA  HA   sing N N 64  
ILE C   O    doub N N 65  
ILE C   OXT  sing N N 66  
ILE CB  CG1  sing N N 67  
ILE CB  CG2  sing N N 68  
ILE CB  HB   sing N N 69  
ILE CG1 CD1  sing N N 70  
ILE CG1 HG12 sing N N 71  
ILE CG1 HG13 sing N N 72  
ILE CG2 HG21 sing N N 73  
ILE CG2 HG22 sing N N 74  
ILE CG2 HG23 sing N N 75  
ILE CD1 HD11 sing N N 76  
ILE CD1 HD12 sing N N 77  
ILE CD1 HD13 sing N N 78  
ILE OXT HXT  sing N N 79  
LEU N   CA   sing N N 80  
LEU N   H    sing N N 81  
LEU N   H2   sing N N 82  
LEU CA  C    sing N N 83  
LEU CA  CB   sing N N 84  
LEU CA  HA   sing N N 85  
LEU C   O    doub N N 86  
LEU C   OXT  sing N N 87  
LEU CB  CG   sing N N 88  
LEU CB  HB2  sing N N 89  
LEU CB  HB3  sing N N 90  
LEU CG  CD1  sing N N 91  
LEU CG  CD2  sing N N 92  
LEU CG  HG   sing N N 93  
LEU CD1 HD11 sing N N 94  
LEU CD1 HD12 sing N N 95  
LEU CD1 HD13 sing N N 96  
LEU CD2 HD21 sing N N 97  
LEU CD2 HD22 sing N N 98  
LEU CD2 HD23 sing N N 99  
LEU OXT HXT  sing N N 100 
LYS N   CA   sing N N 101 
LYS N   H    sing N N 102 
LYS N   H2   sing N N 103 
LYS CA  C    sing N N 104 
LYS CA  CB   sing N N 105 
LYS CA  HA   sing N N 106 
LYS C   O    doub N N 107 
LYS C   OXT  sing N N 108 
LYS CB  CG   sing N N 109 
LYS CB  HB2  sing N N 110 
LYS CB  HB3  sing N N 111 
LYS CG  CD   sing N N 112 
LYS CG  HG2  sing N N 113 
LYS CG  HG3  sing N N 114 
LYS CD  CE   sing N N 115 
LYS CD  HD2  sing N N 116 
LYS CD  HD3  sing N N 117 
LYS CE  NZ   sing N N 118 
LYS CE  HE2  sing N N 119 
LYS CE  HE3  sing N N 120 
LYS NZ  HZ1  sing N N 121 
LYS NZ  HZ2  sing N N 122 
LYS NZ  HZ3  sing N N 123 
LYS OXT HXT  sing N N 124 
NH2 N   HN1  sing N N 125 
NH2 N   HN2  sing N N 126 
ZJU O1  C1   sing N N 127 
ZJU C1  O2   doub N N 128 
ZJU C1  C2   sing N N 129 
ZJU C2  C3   sing N N 130 
ZJU C3  C4   sing N N 131 
ZJU C4  O3   doub N N 132 
ZJU C4  N    sing N N 133 
ZJU N   CA   sing N N 134 
ZJU CA  CB   sing N N 135 
ZJU CB  CG   sing N N 136 
ZJU CG  OD2  sing N N 137 
ZJU CG  OD1  doub N N 138 
ZJU CA  C    sing N N 139 
ZJU C   OXT  sing N N 140 
ZJU C   O    doub N N 141 
ZJU O1  H1   sing N N 142 
ZJU C2  H6   sing N N 143 
ZJU C2  H3   sing N N 144 
ZJU C3  H4   sing N N 145 
ZJU C3  H5   sing N N 146 
ZJU N   H    sing N N 147 
ZJU CA  HA   sing N N 148 
ZJU CB  HB2  sing N N 149 
ZJU CB  HB3  sing N N 150 
ZJU OD2 HD2  sing N N 151 
ZJU OXT HXT  sing N N 152 
# 
_atom_sites.entry_id                    1L4X 
_atom_sites.fract_transf_matrix[1][1]   0.01485851 
_atom_sites.fract_transf_matrix[1][2]   0.00516423 
_atom_sites.fract_transf_matrix[1][3]   -0.01297435 
_atom_sites.fract_transf_matrix[2][1]   0.01490110 
_atom_sites.fract_transf_matrix[2][2]   0.01254317 
_atom_sites.fract_transf_matrix[2][3]   0.00603481 
_atom_sites.fract_transf_matrix[3][1]   0.00472908 
_atom_sites.fract_transf_matrix[3][2]   -0.00690201 
_atom_sites.fract_transf_matrix[3][3]   0.00266862 
_atom_sites.fract_transf_vector[1]      0.518383 
_atom_sites.fract_transf_vector[2]      0.584373 
_atom_sites.fract_transf_vector[3]      0.122663 
# 
loop_
_atom_type.symbol 
C  
CL 
MG 
N  
O  
# 
loop_
_atom_site.group_PDB 
_atom_site.id 
_atom_site.type_symbol 
_atom_site.label_atom_id 
_atom_site.label_alt_id 
_atom_site.label_comp_id 
_atom_site.label_asym_id 
_atom_site.label_entity_id 
_atom_site.label_seq_id 
_atom_site.pdbx_PDB_ins_code 
_atom_site.Cartn_x 
_atom_site.Cartn_y 
_atom_site.Cartn_z 
_atom_site.occupancy 
_atom_site.B_iso_or_equiv 
_atom_site.pdbx_formal_charge 
_atom_site.auth_seq_id 
_atom_site.auth_comp_id 
_atom_site.auth_asym_id 
_atom_site.auth_atom_id 
_atom_site.pdbx_PDB_model_num 
HETATM 1    O  O1  . ZJU A 1 1  ? 15.161  -3.139  -4.458  1.00 99.44  ? 1   ZJU A O1  1 
HETATM 2    C  C1  . ZJU A 1 1  ? 15.465  -2.763  -5.612  1.00 97.36  ? 1   ZJU A C1  1 
HETATM 3    O  O2  . ZJU A 1 1  ? 16.414  -3.252  -6.270  1.00 96.40  ? 1   ZJU A O2  1 
HETATM 4    C  C2  . ZJU A 1 1  ? 14.642  -1.662  -6.244  1.00 90.09  ? 1   ZJU A C2  1 
HETATM 5    C  C3  . ZJU A 1 1  ? 15.153  -1.283  -7.617  1.00 87.46  ? 1   ZJU A C3  1 
HETATM 6    C  C4  . ZJU A 1 1  ? 14.122  -0.537  -8.432  1.00 84.14  ? 1   ZJU A C4  1 
HETATM 7    O  O3  . ZJU A 1 1  ? 13.058  -0.195  -7.916  1.00 70.38  ? 1   ZJU A O3  1 
HETATM 8    N  N   . ZJU A 1 1  ? 14.576  0.067   -9.528  1.00 83.25  ? 1   ZJU A N   1 
HETATM 9    C  CA  . ZJU A 1 1  ? 14.285  1.500   -9.812  1.00 80.82  ? 1   ZJU A CA  1 
HETATM 10   C  CB  . ZJU A 1 1  ? 15.252  2.030   -10.871 1.00 89.45  ? 1   ZJU A CB  1 
HETATM 11   C  CG  . ZJU A 1 1  ? 15.240  3.547   -10.972 1.00 102.08 ? 1   ZJU A CG  1 
HETATM 12   O  OD2 . ZJU A 1 1  ? 16.324  4.162   -10.845 1.00 109.02 ? 1   ZJU A OD2 1 
HETATM 13   O  OD1 . ZJU A 1 1  ? 14.154  4.126   -11.180 1.00 108.63 ? 1   ZJU A OD1 1 
HETATM 14   C  C   . ZJU A 1 1  ? 12.847  1.648   -10.310 1.00 73.72  ? 1   ZJU A C   1 
HETATM 15   O  O   . ZJU A 1 1  ? 12.123  2.547   -9.888  1.00 75.61  ? 1   ZJU A O   1 
ATOM   16   N  N   . GLU A 1 2  ? 12.437  0.754   -11.206 1.00 66.54  ? 2   GLU A N   1 
ATOM   17   C  CA  . GLU A 1 2  ? 11.090  0.804   -11.747 1.00 62.78  ? 2   GLU A CA  1 
ATOM   18   C  C   . GLU A 1 2  ? 10.040  0.541   -10.681 1.00 56.12  ? 2   GLU A C   1 
ATOM   19   O  O   . GLU A 1 2  ? 8.950   1.084   -10.765 1.00 53.81  ? 2   GLU A O   1 
ATOM   20   C  CB  . GLU A 1 2  ? 10.941  -0.172  -12.915 1.00 68.59  ? 2   GLU A CB  1 
ATOM   21   C  CG  . GLU A 1 2  ? 11.744  0.248   -14.144 1.00 80.00  ? 2   GLU A CG  1 
ATOM   22   C  CD  . GLU A 1 2  ? 11.456  1.687   -14.573 1.00 93.68  ? 2   GLU A CD  1 
ATOM   23   O  OE1 . GLU A 1 2  ? 10.341  1.952   -15.074 1.00 99.65  ? 2   GLU A OE1 1 
ATOM   24   O  OE2 . GLU A 1 2  ? 12.343  2.556   -14.399 1.00 93.50  ? 2   GLU A OE2 1 
ATOM   25   N  N   . LEU A 1 3  ? 10.359  -0.292  -9.690  1.00 48.40  ? 3   LEU A N   1 
ATOM   26   C  CA  . LEU A 1 3  ? 9.414   -0.555  -8.599  1.00 47.93  ? 3   LEU A CA  1 
ATOM   27   C  C   . LEU A 1 3  ? 9.413   0.661   -7.674  1.00 49.01  ? 3   LEU A C   1 
ATOM   28   O  O   . LEU A 1 3  ? 8.370   1.044   -7.146  1.00 50.96  ? 3   LEU A O   1 
ATOM   29   C  CB  . LEU A 1 3  ? 9.797   -1.808  -7.809  1.00 38.61  ? 3   LEU A CB  1 
ATOM   30   C  CG  . LEU A 1 3  ? 8.960   -2.085  -6.556  1.00 40.52  ? 3   LEU A CG  1 
ATOM   31   C  CD1 . LEU A 1 3  ? 7.475   -2.152  -6.873  1.00 35.03  ? 3   LEU A CD1 1 
ATOM   32   C  CD2 . LEU A 1 3  ? 9.421   -3.373  -5.926  1.00 33.17  ? 3   LEU A CD2 1 
ATOM   33   N  N   . GLU A 1 4  ? 10.580  1.277   -7.483  1.00 47.71  ? 4   GLU A N   1 
ATOM   34   C  CA  . GLU A 1 4  ? 10.664  2.482   -6.649  1.00 44.20  ? 4   GLU A CA  1 
ATOM   35   C  C   . GLU A 1 4  ? 9.885   3.571   -7.365  1.00 42.06  ? 4   GLU A C   1 
ATOM   36   O  O   . GLU A 1 4  ? 9.142   4.332   -6.749  1.00 41.43  ? 4   GLU A O   1 
ATOM   37   C  CB  . GLU A 1 4  ? 12.118  2.924   -6.476  1.00 52.26  ? 4   GLU A CB  1 
ATOM   38   C  CG  . GLU A 1 4  ? 12.888  2.070   -5.495  1.00 69.26  ? 4   GLU A CG  1 
ATOM   39   C  CD  . GLU A 1 4  ? 14.380  2.283   -5.597  1.00 86.68  ? 4   GLU A CD  1 
ATOM   40   O  OE1 . GLU A 1 4  ? 15.120  1.681   -4.790  1.00 92.91  ? 4   GLU A OE1 1 
ATOM   41   O  OE2 . GLU A 1 4  ? 14.815  3.047   -6.488  1.00 96.49  ? 4   GLU A OE2 1 
ATOM   42   N  N   . ARG A 1 5  ? 10.054  3.639   -8.681  1.00 43.00  ? 5   ARG A N   1 
ATOM   43   C  CA  . ARG A 1 5  ? 9.342   4.635   -9.489  1.00 45.87  ? 5   ARG A CA  1 
ATOM   44   C  C   . ARG A 1 5  ? 7.826   4.478   -9.349  1.00 46.03  ? 5   ARG A C   1 
ATOM   45   O  O   . ARG A 1 5  ? 7.110   5.447   -9.098  1.00 52.12  ? 5   ARG A O   1 
ATOM   46   C  CB  . ARG A 1 5  ? 9.741   4.473   -10.953 1.00 59.26  ? 5   ARG A CB  1 
ATOM   47   C  CG  . ARG A 1 5  ? 9.222   5.541   -11.903 1.00 74.60  ? 5   ARG A CG  1 
ATOM   48   C  CD  . ARG A 1 5  ? 9.745   5.270   -13.318 1.00 81.50  ? 5   ARG A CD  1 
ATOM   49   N  NE  . ARG A 1 5  ? 9.612   6.422   -14.205 1.00 93.12  ? 5   ARG A NE  1 
ATOM   50   C  CZ  . ARG A 1 5  ? 10.150  6.493   -15.421 1.00 100.78 ? 5   ARG A CZ  1 
ATOM   51   N  NH1 . ARG A 1 5  ? 10.859  5.475   -15.898 1.00 105.09 ? 5   ARG A NH1 1 
ATOM   52   N  NH2 . ARG A 1 5  ? 9.989   7.584   -16.159 1.00 101.17 ? 5   ARG A NH2 1 
ATOM   53   N  N   . ALA A 1 6  ? 7.335   3.250   -9.497  1.00 44.58  ? 6   ALA A N   1 
ATOM   54   C  CA  . ALA A 1 6  ? 5.899   2.985   -9.378  1.00 38.08  ? 6   ALA A CA  1 
ATOM   55   C  C   . ALA A 1 6  ? 5.401   3.311   -7.986  1.00 38.64  ? 6   ALA A C   1 
ATOM   56   O  O   . ALA A 1 6  ? 4.329   3.866   -7.824  1.00 40.02  ? 6   ALA A O   1 
ATOM   57   C  CB  . ALA A 1 6  ? 5.604   1.518   -9.695  1.00 39.97  ? 6   ALA A CB  1 
ATOM   58   N  N   . ILE A 1 7  ? 6.158   2.918   -6.965  1.00 37.04  ? 7   ILE A N   1 
ATOM   59   C  CA  . ILE A 1 7  ? 5.742   3.198   -5.595  1.00 33.16  ? 7   ILE A CA  1 
ATOM   60   C  C   . ILE A 1 7  ? 5.699   4.718   -5.389  1.00 35.30  ? 7   ILE A C   1 
ATOM   61   O  O   . ILE A 1 7  ? 4.801   5.254   -4.725  1.00 38.36  ? 7   ILE A O   1 
ATOM   62   C  CB  . ILE A 1 7  ? 6.699   2.530   -4.561  1.00 34.72  ? 7   ILE A CB  1 
ATOM   63   C  CG1 . ILE A 1 7  ? 6.540   1.003   -4.655  1.00 38.80  ? 7   ILE A CG1 1 
ATOM   64   C  CG2 . ILE A 1 7  ? 6.371   3.006   -3.120  1.00 34.27  ? 7   ILE A CG2 1 
ATOM   65   C  CD1 . ILE A 1 7  ? 7.494   0.206   -3.799  1.00 42.32  ? 7   ILE A CD1 1 
ATOM   66   N  N   . ARG A 1 8  ? 6.664   5.404   -5.976  1.00 36.42  ? 8   ARG A N   1 
ATOM   67   C  CA  . ARG A 1 8  ? 6.719   6.858   -5.879  1.00 47.12  ? 8   ARG A CA  1 
ATOM   68   C  C   . ARG A 1 8  ? 5.463   7.467   -6.516  1.00 41.43  ? 8   ARG A C   1 
ATOM   69   O  O   . ARG A 1 8  ? 4.841   8.375   -5.953  1.00 48.01  ? 8   ARG A O   1 
ATOM   70   C  CB  . ARG A 1 8  ? 7.967   7.361   -6.599  1.00 54.88  ? 8   ARG A CB  1 
ATOM   71   C  CG  . ARG A 1 8  ? 8.467   8.729   -6.172  1.00 70.05  ? 8   ARG A CG  1 
ATOM   72   C  CD  . ARG A 1 8  ? 9.943   8.869   -6.549  1.00 72.34  ? 8   ARG A CD  1 
ATOM   73   N  NE  . ARG A 1 8  ? 10.712  7.722   -6.066  1.00 80.68  ? 8   ARG A NE  1 
ATOM   74   C  CZ  . ARG A 1 8  ? 12.035  7.707   -5.912  1.00 92.86  ? 8   ARG A CZ  1 
ATOM   75   N  NH1 . ARG A 1 8  ? 12.758  8.781   -6.201  1.00 93.30  ? 8   ARG A NH1 1 
ATOM   76   N  NH2 . ARG A 1 8  ? 12.638  6.612   -5.465  1.00 96.39  ? 8   ARG A NH2 1 
ATOM   77   N  N   . GLU A 1 9  ? 5.078   6.956   -7.687  1.00 41.26  ? 9   GLU A N   1 
ATOM   78   C  CA  . GLU A 1 9  ? 3.902   7.470   -8.376  1.00 37.57  ? 9   GLU A CA  1 
ATOM   79   C  C   . GLU A 1 9  ? 2.649   7.216   -7.558  1.00 42.46  ? 9   GLU A C   1 
ATOM   80   O  O   . GLU A 1 9  ? 1.759   8.052   -7.520  1.00 38.54  ? 9   GLU A O   1 
ATOM   81   C  CB  . GLU A 1 9  ? 3.785   6.819   -9.751  1.00 43.51  ? 9   GLU A CB  1 
ATOM   82   C  CG  . GLU A 1 9  ? 4.951   7.182   -10.656 1.00 57.41  ? 9   GLU A CG  1 
ATOM   83   C  CD  . GLU A 1 9  ? 4.928   6.435   -11.971 1.00 60.46  ? 9   GLU A CD  1 
ATOM   84   O  OE1 . GLU A 1 9  ? 5.911   6.545   -12.735 1.00 60.04  ? 9   GLU A OE1 1 
ATOM   85   O  OE2 . GLU A 1 9  ? 3.925   5.737   -12.235 1.00 62.64  ? 9   GLU A OE2 1 
ATOM   86   N  N   . LEU A 1 10 ? 2.576   6.069   -6.883  1.00 37.77  ? 10  LEU A N   1 
ATOM   87   C  CA  . LEU A 1 10 ? 1.388   5.783   -6.059  1.00 37.84  ? 10  LEU A CA  1 
ATOM   88   C  C   . LEU A 1 10 ? 1.342   6.656   -4.797  1.00 44.72  ? 10  LEU A C   1 
ATOM   89   O  O   . LEU A 1 10 ? 0.263   7.079   -4.357  1.00 37.65  ? 10  LEU A O   1 
ATOM   90   C  CB  . LEU A 1 10 ? 1.365   4.306   -5.675  1.00 39.55  ? 10  LEU A CB  1 
ATOM   91   C  CG  . LEU A 1 10 ? 1.177   3.334   -6.864  1.00 41.41  ? 10  LEU A CG  1 
ATOM   92   C  CD1 . LEU A 1 10 ? 1.126   1.929   -6.347  1.00 41.55  ? 10  LEU A CD1 1 
ATOM   93   C  CD2 . LEU A 1 10 ? -0.073  3.667   -7.640  1.00 43.90  ? 10  LEU A CD2 1 
ATOM   94   N  N   . ALA A 1 11 ? 2.513   6.895   -4.202  1.00 45.05  ? 11  ALA A N   1 
ATOM   95   C  CA  . ALA A 1 11 ? 2.616   7.733   -3.003  1.00 41.47  ? 11  ALA A CA  1 
ATOM   96   C  C   . ALA A 1 11 ? 2.111   9.141   -3.375  1.00 38.50  ? 11  ALA A C   1 
ATOM   97   O  O   . ALA A 1 11 ? 1.413   9.798   -2.600  1.00 40.40  ? 11  ALA A O   1 
ATOM   98   C  CB  . ALA A 1 11 ? 4.097   7.805   -2.545  1.00 41.43  ? 11  ALA A CB  1 
ATOM   99   N  N   . ALA A 1 12 ? 2.482   9.600   -4.563  1.00 41.31  ? 12  ALA A N   1 
ATOM   100  C  CA  . ALA A 1 12 ? 2.050   10.918  -5.033  1.00 45.15  ? 12  ALA A CA  1 
ATOM   101  C  C   . ALA A 1 12 ? 0.531   11.006  -5.236  1.00 47.99  ? 12  ALA A C   1 
ATOM   102  O  O   . ALA A 1 12 ? -0.025  12.085  -5.133  1.00 47.31  ? 12  ALA A O   1 
ATOM   103  C  CB  . ALA A 1 12 ? 2.794   11.294  -6.326  1.00 44.14  ? 12  ALA A CB  1 
ATOM   104  N  N   . ARG A 1 13 ? -0.136  9.885   -5.529  1.00 43.75  ? 13  ARG A N   1 
ATOM   105  C  CA  . ARG A 1 13 ? -1.603  9.873   -5.703  1.00 40.62  ? 13  ARG A CA  1 
ATOM   106  C  C   . ARG A 1 13 ? -2.288  9.937   -4.340  1.00 44.47  ? 13  ARG A C   1 
ATOM   107  O  O   . ARG A 1 13 ? -3.411  10.425  -4.208  1.00 45.99  ? 13  ARG A O   1 
ATOM   108  C  CB  . ARG A 1 13 ? -2.071  8.585   -6.422  1.00 38.64  ? 13  ARG A CB  1 
ATOM   109  C  CG  . ARG A 1 13 ? -1.644  8.485   -7.877  1.00 39.14  ? 13  ARG A CG  1 
ATOM   110  C  CD  . ARG A 1 13 ? -2.512  9.381   -8.756  1.00 35.57  ? 13  ARG A CD  1 
ATOM   111  N  NE  . ARG A 1 13 ? -3.925  9.054   -8.614  1.00 35.99  ? 13  ARG A NE  1 
ATOM   112  C  CZ  . ARG A 1 13 ? -4.903  9.799   -9.126  1.00 41.53  ? 13  ARG A CZ  1 
ATOM   113  N  NH1 . ARG A 1 13 ? -4.607  10.893  -9.812  1.00 36.47  ? 13  ARG A NH1 1 
ATOM   114  N  NH2 . ARG A 1 13 ? -6.164  9.473   -8.922  1.00 37.96  ? 13  ARG A NH2 1 
ATOM   115  N  N   . ILE A 1 14 ? -1.639  9.402   -3.315  1.00 47.91  ? 14  ILE A N   1 
ATOM   116  C  CA  . ILE A 1 14 ? -2.239  9.454   -1.987  1.00 49.10  ? 14  ILE A CA  1 
ATOM   117  C  C   . ILE A 1 14 ? -2.049  10.884  -1.468  1.00 53.03  ? 14  ILE A C   1 
ATOM   118  O  O   . ILE A 1 14 ? -2.976  11.498  -0.940  1.00 61.98  ? 14  ILE A O   1 
ATOM   119  C  CB  . ILE A 1 14 ? -1.579  8.442   -1.011  1.00 50.79  ? 14  ILE A CB  1 
ATOM   120  C  CG1 . ILE A 1 14 ? -2.025  7.031   -1.349  1.00 49.25  ? 14  ILE A CG1 1 
ATOM   121  C  CG2 . ILE A 1 14 ? -2.027  8.721   0.413   1.00 55.74  ? 14  ILE A CG2 1 
ATOM   122  C  CD1 . ILE A 1 14 ? -1.192  5.946   -0.692  1.00 55.25  ? 14  ILE A CD1 1 
ATOM   123  N  N   . LYS A 1 15 ? -0.847  11.412  -1.661  1.00 59.72  ? 15  LYS A N   1 
ATOM   124  C  CA  . LYS A 1 15 ? -0.516  12.761  -1.225  1.00 69.03  ? 15  LYS A CA  1 
ATOM   125  C  C   . LYS A 1 15 ? -1.476  13.780  -1.853  1.00 74.50  ? 15  LYS A C   1 
ATOM   126  O  O   . LYS A 1 15 ? -2.364  14.261  -1.120  1.00 75.79  ? 15  LYS A O   1 
ATOM   127  C  CB  . LYS A 1 15 ? 0.930   13.085  -1.615  1.00 68.63  ? 15  LYS A CB  1 
ATOM   128  C  CG  . LYS A 1 15 ? 1.369   14.497  -1.271  1.00 84.75  ? 15  LYS A CG  1 
ATOM   129  C  CD  . LYS A 1 15 ? 2.833   14.729  -1.620  1.00 93.30  ? 15  LYS A CD  1 
ATOM   130  C  CE  . LYS A 1 15 ? 3.746   13.823  -0.808  1.00 97.60  ? 15  LYS A CE  1 
ATOM   131  N  NZ  . LYS A 1 15 ? 3.561   14.024  0.659   1.00 101.41 ? 15  LYS A NZ  1 
HETATM 132  N  N   . NH2 A 1 16 ? -1.334  14.092  -3.136  1.00 73.83  ? 16  NH2 A N   1 
HETATM 133  O  O1  . ZJU B 1 1  ? 20.450  8.930   -0.675  1.00 91.42  ? 1   ZJU B O1  1 
HETATM 134  C  C1  . ZJU B 1 1  ? 19.632  9.428   0.135   1.00 94.10  ? 1   ZJU B C1  1 
HETATM 135  O  O2  . ZJU B 1 1  ? 19.464  8.973   1.287   1.00 95.66  ? 1   ZJU B O2  1 
HETATM 136  C  C2  . ZJU B 1 1  ? 18.819  10.642  -0.299  1.00 89.81  ? 1   ZJU B C2  1 
HETATM 137  C  C3  . ZJU B 1 1  ? 17.314  10.462  -0.094  1.00 89.00  ? 1   ZJU B C3  1 
HETATM 138  C  C4  . ZJU B 1 1  ? 16.551  11.770  -0.239  1.00 90.34  ? 1   ZJU B C4  1 
HETATM 139  O  O3  . ZJU B 1 1  ? 16.457  12.317  -1.339  1.00 99.26  ? 1   ZJU B O3  1 
HETATM 140  N  N   . ZJU B 1 1  ? 15.257  11.764  0.076   1.00 82.58  ? 1   ZJU B N   1 
HETATM 141  C  CA  . ZJU B 1 1  ? 14.736  12.409  1.319   1.00 69.93  ? 1   ZJU B CA  1 
HETATM 142  C  CB  . ZJU B 1 1  ? 13.664  13.444  0.965   1.00 71.04  ? 1   ZJU B CB  1 
HETATM 143  C  CG  . ZJU B 1 1  ? 12.433  12.823  0.322   1.00 82.43  ? 1   ZJU B CG  1 
HETATM 144  O  OD2 . ZJU B 1 1  ? 11.326  12.993  0.874   1.00 92.52  ? 1   ZJU B OD2 1 
HETATM 145  O  OD1 . ZJU B 1 1  ? 12.560  12.173  -0.734  1.00 80.96  ? 1   ZJU B OD1 1 
HETATM 146  C  C   . ZJU B 1 1  ? 14.150  11.320  2.216   1.00 63.28  ? 1   ZJU B C   1 
HETATM 147  O  O   . ZJU B 1 1  ? 14.428  10.146  2.007   1.00 60.67  ? 1   ZJU B O   1 
ATOM   148  N  N   . GLU B 1 2  ? 13.370  11.703  3.225   1.00 57.88  ? 2   GLU B N   1 
ATOM   149  C  CA  . GLU B 1 2  ? 12.766  10.726  4.131   1.00 61.95  ? 2   GLU B CA  1 
ATOM   150  C  C   . GLU B 1 2  ? 11.859  9.783   3.344   1.00 58.56  ? 2   GLU B C   1 
ATOM   151  O  O   . GLU B 1 2  ? 11.946  8.566   3.488   1.00 52.12  ? 2   GLU B O   1 
ATOM   152  C  CB  . GLU B 1 2  ? 11.942  11.427  5.210   1.00 69.37  ? 2   GLU B CB  1 
ATOM   153  C  CG  . GLU B 1 2  ? 12.771  12.225  6.214   1.00 88.05  ? 2   GLU B CG  1 
ATOM   154  C  CD  . GLU B 1 2  ? 13.581  11.340  7.147   1.00 93.78  ? 2   GLU B CD  1 
ATOM   155  O  OE1 . GLU B 1 2  ? 12.988  10.770  8.097   1.00 89.23  ? 2   GLU B OE1 1 
ATOM   156  O  OE2 . GLU B 1 2  ? 14.808  11.214  6.923   1.00 96.54  ? 2   GLU B OE2 1 
ATOM   157  N  N   . LEU B 1 3  ? 11.009  10.362  2.501   1.00 52.69  ? 3   LEU B N   1 
ATOM   158  C  CA  . LEU B 1 3  ? 10.070  9.596   1.680   1.00 50.49  ? 3   LEU B CA  1 
ATOM   159  C  C   . LEU B 1 3  ? 10.800  8.712   0.664   1.00 53.86  ? 3   LEU B C   1 
ATOM   160  O  O   . LEU B 1 3  ? 10.500  7.520   0.546   1.00 57.56  ? 3   LEU B O   1 
ATOM   161  C  CB  . LEU B 1 3  ? 9.103   10.546  0.964   1.00 47.82  ? 3   LEU B CB  1 
ATOM   162  C  CG  . LEU B 1 3  ? 8.082   9.874   0.043   1.00 51.28  ? 3   LEU B CG  1 
ATOM   163  C  CD1 . LEU B 1 3  ? 7.253   8.890   0.834   1.00 47.52  ? 3   LEU B CD1 1 
ATOM   164  C  CD2 . LEU B 1 3  ? 7.194   10.914  -0.585  1.00 50.20  ? 3   LEU B CD2 1 
ATOM   165  N  N   . GLU B 1 4  ? 11.750  9.287   -0.067  1.00 55.17  ? 4   GLU B N   1 
ATOM   166  C  CA  . GLU B 1 4  ? 12.519  8.523   -1.046  1.00 54.40  ? 4   GLU B CA  1 
ATOM   167  C  C   . GLU B 1 4  ? 13.226  7.349   -0.384  1.00 59.28  ? 4   GLU B C   1 
ATOM   168  O  O   . GLU B 1 4  ? 13.385  6.300   -0.997  1.00 57.22  ? 4   GLU B O   1 
ATOM   169  C  CB  . GLU B 1 4  ? 13.550  9.409   -1.749  1.00 70.78  ? 4   GLU B CB  1 
ATOM   170  C  CG  . GLU B 1 4  ? 12.984  10.236  -2.896  1.00 89.66  ? 4   GLU B CG  1 
ATOM   171  C  CD  . GLU B 1 4  ? 14.022  11.157  -3.535  1.00 99.42  ? 4   GLU B CD  1 
ATOM   172  O  OE1 . GLU B 1 4  ? 15.044  10.652  -4.050  1.00 99.92  ? 4   GLU B OE1 1 
ATOM   173  O  OE2 . GLU B 1 4  ? 13.811  12.391  -3.523  1.00 106.65 ? 4   GLU B OE2 1 
ATOM   174  N  N   . ARG B 1 5  ? 13.658  7.516   0.864   1.00 55.92  ? 5   ARG B N   1 
ATOM   175  C  CA  . ARG B 1 5  ? 14.331  6.419   1.566   1.00 59.24  ? 5   ARG B CA  1 
ATOM   176  C  C   . ARG B 1 5  ? 13.331  5.357   2.049   1.00 43.21  ? 5   ARG B C   1 
ATOM   177  O  O   . ARG B 1 5  ? 13.638  4.161   2.059   1.00 40.26  ? 5   ARG B O   1 
ATOM   178  C  CB  . ARG B 1 5  ? 15.108  6.942   2.770   1.00 58.86  ? 5   ARG B CB  1 
ATOM   179  C  CG  . ARG B 1 5  ? 16.304  7.791   2.438   1.00 63.75  ? 5   ARG B CG  1 
ATOM   180  C  CD  . ARG B 1 5  ? 16.715  8.525   3.694   1.00 69.57  ? 5   ARG B CD  1 
ATOM   181  N  NE  . ARG B 1 5  ? 18.020  9.150   3.581   1.00 77.62  ? 5   ARG B NE  1 
ATOM   182  C  CZ  . ARG B 1 5  ? 18.496  10.013  4.471   1.00 91.91  ? 5   ARG B CZ  1 
ATOM   183  N  NH1 . ARG B 1 5  ? 17.756  10.343  5.527   1.00 95.22  ? 5   ARG B NH1 1 
ATOM   184  N  NH2 . ARG B 1 5  ? 19.713  10.529  4.317   1.00 86.48  ? 5   ARG B NH2 1 
ATOM   185  N  N   . ALA B 1 6  ? 12.162  5.797   2.503   1.00 40.08  ? 6   ALA B N   1 
ATOM   186  C  CA  . ALA B 1 6  ? 11.148  4.851   2.942   1.00 43.34  ? 6   ALA B CA  1 
ATOM   187  C  C   . ALA B 1 6  ? 10.789  3.974   1.723   1.00 43.23  ? 6   ALA B C   1 
ATOM   188  O  O   . ALA B 1 6  ? 10.684  2.748   1.817   1.00 47.99  ? 6   ALA B O   1 
ATOM   189  C  CB  . ALA B 1 6  ? 9.928   5.586   3.410   1.00 34.34  ? 6   ALA B CB  1 
ATOM   190  N  N   . ILE B 1 7  ? 10.625  4.621   0.578   1.00 44.44  ? 7   ILE B N   1 
ATOM   191  C  CA  . ILE B 1 7  ? 10.266  3.927   -0.656  1.00 49.60  ? 7   ILE B CA  1 
ATOM   192  C  C   . ILE B 1 7  ? 11.357  2.961   -1.074  1.00 57.13  ? 7   ILE B C   1 
ATOM   193  O  O   . ILE B 1 7  ? 11.056  1.848   -1.525  1.00 54.96  ? 7   ILE B O   1 
ATOM   194  C  CB  . ILE B 1 7  ? 9.958   4.946   -1.789  1.00 41.81  ? 7   ILE B CB  1 
ATOM   195  C  CG1 . ILE B 1 7  ? 8.670   5.697   -1.419  1.00 42.65  ? 7   ILE B CG1 1 
ATOM   196  C  CG2 . ILE B 1 7  ? 9.817   4.220   -3.154  1.00 44.96  ? 7   ILE B CG2 1 
ATOM   197  C  CD1 . ILE B 1 7  ? 8.335   6.891   -2.332  1.00 43.42  ? 7   ILE B CD1 1 
ATOM   198  N  N   . ARG B 1 8  ? 12.618  3.377   -0.924  1.00 47.24  ? 8   ARG B N   1 
ATOM   199  C  CA  . ARG B 1 8  ? 13.753  2.513   -1.245  1.00 49.48  ? 8   ARG B CA  1 
ATOM   200  C  C   . ARG B 1 8  ? 13.661  1.262   -0.365  1.00 46.39  ? 8   ARG B C   1 
ATOM   201  O  O   . ARG B 1 8  ? 13.795  0.140   -0.839  1.00 56.15  ? 8   ARG B O   1 
ATOM   202  C  CB  . ARG B 1 8  ? 15.079  3.241   -0.968  1.00 66.28  ? 8   ARG B CB  1 
ATOM   203  C  CG  . ARG B 1 8  ? 16.338  2.467   -1.394  1.00 75.26  ? 8   ARG B CG  1 
ATOM   204  C  CD  . ARG B 1 8  ? 17.633  3.231   -1.064  1.00 77.55  ? 8   ARG B CD  1 
ATOM   205  N  NE  . ARG B 1 8  ? 17.983  3.175   0.358   1.00 83.89  ? 8   ARG B NE  1 
ATOM   206  C  CZ  . ARG B 1 8  ? 19.009  3.826   0.909   1.00 91.35  ? 8   ARG B CZ  1 
ATOM   207  N  NH1 . ARG B 1 8  ? 19.796  4.595   0.162   1.00 90.09  ? 8   ARG B NH1 1 
ATOM   208  N  NH2 . ARG B 1 8  ? 19.256  3.702   2.209   1.00 82.47  ? 8   ARG B NH2 1 
ATOM   209  N  N   . GLU B 1 9  ? 13.418  1.454   0.925   1.00 51.23  ? 9   GLU B N   1 
ATOM   210  C  CA  . GLU B 1 9  ? 13.294  0.312   1.830   1.00 46.07  ? 9   GLU B CA  1 
ATOM   211  C  C   . GLU B 1 9  ? 12.136  -0.612  1.415   1.00 49.40  ? 9   GLU B C   1 
ATOM   212  O  O   . GLU B 1 9  ? 12.286  -1.832  1.394   1.00 46.22  ? 9   GLU B O   1 
ATOM   213  C  CB  . GLU B 1 9  ? 13.074  0.806   3.261   1.00 35.51  ? 9   GLU B CB  1 
ATOM   214  C  CG  . GLU B 1 9  ? 12.884  -0.273  4.307   1.00 54.69  ? 9   GLU B CG  1 
ATOM   215  C  CD  . GLU B 1 9  ? 14.027  -1.266  4.367   1.00 66.63  ? 9   GLU B CD  1 
ATOM   216  O  OE1 . GLU B 1 9  ? 15.081  -1.032  3.724   1.00 72.32  ? 9   GLU B OE1 1 
ATOM   217  O  OE2 . GLU B 1 9  ? 13.864  -2.288  5.069   1.00 62.42  ? 9   GLU B OE2 1 
ATOM   218  N  N   . LEU B 1 10 ? 10.981  -0.036  1.095   1.00 48.74  ? 10  LEU B N   1 
ATOM   219  C  CA  . LEU B 1 10 ? 9.831   -0.852  0.708   1.00 46.48  ? 10  LEU B CA  1 
ATOM   220  C  C   . LEU B 1 10 ? 10.117  -1.699  -0.539  1.00 36.02  ? 10  LEU B C   1 
ATOM   221  O  O   . LEU B 1 10 ? 9.849   -2.902  -0.550  1.00 42.52  ? 10  LEU B O   1 
ATOM   222  C  CB  . LEU B 1 10 ? 8.595   0.022   0.474   1.00 37.27  ? 10  LEU B CB  1 
ATOM   223  C  CG  . LEU B 1 10 ? 7.337   -0.697  -0.042  1.00 40.14  ? 10  LEU B CG  1 
ATOM   224  C  CD1 . LEU B 1 10 ? 6.892   -1.811  0.915   1.00 33.45  ? 10  LEU B CD1 1 
ATOM   225  C  CD2 . LEU B 1 10 ? 6.239   0.313   -0.194  1.00 33.62  ? 10  LEU B CD2 1 
ATOM   226  N  N   . ALA B 1 11 ? 10.662  -1.069  -1.570  1.00 33.98  ? 11  ALA B N   1 
ATOM   227  C  CA  . ALA B 1 11 ? 10.979  -1.762  -2.809  1.00 42.19  ? 11  ALA B CA  1 
ATOM   228  C  C   . ALA B 1 11 ? 11.985  -2.881  -2.512  1.00 54.26  ? 11  ALA B C   1 
ATOM   229  O  O   . ALA B 1 11 ? 11.874  -3.974  -3.075  1.00 47.41  ? 11  ALA B O   1 
ATOM   230  C  CB  . ALA B 1 11 ? 11.549  -0.778  -3.841  1.00 41.59  ? 11  ALA B CB  1 
ATOM   231  N  N   . ALA B 1 12 ? 12.953  -2.614  -1.627  1.00 48.62  ? 12  ALA B N   1 
ATOM   232  C  CA  . ALA B 1 12 ? 13.950  -3.628  -1.253  1.00 49.42  ? 12  ALA B CA  1 
ATOM   233  C  C   . ALA B 1 12 ? 13.318  -4.867  -0.641  1.00 41.37  ? 12  ALA B C   1 
ATOM   234  O  O   . ALA B 1 12 ? 13.684  -5.982  -0.990  1.00 46.43  ? 12  ALA B O   1 
ATOM   235  C  CB  . ALA B 1 12 ? 14.967  -3.058  -0.262  1.00 46.74  ? 12  ALA B CB  1 
ATOM   236  N  N   . ARG B 1 13 ? 12.396  -4.671  0.296   1.00 43.03  ? 13  ARG B N   1 
ATOM   237  C  CA  . ARG B 1 13 ? 11.723  -5.787  0.958   1.00 41.14  ? 13  ARG B CA  1 
ATOM   238  C  C   . ARG B 1 13 ? 10.813  -6.530  -0.017  1.00 49.61  ? 13  ARG B C   1 
ATOM   239  O  O   . ARG B 1 13 ? 10.714  -7.742  0.021   1.00 46.73  ? 13  ARG B O   1 
ATOM   240  C  CB  . ARG B 1 13 ? 10.886  -5.280  2.133   1.00 41.23  ? 13  ARG B CB  1 
ATOM   241  C  CG  . ARG B 1 13 ? 11.379  -5.658  3.545   1.00 70.33  ? 13  ARG B CG  1 
ATOM   242  C  CD  . ARG B 1 13 ? 12.787  -5.172  3.852   1.00 63.46  ? 13  ARG B CD  1 
ATOM   243  N  NE  . ARG B 1 13 ? 13.791  -5.834  3.024   1.00 69.87  ? 13  ARG B NE  1 
ATOM   244  C  CZ  . ARG B 1 13 ? 15.008  -5.348  2.785   1.00 70.10  ? 13  ARG B CZ  1 
ATOM   245  N  NH1 . ARG B 1 13 ? 15.379  -4.190  3.318   1.00 67.19  ? 13  ARG B NH1 1 
ATOM   246  N  NH2 . ARG B 1 13 ? 15.845  -6.009  1.992   1.00 63.43  ? 13  ARG B NH2 1 
ATOM   247  N  N   . ILE B 1 14 ? 10.124  -5.806  -0.886  1.00 50.36  ? 14  ILE B N   1 
ATOM   248  C  CA  . ILE B 1 14 ? 9.242   -6.478  -1.843  1.00 41.98  ? 14  ILE B CA  1 
ATOM   249  C  C   . ILE B 1 14 ? 10.030  -7.451  -2.715  1.00 36.86  ? 14  ILE B C   1 
ATOM   250  O  O   . ILE B 1 14 ? 9.658   -8.612  -2.837  1.00 42.98  ? 14  ILE B O   1 
ATOM   251  C  CB  . ILE B 1 14 ? 8.539   -5.472  -2.743  1.00 36.82  ? 14  ILE B CB  1 
ATOM   252  C  CG1 . ILE B 1 14 ? 7.542   -4.664  -1.897  1.00 39.38  ? 14  ILE B CG1 1 
ATOM   253  C  CG2 . ILE B 1 14 ? 7.845   -6.223  -3.931  1.00 32.32  ? 14  ILE B CG2 1 
ATOM   254  C  CD1 . ILE B 1 14 ? 6.885   -3.490  -2.659  1.00 32.80  ? 14  ILE B CD1 1 
ATOM   255  N  N   . LYS B 1 15 ? 11.119  -6.964  -3.307  1.00 38.69  ? 15  LYS B N   1 
ATOM   256  C  CA  . LYS B 1 15 ? 11.986  -7.767  -4.151  1.00 46.70  ? 15  LYS B CA  1 
ATOM   257  C  C   . LYS B 1 15 ? 12.722  -8.793  -3.294  1.00 55.76  ? 15  LYS B C   1 
ATOM   258  O  O   . LYS B 1 15 ? 13.062  -9.896  -3.790  1.00 51.35  ? 15  LYS B O   1 
ATOM   259  C  CB  . LYS B 1 15 ? 13.022  -6.892  -4.852  1.00 46.70  ? 15  LYS B CB  1 
ATOM   260  C  CG  . LYS B 1 15 ? 12.470  -5.941  -5.865  1.00 52.34  ? 15  LYS B CG  1 
ATOM   261  C  CD  . LYS B 1 15 ? 13.609  -5.423  -6.727  1.00 56.29  ? 15  LYS B CD  1 
ATOM   262  C  CE  . LYS B 1 15 ? 13.143  -4.302  -7.606  1.00 56.33  ? 15  LYS B CE  1 
ATOM   263  N  NZ  . LYS B 1 15 ? 14.234  -3.806  -8.466  1.00 69.00  ? 15  LYS B NZ  1 
HETATM 264  N  N   . NH2 B 1 16 ? 12.986  -8.435  -2.042  1.00 58.31  ? 16  NH2 B N   1 
HETATM 265  O  O1  . ZJU C 1 1  ? 7.611   9.069   10.987  1.00 92.74  ? 1   ZJU C O1  1 
HETATM 266  C  C1  . ZJU C 1 1  ? 8.480   9.684   10.330  1.00 92.73  ? 1   ZJU C C1  1 
HETATM 267  O  O2  . ZJU C 1 1  ? 9.328   9.111   9.612   1.00 94.04  ? 1   ZJU C O2  1 
HETATM 268  C  C2  . ZJU C 1 1  ? 8.508   11.199  10.405  1.00 88.01  ? 1   ZJU C C2  1 
HETATM 269  C  C3  . ZJU C 1 1  ? 8.068   11.863  9.114   1.00 84.34  ? 1   ZJU C C3  1 
HETATM 270  C  C4  . ZJU C 1 1  ? 6.903   12.817  9.325   1.00 81.93  ? 1   ZJU C C4  1 
HETATM 271  O  O3  . ZJU C 1 1  ? 6.815   13.478  10.361  1.00 84.03  ? 1   ZJU C O3  1 
HETATM 272  N  N   . ZJU C 1 1  ? 5.681   12.287  9.297   1.00 72.27  ? 1   ZJU C N   1 
HETATM 273  C  CA  . ZJU C 1 1  ? 4.885   12.176  8.034   1.00 59.87  ? 1   ZJU C CA  1 
HETATM 274  C  CB  . ZJU C 1 1  ? 5.805   12.233  6.811   1.00 63.06  ? 1   ZJU C CB  1 
HETATM 275  C  CG  . ZJU C 1 1  ? 5.042   12.180  5.499   1.00 78.24  ? 1   ZJU C CG  1 
HETATM 276  O  OD2 . ZJU C 1 1  ? 5.478   11.439  4.585   1.00 56.85  ? 1   ZJU C OD2 1 
HETATM 277  O  OD1 . ZJU C 1 1  ? 4.016   12.891  5.375   1.00 83.88  ? 1   ZJU C OD1 1 
HETATM 278  C  C   . ZJU C 1 1  ? 4.125   10.857  8.067   1.00 47.14  ? 1   ZJU C C   1 
HETATM 279  O  O   . ZJU C 1 1  ? 4.710   9.778   8.133   1.00 43.96  ? 1   ZJU C O   1 
ATOM   280  N  N   . GLU C 1 2  ? 2.809   10.959  8.071   1.00 40.69  ? 2   GLU C N   1 
ATOM   281  C  CA  . GLU C 1 2  ? 1.977   9.784   8.125   1.00 44.11  ? 2   GLU C CA  1 
ATOM   282  C  C   . GLU C 1 2  ? 2.265   8.862   6.941   1.00 41.46  ? 2   GLU C C   1 
ATOM   283  O  O   . GLU C 1 2  ? 2.198   7.644   7.070   1.00 48.01  ? 2   GLU C O   1 
ATOM   284  C  CB  . GLU C 1 2  ? 0.498   10.191  8.133   1.00 39.51  ? 2   GLU C CB  1 
ATOM   285  C  CG  . GLU C 1 2  ? -0.022  10.761  9.451   1.00 52.60  ? 2   GLU C CG  1 
ATOM   286  C  CD  . GLU C 1 2  ? 0.210   12.273  9.610   1.00 69.51  ? 2   GLU C CD  1 
ATOM   287  O  OE1 . GLU C 1 2  ? -0.293  12.844  10.609  1.00 65.75  ? 2   GLU C OE1 1 
ATOM   288  O  OE2 . GLU C 1 2  ? 0.883   12.887  8.748   1.00 58.05  ? 2   GLU C OE2 1 
ATOM   289  N  N   . LEU C 1 3  ? 2.600   9.449   5.795   1.00 45.79  ? 3   LEU C N   1 
ATOM   290  C  CA  . LEU C 1 3  ? 2.844   8.667   4.597   1.00 41.67  ? 3   LEU C CA  1 
ATOM   291  C  C   . LEU C 1 3  ? 4.117   7.849   4.680   1.00 46.37  ? 3   LEU C C   1 
ATOM   292  O  O   . LEU C 1 3  ? 4.102   6.639   4.454   1.00 38.68  ? 3   LEU C O   1 
ATOM   293  C  CB  . LEU C 1 3  ? 2.887   9.575   3.370   1.00 37.93  ? 3   LEU C CB  1 
ATOM   294  C  CG  . LEU C 1 3  ? 3.171   8.908   2.001   1.00 51.06  ? 3   LEU C CG  1 
ATOM   295  C  CD1 . LEU C 1 3  ? 2.099   7.845   1.664   1.00 44.24  ? 3   LEU C CD1 1 
ATOM   296  C  CD2 . LEU C 1 3  ? 3.204   9.988   0.919   1.00 47.54  ? 3   LEU C CD2 1 
ATOM   297  N  N   . GLU C 1 4  ? 5.218   8.517   4.989   1.00 43.86  ? 4   GLU C N   1 
ATOM   298  C  CA  . GLU C 1 4  ? 6.507   7.861   5.113   1.00 43.55  ? 4   GLU C CA  1 
ATOM   299  C  C   . GLU C 1 4  ? 6.397   6.736   6.133   1.00 39.90  ? 4   GLU C C   1 
ATOM   300  O  O   . GLU C 1 4  ? 6.979   5.654   5.972   1.00 43.32  ? 4   GLU C O   1 
ATOM   301  C  CB  . GLU C 1 4  ? 7.561   8.862   5.586   1.00 48.39  ? 4   GLU C CB  1 
ATOM   302  C  CG  . GLU C 1 4  ? 8.976   8.317   5.535   1.00 63.15  ? 4   GLU C CG  1 
ATOM   303  C  CD  . GLU C 1 4  ? 9.787   8.689   6.764   1.00 67.72  ? 4   GLU C CD  1 
ATOM   304  O  OE1 . GLU C 1 4  ? 9.807   9.885   7.125   1.00 78.28  ? 4   GLU C OE1 1 
ATOM   305  O  OE2 . GLU C 1 4  ? 10.408  7.786   7.359   1.00 65.78  ? 4   GLU C OE2 1 
ATOM   306  N  N   . ARG C 1 5  ? 5.656   6.992   7.200   1.00 40.23  ? 5   ARG C N   1 
ATOM   307  C  CA  . ARG C 1 5  ? 5.521   5.985   8.223   1.00 36.49  ? 5   ARG C CA  1 
ATOM   308  C  C   . ARG C 1 5  ? 4.726   4.765   7.703   1.00 44.04  ? 5   ARG C C   1 
ATOM   309  O  O   . ARG C 1 5  ? 5.133   3.614   7.921   1.00 38.96  ? 5   ARG C O   1 
ATOM   310  C  CB  . ARG C 1 5  ? 4.838   6.575   9.447   1.00 36.57  ? 5   ARG C CB  1 
ATOM   311  C  CG  . ARG C 1 5  ? 4.680   5.564   10.566  1.00 34.49  ? 5   ARG C CG  1 
ATOM   312  C  CD  . ARG C 1 5  ? 3.832   6.152   11.703  1.00 50.57  ? 5   ARG C CD  1 
ATOM   313  N  NE  . ARG C 1 5  ? 4.562   7.192   12.416  1.00 48.98  ? 5   ARG C NE  1 
ATOM   314  C  CZ  . ARG C 1 5  ? 4.223   8.478   12.421  1.00 61.48  ? 5   ARG C CZ  1 
ATOM   315  N  NH1 . ARG C 1 5  ? 3.157   8.879   11.750  1.00 50.44  ? 5   ARG C NH1 1 
ATOM   316  N  NH2 . ARG C 1 5  ? 4.958   9.362   13.088  1.00 53.62  ? 5   ARG C NH2 1 
ATOM   317  N  N   . ALA C 1 6  ? 3.593   5.008   7.035   1.00 40.90  ? 6   ALA C N   1 
ATOM   318  C  CA  . ALA C 1 6  ? 2.795   3.891   6.491   1.00 42.61  ? 6   ALA C CA  1 
ATOM   319  C  C   . ALA C 1 6  ? 3.702   3.077   5.571   1.00 36.66  ? 6   ALA C C   1 
ATOM   320  O  O   . ALA C 1 6  ? 3.693   1.862   5.607   1.00 43.80  ? 6   ALA C O   1 
ATOM   321  C  CB  . ALA C 1 6  ? 1.558   4.403   5.729   1.00 36.90  ? 6   ALA C CB  1 
ATOM   322  N  N   . ILE C 1 7  ? 4.545   3.748   4.801   1.00 36.90  ? 7   ILE C N   1 
ATOM   323  C  CA  . ILE C 1 7  ? 5.440   3.024   3.906   1.00 34.56  ? 7   ILE C CA  1 
ATOM   324  C  C   . ILE C 1 7  ? 6.476   2.185   4.667   1.00 53.78  ? 7   ILE C C   1 
ATOM   325  O  O   . ILE C 1 7  ? 6.702   1.031   4.307   1.00 43.62  ? 7   ILE C O   1 
ATOM   326  C  CB  . ILE C 1 7  ? 6.106   3.979   2.944   1.00 38.69  ? 7   ILE C CB  1 
ATOM   327  C  CG1 . ILE C 1 7  ? 5.041   4.513   1.983   1.00 36.63  ? 7   ILE C CG1 1 
ATOM   328  C  CG2 . ILE C 1 7  ? 7.240   3.288   2.214   1.00 33.26  ? 7   ILE C CG2 1 
ATOM   329  C  CD1 . ILE C 1 7  ? 5.546   5.597   1.039   1.00 47.27  ? 7   ILE C CD1 1 
ATOM   330  N  N   . ARG C 1 8  ? 7.092   2.736   5.722   1.00 41.25  ? 8   ARG C N   1 
ATOM   331  C  CA  . ARG C 1 8  ? 8.041   1.945   6.520   1.00 38.86  ? 8   ARG C CA  1 
ATOM   332  C  C   . ARG C 1 8  ? 7.369   0.816   7.298   1.00 33.41  ? 8   ARG C C   1 
ATOM   333  O  O   . ARG C 1 8  ? 7.886   -0.288  7.361   1.00 39.33  ? 8   ARG C O   1 
ATOM   334  C  CB  . ARG C 1 8  ? 8.800   2.849   7.523   1.00 39.85  ? 8   ARG C CB  1 
ATOM   335  C  CG  . ARG C 1 8  ? 9.825   3.697   6.853   1.00 48.09  ? 8   ARG C CG  1 
ATOM   336  C  CD  . ARG C 1 8  ? 10.500  4.613   7.839   1.00 63.49  ? 8   ARG C CD  1 
ATOM   337  N  NE  . ARG C 1 8  ? 11.493  5.430   7.161   1.00 52.49  ? 8   ARG C NE  1 
ATOM   338  C  CZ  . ARG C 1 8  ? 12.613  4.956   6.632   1.00 53.67  ? 8   ARG C CZ  1 
ATOM   339  N  NH1 . ARG C 1 8  ? 12.899  3.663   6.707   1.00 46.91  ? 8   ARG C NH1 1 
ATOM   340  N  NH2 . ARG C 1 8  ? 13.429  5.778   5.995   1.00 57.13  ? 8   ARG C NH2 1 
ATOM   341  N  N   . GLU C 1 9  ? 6.222   1.080   7.909   1.00 33.82  ? 9   GLU C N   1 
ATOM   342  C  CA  . GLU C 1 9  ? 5.550   0.026   8.670   1.00 35.37  ? 9   GLU C CA  1 
ATOM   343  C  C   . GLU C 1 9  ? 5.087   -1.096  7.722   1.00 43.76  ? 9   GLU C C   1 
ATOM   344  O  O   . GLU C 1 9  ? 4.975   -2.249  8.135   1.00 39.97  ? 9   GLU C O   1 
ATOM   345  C  CB  . GLU C 1 9  ? 4.339   0.571   9.441   1.00 40.75  ? 9   GLU C CB  1 
ATOM   346  C  CG  . GLU C 1 9  ? 4.650   1.542   10.603  1.00 51.59  ? 9   GLU C CG  1 
ATOM   347  C  CD  . GLU C 1 9  ? 5.531   0.914   11.688  1.00 60.42  ? 9   GLU C CD  1 
ATOM   348  O  OE1 . GLU C 1 9  ? 5.404   -0.302  11.928  1.00 49.46  ? 9   GLU C OE1 1 
ATOM   349  O  OE2 . GLU C 1 9  ? 6.344   1.637   12.316  1.00 58.38  ? 9   GLU C OE2 1 
ATOM   350  N  N   . LEU C 1 10 ? 4.830   -0.758  6.458   1.00 41.17  ? 10  LEU C N   1 
ATOM   351  C  CA  . LEU C 1 10 ? 4.432   -1.764  5.461   1.00 41.45  ? 10  LEU C CA  1 
ATOM   352  C  C   . LEU C 1 10 ? 5.665   -2.611  5.173   1.00 41.00  ? 10  LEU C C   1 
ATOM   353  O  O   . LEU C 1 10 ? 5.628   -3.850  5.226   1.00 38.29  ? 10  LEU C O   1 
ATOM   354  C  CB  . LEU C 1 10 ? 3.990   -1.090  4.160   1.00 41.10  ? 10  LEU C CB  1 
ATOM   355  C  CG  . LEU C 1 10 ? 3.185   -1.956  3.195   1.00 50.94  ? 10  LEU C CG  1 
ATOM   356  C  CD1 . LEU C 1 10 ? 1.884   -2.346  3.878   1.00 51.79  ? 10  LEU C CD1 1 
ATOM   357  C  CD2 . LEU C 1 10 ? 2.905   -1.189  1.901   1.00 43.89  ? 10  LEU C CD2 1 
ATOM   358  N  N   . ALA C 1 11 ? 6.766   -1.934  4.852   1.00 33.33  ? 11  ALA C N   1 
ATOM   359  C  CA  . ALA C 1 11 ? 8.029   -2.619  4.567   1.00 38.88  ? 11  ALA C CA  1 
ATOM   360  C  C   . ALA C 1 11 ? 8.401   -3.621  5.640   1.00 49.40  ? 11  ALA C C   1 
ATOM   361  O  O   . ALA C 1 11 ? 8.955   -4.676  5.331   1.00 45.64  ? 11  ALA C O   1 
ATOM   362  C  CB  . ALA C 1 11 ? 9.143   -1.619  4.430   1.00 35.85  ? 11  ALA C CB  1 
ATOM   363  N  N   . ALA C 1 12 ? 8.121   -3.269  6.897   1.00 51.60  ? 12  ALA C N   1 
ATOM   364  C  CA  . ALA C 1 12 ? 8.426   -4.116  8.056   1.00 53.26  ? 12  ALA C CA  1 
ATOM   365  C  C   . ALA C 1 12 ? 7.581   -5.386  8.143   1.00 53.91  ? 12  ALA C C   1 
ATOM   366  O  O   . ALA C 1 12 ? 7.971   -6.348  8.797   1.00 45.79  ? 12  ALA C O   1 
ATOM   367  C  CB  . ALA C 1 12 ? 8.247   -3.311  9.360   1.00 46.31  ? 12  ALA C CB  1 
ATOM   368  N  N   . ARG C 1 13 ? 6.417   -5.386  7.502   1.00 48.32  ? 13  ARG C N   1 
ATOM   369  C  CA  . ARG C 1 13 ? 5.534   -6.549  7.549   1.00 46.18  ? 13  ARG C CA  1 
ATOM   370  C  C   . ARG C 1 13 ? 5.655   -7.431  6.301   1.00 34.02  ? 13  ARG C C   1 
ATOM   371  O  O   . ARG C 1 13 ? 5.097   -8.523  6.257   1.00 53.40  ? 13  ARG C O   1 
ATOM   372  C  CB  . ARG C 1 13 ? 4.077   -6.106  7.719   1.00 38.70  ? 13  ARG C CB  1 
ATOM   373  C  CG  . ARG C 1 13 ? 3.673   -5.630  9.115   1.00 50.17  ? 13  ARG C CG  1 
ATOM   374  C  CD  . ARG C 1 13 ? 3.684   -6.719  10.180  1.00 46.99  ? 13  ARG C CD  1 
ATOM   375  N  NE  . ARG C 1 13 ? 2.626   -7.728  10.049  1.00 39.90  ? 13  ARG C NE  1 
ATOM   376  C  CZ  . ARG C 1 13 ? 1.333   -7.549  10.329  1.00 41.79  ? 13  ARG C CZ  1 
ATOM   377  N  NH1 . ARG C 1 13 ? 0.881   -6.385  10.760  1.00 38.28  ? 13  ARG C NH1 1 
ATOM   378  N  NH2 . ARG C 1 13 ? 0.470   -8.555  10.186  1.00 43.75  ? 13  ARG C NH2 1 
ATOM   379  N  N   . ILE C 1 14 ? 6.412   -6.977  5.314   1.00 40.39  ? 14  ILE C N   1 
ATOM   380  C  CA  . ILE C 1 14 ? 6.601   -7.713  4.064   1.00 43.86  ? 14  ILE C CA  1 
ATOM   381  C  C   . ILE C 1 14 ? 7.546   -8.899  4.218   1.00 56.69  ? 14  ILE C C   1 
ATOM   382  O  O   . ILE C 1 14 ? 8.733   -8.725  4.483   1.00 55.25  ? 14  ILE C O   1 
ATOM   383  C  CB  . ILE C 1 14 ? 7.186   -6.808  2.996   1.00 38.66  ? 14  ILE C CB  1 
ATOM   384  C  CG1 . ILE C 1 14 ? 6.227   -5.651  2.697   1.00 45.40  ? 14  ILE C CG1 1 
ATOM   385  C  CG2 . ILE C 1 14 ? 7.545   -7.628  1.756   1.00 43.88  ? 14  ILE C CG2 1 
ATOM   386  C  CD1 . ILE C 1 14 ? 4.890   -6.046  2.204   1.00 45.81  ? 14  ILE C CD1 1 
ATOM   387  N  N   . LYS C 1 15 ? 7.033   -10.108 4.025   1.00 65.20  ? 15  LYS C N   1 
ATOM   388  C  CA  . LYS C 1 15 ? 7.880   -11.289 4.156   1.00 70.04  ? 15  LYS C CA  1 
ATOM   389  C  C   . LYS C 1 15 ? 8.691   -11.556 2.877   1.00 72.04  ? 15  LYS C C   1 
ATOM   390  O  O   . LYS C 1 15 ? 8.305   -11.068 1.792   1.00 68.41  ? 15  LYS C O   1 
ATOM   391  C  CB  . LYS C 1 15 ? 7.020   -12.510 4.516   1.00 72.31  ? 15  LYS C CB  1 
HETATM 392  N  N   . NH2 C 1 16 ? 9.787   -12.299 2.981   1.00 77.19  ? 16  NH2 C N   1 
HETATM 393  O  O1  . ZJU D 1 1  ? 2.948   -4.804  15.024  1.00 69.70  ? 1   ZJU D O1  1 
HETATM 394  C  C1  . ZJU D 1 1  ? 2.786   -6.039  15.125  1.00 71.06  ? 1   ZJU D C1  1 
HETATM 395  O  O2  . ZJU D 1 1  ? 3.104   -6.845  14.225  1.00 75.82  ? 1   ZJU D O2  1 
HETATM 396  C  C2  . ZJU D 1 1  ? 2.183   -6.593  16.393  1.00 64.53  ? 1   ZJU D C2  1 
HETATM 397  C  C3  . ZJU D 1 1  ? 0.764   -6.112  16.640  1.00 57.11  ? 1   ZJU D C3  1 
HETATM 398  C  C4  . ZJU D 1 1  ? 0.305   -5.059  15.650  1.00 58.75  ? 1   ZJU D C4  1 
HETATM 399  O  O3  . ZJU D 1 1  ? 0.117   -5.358  14.469  1.00 57.99  ? 1   ZJU D O3  1 
HETATM 400  N  N   . ZJU D 1 1  ? -0.168  -3.935  16.185  1.00 54.76  ? 1   ZJU D N   1 
HETATM 401  C  CA  . ZJU D 1 1  ? -1.134  -3.059  15.464  1.00 49.47  ? 1   ZJU D CA  1 
HETATM 402  C  CB  . ZJU D 1 1  ? -2.248  -2.640  16.422  1.00 54.90  ? 1   ZJU D CB  1 
HETATM 403  C  CG  . ZJU D 1 1  ? -1.764  -1.653  17.468  1.00 65.75  ? 1   ZJU D CG  1 
HETATM 404  O  OD2 . ZJU D 1 1  ? -2.598  -0.964  18.095  1.00 63.18  ? 1   ZJU D OD2 1 
HETATM 405  O  OD1 . ZJU D 1 1  ? -0.541  -1.567  17.663  1.00 57.14  ? 1   ZJU D OD1 1 
HETATM 406  C  C   . ZJU D 1 1  ? -0.444  -1.818  14.887  1.00 44.20  ? 1   ZJU D C   1 
HETATM 407  O  O   . ZJU D 1 1  ? -1.093  -0.830  14.561  1.00 45.10  ? 1   ZJU D O   1 
ATOM   408  N  N   . GLU D 1 2  ? 0.880   -1.879  14.754  1.00 38.07  ? 2   GLU D N   1 
ATOM   409  C  CA  . GLU D 1 2  ? 1.653   -0.769  14.209  1.00 37.88  ? 2   GLU D CA  1 
ATOM   410  C  C   . GLU D 1 2  ? 1.248   -0.364  12.776  1.00 44.36  ? 2   GLU D C   1 
ATOM   411  O  O   . GLU D 1 2  ? 1.011   0.811   12.492  1.00 36.84  ? 2   GLU D O   1 
ATOM   412  C  CB  . GLU D 1 2  ? 3.130   -1.138  14.244  1.00 37.34  ? 2   GLU D CB  1 
ATOM   413  C  CG  . GLU D 1 2  ? 3.711   -1.037  15.659  1.00 43.19  ? 2   GLU D CG  1 
ATOM   414  C  CD  . GLU D 1 2  ? 3.834   0.399   16.103  1.00 53.06  ? 2   GLU D CD  1 
ATOM   415  O  OE1 . GLU D 1 2  ? 3.814   0.622   17.330  1.00 56.55  ? 2   GLU D OE1 1 
ATOM   416  O  OE2 . GLU D 1 2  ? 3.958   1.295   15.225  1.00 43.40  ? 2   GLU D OE2 1 
ATOM   417  N  N   . LEU D 1 3  ? 1.170   -1.343  11.876  1.00 36.68  ? 3   LEU D N   1 
ATOM   418  C  CA  . LEU D 1 3  ? 0.793   -1.067  10.475  1.00 33.23  ? 3   LEU D CA  1 
ATOM   419  C  C   . LEU D 1 3  ? -0.635  -0.571  10.467  1.00 34.77  ? 3   LEU D C   1 
ATOM   420  O  O   . LEU D 1 3  ? -0.965  0.431   9.842   1.00 37.36  ? 3   LEU D O   1 
ATOM   421  C  CB  . LEU D 1 3  ? 0.909   -2.356  9.630   1.00 35.86  ? 3   LEU D CB  1 
ATOM   422  C  CG  . LEU D 1 3  ? 0.525   -2.248  8.151   1.00 35.59  ? 3   LEU D CG  1 
ATOM   423  C  CD1 . LEU D 1 3  ? 1.077   -0.950  7.545   1.00 30.53  ? 3   LEU D CD1 1 
ATOM   424  C  CD2 . LEU D 1 3  ? 1.042   -3.482  7.420   1.00 35.05  ? 3   LEU D CD2 1 
ATOM   425  N  N   . GLU D 1 4  ? -1.490  -1.288  11.175  1.00 35.10  ? 4   GLU D N   1 
ATOM   426  C  CA  . GLU D 1 4  ? -2.863  -0.901  11.244  1.00 36.88  ? 4   GLU D CA  1 
ATOM   427  C  C   . GLU D 1 4  ? -3.010  0.564   11.681  1.00 50.25  ? 4   GLU D C   1 
ATOM   428  O  O   . GLU D 1 4  ? -3.777  1.334   11.074  1.00 49.19  ? 4   GLU D O   1 
ATOM   429  C  CB  . GLU D 1 4  ? -3.611  -1.818  12.211  1.00 33.70  ? 4   GLU D CB  1 
ATOM   430  C  CG  . GLU D 1 4  ? -4.943  -1.247  12.505  1.00 34.07  ? 4   GLU D CG  1 
ATOM   431  C  CD  . GLU D 1 4  ? -5.771  -2.085  13.431  1.00 58.94  ? 4   GLU D CD  1 
ATOM   432  O  OE1 . GLU D 1 4  ? -6.887  -1.631  13.785  1.00 53.51  ? 4   GLU D OE1 1 
ATOM   433  O  OE2 . GLU D 1 4  ? -5.312  -3.186  13.791  1.00 59.13  ? 4   GLU D OE2 1 
ATOM   434  N  N   . ARG D 1 5  ? -2.279  0.964   12.727  1.00 44.93  ? 5   ARG D N   1 
ATOM   435  C  CA  . ARG D 1 5  ? -2.378  2.350   13.208  1.00 38.68  ? 5   ARG D CA  1 
ATOM   436  C  C   . ARG D 1 5  ? -1.794  3.324   12.209  1.00 28.75  ? 5   ARG D C   1 
ATOM   437  O  O   . ARG D 1 5  ? -2.325  4.409   11.996  1.00 38.40  ? 5   ARG D O   1 
ATOM   438  C  CB  . ARG D 1 5  ? -1.700  2.499   14.588  1.00 41.33  ? 5   ARG D CB  1 
ATOM   439  C  CG  . ARG D 1 5  ? -2.534  1.873   15.675  1.00 44.24  ? 5   ARG D CG  1 
ATOM   440  C  CD  . ARG D 1 5  ? -1.978  2.092   17.079  1.00 53.78  ? 5   ARG D CD  1 
ATOM   441  N  NE  . ARG D 1 5  ? -2.901  1.531   18.059  1.00 54.01  ? 5   ARG D NE  1 
ATOM   442  C  CZ  . ARG D 1 5  ? -4.005  2.141   18.465  1.00 58.73  ? 5   ARG D CZ  1 
ATOM   443  N  NH1 . ARG D 1 5  ? -4.316  3.341   17.984  1.00 60.75  ? 5   ARG D NH1 1 
ATOM   444  N  NH2 . ARG D 1 5  ? -4.813  1.542   19.324  1.00 63.83  ? 5   ARG D NH2 1 
ATOM   445  N  N   . ALA D 1 6  ? -0.687  2.953   11.601  1.00 33.08  ? 6   ALA D N   1 
ATOM   446  C  CA  . ALA D 1 6  ? -0.092  3.810   10.600  1.00 31.23  ? 6   ALA D CA  1 
ATOM   447  C  C   . ALA D 1 6  ? -1.090  4.075   9.455   1.00 47.19  ? 6   ALA D C   1 
ATOM   448  O  O   . ALA D 1 6  ? -1.230  5.228   9.003   1.00 37.90  ? 6   ALA D O   1 
ATOM   449  C  CB  . ALA D 1 6  ? 1.181   3.155   10.054  1.00 34.47  ? 6   ALA D CB  1 
ATOM   450  N  N   . ILE D 1 7  ? -1.773  3.016   8.988   1.00 43.01  ? 7   ILE D N   1 
ATOM   451  C  CA  . ILE D 1 7  ? -2.756  3.142   7.893   1.00 35.69  ? 7   ILE D CA  1 
ATOM   452  C  C   . ILE D 1 7  ? -3.933  4.007   8.328   1.00 34.14  ? 7   ILE D C   1 
ATOM   453  O  O   . ILE D 1 7  ? -4.355  4.910   7.602   1.00 42.07  ? 7   ILE D O   1 
ATOM   454  C  CB  . ILE D 1 7  ? -3.265  1.731   7.425   1.00 44.24  ? 7   ILE D CB  1 
ATOM   455  C  CG1 . ILE D 1 7  ? -2.142  1.014   6.670   1.00 35.43  ? 7   ILE D CG1 1 
ATOM   456  C  CG2 . ILE D 1 7  ? -4.530  1.869   6.506   1.00 33.62  ? 7   ILE D CG2 1 
ATOM   457  C  CD1 . ILE D 1 7  ? -2.385  -0.517  6.451   1.00 32.10  ? 7   ILE D CD1 1 
ATOM   458  N  N   . ARG D 1 8  ? -4.456  3.746   9.521   1.00 39.36  ? 8   ARG D N   1 
ATOM   459  C  CA  . ARG D 1 8  ? -5.558  4.531   10.078  1.00 37.31  ? 8   ARG D CA  1 
ATOM   460  C  C   . ARG D 1 8  ? -5.204  6.015   10.137  1.00 40.13  ? 8   ARG D C   1 
ATOM   461  O  O   . ARG D 1 8  ? -6.000  6.882   9.817   1.00 37.35  ? 8   ARG D O   1 
ATOM   462  C  CB  . ARG D 1 8  ? -5.858  4.106   11.518  1.00 44.86  ? 8   ARG D CB  1 
ATOM   463  C  CG  . ARG D 1 8  ? -6.211  2.665   11.741  1.00 59.40  ? 8   ARG D CG  1 
ATOM   464  C  CD  . ARG D 1 8  ? -7.646  2.415   11.462  1.00 64.16  ? 8   ARG D CD  1 
ATOM   465  N  NE  . ARG D 1 8  ? -8.296  1.813   12.620  1.00 78.94  ? 8   ARG D NE  1 
ATOM   466  C  CZ  . ARG D 1 8  ? -8.550  2.458   13.751  1.00 81.78  ? 8   ARG D CZ  1 
ATOM   467  N  NH1 . ARG D 1 8  ? -8.208  3.731   13.883  1.00 96.84  ? 8   ARG D NH1 1 
ATOM   468  N  NH2 . ARG D 1 8  ? -9.153  1.836   14.751  1.00 80.46  ? 8   ARG D NH2 1 
ATOM   469  N  N   . GLU D 1 9  ? -3.987  6.308   10.573  1.00 35.48  ? 9   GLU D N   1 
ATOM   470  C  CA  . GLU D 1 9  ? -3.578  7.689   10.712  1.00 42.25  ? 9   GLU D CA  1 
ATOM   471  C  C   . GLU D 1 9  ? -3.409  8.376   9.373   1.00 45.72  ? 9   GLU D C   1 
ATOM   472  O  O   . GLU D 1 9  ? -3.745  9.542   9.237   1.00 45.10  ? 9   GLU D O   1 
ATOM   473  C  CB  . GLU D 1 9  ? -2.303  7.742   11.550  1.00 37.40  ? 9   GLU D CB  1 
ATOM   474  C  CG  . GLU D 1 9  ? -2.612  7.551   13.050  1.00 43.25  ? 9   GLU D CG  1 
ATOM   475  C  CD  . GLU D 1 9  ? -1.491  6.886   13.811  1.00 52.31  ? 9   GLU D CD  1 
ATOM   476  O  OE1 . GLU D 1 9  ? -0.312  7.088   13.451  1.00 40.52  ? 9   GLU D OE1 1 
ATOM   477  O  OE2 . GLU D 1 9  ? -1.791  6.167   14.786  1.00 59.07  ? 9   GLU D OE2 1 
ATOM   478  N  N   . LEU D 1 10 ? -2.900  7.653   8.380   1.00 40.61  ? 10  LEU D N   1 
ATOM   479  C  CA  . LEU D 1 10 ? -2.717  8.233   7.064   1.00 38.45  ? 10  LEU D CA  1 
ATOM   480  C  C   . LEU D 1 10 ? -4.091  8.543   6.466   1.00 36.29  ? 10  LEU D C   1 
ATOM   481  O  O   . LEU D 1 10 ? -4.302  9.615   5.919   1.00 40.42  ? 10  LEU D O   1 
ATOM   482  C  CB  . LEU D 1 10 ? -1.939  7.276   6.160   1.00 36.53  ? 10  LEU D CB  1 
ATOM   483  C  CG  . LEU D 1 10 ? -1.736  7.758   4.728   1.00 40.53  ? 10  LEU D CG  1 
ATOM   484  C  CD1 . LEU D 1 10 ? -1.099  9.132   4.729   1.00 42.24  ? 10  LEU D CD1 1 
ATOM   485  C  CD2 . LEU D 1 10 ? -0.858  6.741   3.977   1.00 34.94  ? 10  LEU D CD2 1 
ATOM   486  N  N   . ALA D 1 11 ? -5.036  7.626   6.598   1.00 39.20  ? 11  ALA D N   1 
ATOM   487  C  CA  . ALA D 1 11 ? -6.369  7.870   6.059   1.00 42.39  ? 11  ALA D CA  1 
ATOM   488  C  C   . ALA D 1 11 ? -7.014  9.075   6.754   1.00 46.73  ? 11  ALA D C   1 
ATOM   489  O  O   . ALA D 1 11 ? -7.617  9.911   6.100   1.00 46.63  ? 11  ALA D O   1 
ATOM   490  C  CB  . ALA D 1 11 ? -7.229  6.642   6.242   1.00 32.69  ? 11  ALA D CB  1 
ATOM   491  N  N   . ALA D 1 12 ? -6.889  9.156   8.081   1.00 51.51  ? 12  ALA D N   1 
ATOM   492  C  CA  . ALA D 1 12 ? -7.463  10.269  8.845   1.00 46.66  ? 12  ALA D CA  1 
ATOM   493  C  C   . ALA D 1 12 ? -6.913  11.605  8.358   1.00 45.93  ? 12  ALA D C   1 
ATOM   494  O  O   . ALA D 1 12 ? -7.646  12.577  8.263   1.00 48.99  ? 12  ALA D O   1 
ATOM   495  C  CB  . ALA D 1 12 ? -7.172  10.104  10.332  1.00 42.12  ? 12  ALA D CB  1 
ATOM   496  N  N   . ARG D 1 13 ? -5.632  11.644  8.008   1.00 47.41  ? 13  ARG D N   1 
ATOM   497  C  CA  . ARG D 1 13 ? -5.044  12.891  7.542   1.00 53.20  ? 13  ARG D CA  1 
ATOM   498  C  C   . ARG D 1 13 ? -5.499  13.246  6.133   1.00 60.26  ? 13  ARG D C   1 
ATOM   499  O  O   . ARG D 1 13 ? -5.710  14.415  5.809   1.00 58.92  ? 13  ARG D O   1 
ATOM   500  C  CB  . ARG D 1 13 ? -3.518  12.819  7.572   1.00 52.24  ? 13  ARG D CB  1 
ATOM   501  C  CG  . ARG D 1 13 ? -2.885  13.998  6.852   1.00 66.90  ? 13  ARG D CG  1 
ATOM   502  C  CD  . ARG D 1 13 ? -1.392  14.131  7.073   1.00 71.08  ? 13  ARG D CD  1 
ATOM   503  N  NE  . ARG D 1 13 ? -0.848  15.185  6.215   1.00 84.12  ? 13  ARG D NE  1 
ATOM   504  C  CZ  . ARG D 1 13 ? 0.416   15.598  6.225   1.00 82.45  ? 13  ARG D CZ  1 
ATOM   505  N  NH1 . ARG D 1 13 ? 1.296   15.057  7.056   1.00 81.55  ? 13  ARG D NH1 1 
ATOM   506  N  NH2 . ARG D 1 13 ? 0.807   16.546  5.385   1.00 78.69  ? 13  ARG D NH2 1 
ATOM   507  N  N   . ILE D 1 14 ? -5.638  12.230  5.297   1.00 60.45  ? 14  ILE D N   1 
ATOM   508  C  CA  . ILE D 1 14 ? -6.052  12.416  3.914   1.00 60.21  ? 14  ILE D CA  1 
ATOM   509  C  C   . ILE D 1 14 ? -7.435  13.032  3.807   1.00 63.67  ? 14  ILE D C   1 
ATOM   510  O  O   . ILE D 1 14 ? -7.669  13.863  2.931   1.00 62.61  ? 14  ILE D O   1 
ATOM   511  C  CB  . ILE D 1 14 ? -6.034  11.068  3.146   1.00 57.18  ? 14  ILE D CB  1 
ATOM   512  C  CG1 . ILE D 1 14 ? -4.589  10.673  2.843   1.00 55.04  ? 14  ILE D CG1 1 
ATOM   513  C  CG2 . ILE D 1 14 ? -6.873  11.155  1.873   1.00 68.36  ? 14  ILE D CG2 1 
ATOM   514  C  CD1 . ILE D 1 14 ? -3.808  11.755  2.141   1.00 48.74  ? 14  ILE D CD1 1 
ATOM   515  N  N   . LYS D 1 15 ? -8.352  12.640  4.687   1.00 60.35  ? 15  LYS D N   1 
ATOM   516  C  CA  . LYS D 1 15 ? -9.703  13.182  4.612   1.00 71.55  ? 15  LYS D CA  1 
ATOM   517  C  C   . LYS D 1 15 ? -10.000 14.275  5.623   1.00 77.41  ? 15  LYS D C   1 
ATOM   518  O  O   . LYS D 1 15 ? -9.104  14.586  6.437   1.00 83.42  ? 15  LYS D O   1 
ATOM   519  C  CB  . LYS D 1 15 ? -10.731 12.070  4.771   1.00 73.65  ? 15  LYS D CB  1 
ATOM   520  C  CG  . LYS D 1 15 ? -10.977 11.636  6.190   1.00 72.29  ? 15  LYS D CG  1 
ATOM   521  C  CD  . LYS D 1 15 ? -12.096 10.610  6.200   1.00 87.83  ? 15  LYS D CD  1 
ATOM   522  C  CE  . LYS D 1 15 ? -12.487 10.199  7.605   1.00 94.41  ? 15  LYS D CE  1 
ATOM   523  N  NZ  . LYS D 1 15 ? -13.622 9.229   7.587   1.00 100.82 ? 15  LYS D NZ  1 
HETATM 524  N  N   . NH2 D 1 16 ? -11.203 14.836  5.582   1.00 77.17  ? 16  NH2 D N   1 
HETATM 525  O  O1  . ZJU E 1 1  ? -8.935  -6.972  9.654   1.00 92.34  ? 1   ZJU E O1  1 
HETATM 526  C  C1  . ZJU E 1 1  ? -10.101 -7.201  10.042  1.00 87.92  ? 1   ZJU E C1  1 
HETATM 527  O  O2  . ZJU E 1 1  ? -10.397 -8.179  10.760  1.00 93.64  ? 1   ZJU E O2  1 
HETATM 528  C  C2  . ZJU E 1 1  ? -11.203 -6.248  9.620   1.00 88.23  ? 1   ZJU E C2  1 
HETATM 529  C  C3  . ZJU E 1 1  ? -11.804 -5.469  10.782  1.00 84.65  ? 1   ZJU E C3  1 
HETATM 530  C  C4  . ZJU E 1 1  ? -11.933 -3.990  10.474  1.00 81.30  ? 1   ZJU E C4  1 
HETATM 531  O  O3  . ZJU E 1 1  ? -11.272 -3.483  9.566   1.00 61.49  ? 1   ZJU E O3  1 
HETATM 532  N  N   . ZJU E 1 1  ? -13.038 -3.381  10.903  1.00 87.60  ? 1   ZJU E N   1 
HETATM 533  C  CA  . ZJU E 1 1  ? -13.846 -2.507  10.002  1.00 82.22  ? 1   ZJU E CA  1 
HETATM 534  C  CB  . ZJU E 1 1  ? -15.264 -2.356  10.543  1.00 92.47  ? 1   ZJU E CB  1 
HETATM 535  C  CG  . ZJU E 1 1  ? -16.242 -1.909  9.480   1.00 102.40 ? 1   ZJU E CG  1 
HETATM 536  O  OD2 . ZJU E 1 1  ? -15.836 -1.834  8.299   1.00 104.61 ? 1   ZJU E OD2 1 
HETATM 537  O  OD1 . ZJU E 1 1  ? -17.416 -1.641  9.821   1.00 107.02 ? 1   ZJU E OD1 1 
HETATM 538  C  C   . ZJU E 1 1  ? -13.202 -1.126  9.842   1.00 77.46  ? 1   ZJU E C   1 
HETATM 539  O  O   . ZJU E 1 1  ? -13.129 -0.603  8.732   1.00 80.17  ? 1   ZJU E O   1 
ATOM   540  N  N   . GLU E 1 2  ? -12.729 -0.541  10.941  1.00 62.41  ? 2   GLU E N   1 
ATOM   541  C  CA  . GLU E 1 2  ? -12.073 0.765   10.886  1.00 57.51  ? 2   GLU E CA  1 
ATOM   542  C  C   . GLU E 1 2  ? -10.822 0.686   10.029  1.00 48.71  ? 2   GLU E C   1 
ATOM   543  O  O   . GLU E 1 2  ? -10.486 1.627   9.320   1.00 46.65  ? 2   GLU E O   1 
ATOM   544  C  CB  . GLU E 1 2  ? -11.718 1.257   12.291  1.00 63.04  ? 2   GLU E CB  1 
ATOM   545  C  CG  . GLU E 1 2  ? -12.945 1.609   13.097  1.00 78.76  ? 2   GLU E CG  1 
ATOM   546  C  CD  . GLU E 1 2  ? -13.817 2.624   12.382  1.00 87.61  ? 2   GLU E CD  1 
ATOM   547  O  OE1 . GLU E 1 2  ? -13.403 3.797   12.284  1.00 99.16  ? 2   GLU E OE1 1 
ATOM   548  O  OE2 . GLU E 1 2  ? -14.909 2.247   11.903  1.00 96.46  ? 2   GLU E OE2 1 
ATOM   549  N  N   . LEU E 1 3  ? -10.126 -0.438  10.097  1.00 40.23  ? 3   LEU E N   1 
ATOM   550  C  CA  . LEU E 1 3  ? -8.964  -0.604  9.271   1.00 41.38  ? 3   LEU E CA  1 
ATOM   551  C  C   . LEU E 1 3  ? -9.436  -0.814  7.809   1.00 46.91  ? 3   LEU E C   1 
ATOM   552  O  O   . LEU E 1 3  ? -8.803  -0.330  6.868   1.00 48.68  ? 3   LEU E O   1 
ATOM   553  C  CB  . LEU E 1 3  ? -8.145  -1.792  9.749   1.00 37.04  ? 3   LEU E CB  1 
ATOM   554  C  CG  . LEU E 1 3  ? -6.996  -2.130  8.793   1.00 43.50  ? 3   LEU E CG  1 
ATOM   555  C  CD1 . LEU E 1 3  ? -6.098  -0.912  8.575   1.00 38.08  ? 3   LEU E CD1 1 
ATOM   556  C  CD2 . LEU E 1 3  ? -6.204  -3.306  9.359   1.00 39.83  ? 3   LEU E CD2 1 
ATOM   557  N  N   . GLU E 1 4  ? -10.548 -1.523  7.615   1.00 45.56  ? 4   GLU E N   1 
ATOM   558  C  CA  . GLU E 1 4  ? -11.059 -1.741  6.255   1.00 45.50  ? 4   GLU E CA  1 
ATOM   559  C  C   . GLU E 1 4  ? -11.490 -0.407  5.664   1.00 38.01  ? 4   GLU E C   1 
ATOM   560  O  O   . GLU E 1 4  ? -11.232 -0.118  4.505   1.00 42.61  ? 4   GLU E O   1 
ATOM   561  C  CB  . GLU E 1 4  ? -12.240 -2.709  6.264   1.00 47.71  ? 4   GLU E CB  1 
ATOM   562  C  CG  . GLU E 1 4  ? -11.850 -4.112  6.643   1.00 56.46  ? 4   GLU E CG  1 
ATOM   563  C  CD  . GLU E 1 4  ? -13.051 -5.034  6.826   1.00 76.09  ? 4   GLU E CD  1 
ATOM   564  O  OE1 . GLU E 1 4  ? -12.863 -6.157  7.349   1.00 74.53  ? 4   GLU E OE1 1 
ATOM   565  O  OE2 . GLU E 1 4  ? -14.178 -4.639  6.442   1.00 80.65  ? 4   GLU E OE2 1 
ATOM   566  N  N   . ARG E 1 5  ? -12.119 0.424   6.481   1.00 43.31  ? 5   ARG E N   1 
ATOM   567  C  CA  . ARG E 1 5  ? -12.566 1.732   6.020   1.00 46.05  ? 5   ARG E CA  1 
ATOM   568  C  C   . ARG E 1 5  ? -11.371 2.599   5.615   1.00 45.37  ? 5   ARG E C   1 
ATOM   569  O  O   . ARG E 1 5  ? -11.412 3.311   4.613   1.00 45.41  ? 5   ARG E O   1 
ATOM   570  C  CB  . ARG E 1 5  ? -13.372 2.416   7.127   1.00 48.49  ? 5   ARG E CB  1 
ATOM   571  C  CG  . ARG E 1 5  ? -13.809 3.826   6.788   1.00 65.11  ? 5   ARG E CG  1 
ATOM   572  C  CD  . ARG E 1 5  ? -14.272 4.617   8.022   1.00 81.02  ? 5   ARG E CD  1 
ATOM   573  N  NE  . ARG E 1 5  ? -15.712 4.532   8.293   1.00 88.98  ? 5   ARG E NE  1 
ATOM   574  C  CZ  . ARG E 1 5  ? -16.331 3.494   8.857   1.00 95.02  ? 5   ARG E CZ  1 
ATOM   575  N  NH1 . ARG E 1 5  ? -15.652 2.411   9.225   1.00 89.37  ? 5   ARG E NH1 1 
ATOM   576  N  NH2 . ARG E 1 5  ? -17.641 3.549   9.075   1.00 90.51  ? 5   ARG E NH2 1 
ATOM   577  N  N   . ALA E 1 6  ? -10.291 2.529   6.383   1.00 41.00  ? 6   ALA E N   1 
ATOM   578  C  CA  . ALA E 1 6  ? -9.105  3.325   6.082   1.00 34.55  ? 6   ALA E CA  1 
ATOM   579  C  C   . ALA E 1 6  ? -8.443  2.831   4.789   1.00 39.11  ? 6   ALA E C   1 
ATOM   580  O  O   . ALA E 1 6  ? -8.006  3.621   3.973   1.00 40.42  ? 6   ALA E O   1 
ATOM   581  C  CB  . ALA E 1 6  ? -8.101  3.253   7.269   1.00 37.96  ? 6   ALA E CB  1 
ATOM   582  N  N   . ILE E 1 7  ? -8.355  1.519   4.592   1.00 32.46  ? 7   ILE E N   1 
ATOM   583  C  CA  . ILE E 1 7  ? -7.730  1.024   3.375   1.00 33.55  ? 7   ILE E CA  1 
ATOM   584  C  C   . ILE E 1 7  ? -8.565  1.427   2.140   1.00 33.38  ? 7   ILE E C   1 
ATOM   585  O  O   . ILE E 1 7  ? -8.023  1.764   1.103   1.00 35.07  ? 7   ILE E O   1 
ATOM   586  C  CB  . ILE E 1 7  ? -7.570  -0.507  3.440   1.00 34.14  ? 7   ILE E CB  1 
ATOM   587  C  CG1 . ILE E 1 7  ? -6.571  -0.864  4.570   1.00 31.37  ? 7   ILE E CG1 1 
ATOM   588  C  CG2 . ILE E 1 7  ? -7.098  -1.027  2.083   1.00 31.01  ? 7   ILE E CG2 1 
ATOM   589  C  CD1 . ILE E 1 7  ? -6.481  -2.340  4.917   1.00 35.65  ? 7   ILE E CD1 1 
ATOM   590  N  N   . ARG E 1 8  ? -9.884  1.407   2.288   1.00 32.83  ? 8   ARG E N   1 
ATOM   591  C  CA  . ARG E 1 8  ? -10.811 1.770   1.214   1.00 41.71  ? 8   ARG E CA  1 
ATOM   592  C  C   . ARG E 1 8  ? -10.658 3.232   0.842   1.00 46.66  ? 8   ARG E C   1 
ATOM   593  O  O   . ARG E 1 8  ? -10.723 3.591   -0.342  1.00 45.65  ? 8   ARG E O   1 
ATOM   594  C  CB  . ARG E 1 8  ? -12.239 1.511   1.663   1.00 49.24  ? 8   ARG E CB  1 
ATOM   595  C  CG  . ARG E 1 8  ? -13.289 1.718   0.601   1.00 67.08  ? 8   ARG E CG  1 
ATOM   596  C  CD  . ARG E 1 8  ? -14.607 1.184   1.115   1.00 74.80  ? 8   ARG E CD  1 
ATOM   597  N  NE  . ARG E 1 8  ? -14.392 -0.098  1.784   1.00 83.99  ? 8   ARG E NE  1 
ATOM   598  C  CZ  . ARG E 1 8  ? -15.360 -0.878  2.251   1.00 94.18  ? 8   ARG E CZ  1 
ATOM   599  N  NH1 . ARG E 1 8  ? -16.631 -0.516  2.125   1.00 96.95  ? 8   ARG E NH1 1 
ATOM   600  N  NH2 . ARG E 1 8  ? -15.057 -2.023  2.842   1.00 92.78  ? 8   ARG E NH2 1 
ATOM   601  N  N   . GLU E 1 9  ? -10.423 4.078   1.849   1.00 36.30  ? 9   GLU E N   1 
ATOM   602  C  CA  . GLU E 1 9  ? -10.257 5.510   1.613   1.00 41.16  ? 9   GLU E CA  1 
ATOM   603  C  C   . GLU E 1 9  ? -8.935  5.754   0.900   1.00 38.75  ? 9   GLU E C   1 
ATOM   604  O  O   . GLU E 1 9  ? -8.841  6.609   0.016   1.00 38.09  ? 9   GLU E O   1 
ATOM   605  C  CB  . GLU E 1 9  ? -10.350 6.276   2.955   1.00 40.96  ? 9   GLU E CB  1 
ATOM   606  C  CG  . GLU E 1 9  ? -11.769 6.123   3.587   1.00 58.82  ? 9   GLU E CG  1 
ATOM   607  C  CD  . GLU E 1 9  ? -11.949 6.761   4.972   1.00 62.06  ? 9   GLU E CD  1 
ATOM   608  O  OE1 . GLU E 1 9  ? -13.102 6.771   5.464   1.00 66.29  ? 9   GLU E OE1 1 
ATOM   609  O  OE2 . GLU E 1 9  ? -10.964 7.242   5.572   1.00 62.70  ? 9   GLU E OE2 1 
ATOM   610  N  N   . LEU E 1 10 ? -7.903  4.994   1.254   1.00 33.38  ? 10  LEU E N   1 
ATOM   611  C  CA  . LEU E 1 10 ? -6.616  5.151   0.571   1.00 39.03  ? 10  LEU E CA  1 
ATOM   612  C  C   . LEU E 1 10 ? -6.677  4.622   -0.867  1.00 41.09  ? 10  LEU E C   1 
ATOM   613  O  O   . LEU E 1 10 ? -6.020  5.150   -1.788  1.00 37.81  ? 10  LEU E O   1 
ATOM   614  C  CB  . LEU E 1 10 ? -5.520  4.405   1.342   1.00 42.18  ? 10  LEU E CB  1 
ATOM   615  C  CG  . LEU E 1 10 ? -5.320  5.062   2.715   1.00 50.92  ? 10  LEU E CG  1 
ATOM   616  C  CD1 . LEU E 1 10 ? -4.520  4.175   3.619   1.00 55.15  ? 10  LEU E CD1 1 
ATOM   617  C  CD2 . LEU E 1 10 ? -4.630  6.411   2.532   1.00 48.11  ? 10  LEU E CD2 1 
ATOM   618  N  N   . ALA E 1 11 ? -7.433  3.548   -1.048  1.00 39.10  ? 11  ALA E N   1 
ATOM   619  C  CA  . ALA E 1 11 ? -7.595  2.944   -2.373  1.00 36.99  ? 11  ALA E CA  1 
ATOM   620  C  C   . ALA E 1 11 ? -8.369  3.922   -3.288  1.00 36.27  ? 11  ALA E C   1 
ATOM   621  O  O   . ALA E 1 11 ? -7.988  4.129   -4.439  1.00 37.21  ? 11  ALA E O   1 
ATOM   622  C  CB  . ALA E 1 11 ? -8.340  1.598   -2.239  1.00 35.53  ? 11  ALA E CB  1 
ATOM   623  N  N   . ALA E 1 12 ? -9.443  4.516   -2.777  1.00 37.79  ? 12  ALA E N   1 
ATOM   624  C  CA  . ALA E 1 12 ? -10.243 5.485   -3.553  1.00 35.72  ? 12  ALA E CA  1 
ATOM   625  C  C   . ALA E 1 12 ? -9.351  6.664   -3.919  1.00 41.22  ? 12  ALA E C   1 
ATOM   626  O  O   . ALA E 1 12 ? -9.415  7.199   -5.023  1.00 42.80  ? 12  ALA E O   1 
ATOM   627  C  CB  . ALA E 1 12 ? -11.426 5.976   -2.721  1.00 37.02  ? 12  ALA E CB  1 
ATOM   628  N  N   . ARG E 1 13 ? -8.491  7.045   -2.986  1.00 41.33  ? 13  ARG E N   1 
ATOM   629  C  CA  . ARG E 1 13 ? -7.582  8.160   -3.196  1.00 40.32  ? 13  ARG E CA  1 
ATOM   630  C  C   . ARG E 1 13 ? -6.627  7.883   -4.357  1.00 42.76  ? 13  ARG E C   1 
ATOM   631  O  O   . ARG E 1 13 ? -6.377  8.754   -5.185  1.00 39.70  ? 13  ARG E O   1 
ATOM   632  C  CB  . ARG E 1 13 ? -6.786  8.396   -1.911  1.00 48.80  ? 13  ARG E CB  1 
ATOM   633  C  CG  . ARG E 1 13 ? -5.849  9.546   -1.971  1.00 50.28  ? 13  ARG E CG  1 
ATOM   634  C  CD  . ARG E 1 13 ? -6.593  10.858  -1.866  1.00 42.20  ? 13  ARG E CD  1 
ATOM   635  N  NE  . ARG E 1 13 ? -5.644  11.962  -1.916  1.00 59.27  ? 13  ARG E NE  1 
ATOM   636  C  CZ  . ARG E 1 13 ? -5.863  13.144  -1.359  1.00 68.54  ? 13  ARG E CZ  1 
ATOM   637  N  NH1 . ARG E 1 13 ? -7.007  13.372  -0.714  1.00 59.33  ? 13  ARG E NH1 1 
ATOM   638  N  NH2 . ARG E 1 13 ? -4.928  14.082  -1.425  1.00 68.87  ? 13  ARG E NH2 1 
ATOM   639  N  N   . ILE E 1 14 ? -6.094  6.665   -4.419  1.00 37.85  ? 14  ILE E N   1 
ATOM   640  C  CA  . ILE E 1 14 ? -5.140  6.288   -5.478  1.00 37.72  ? 14  ILE E CA  1 
ATOM   641  C  C   . ILE E 1 14 ? -5.784  6.237   -6.861  1.00 39.29  ? 14  ILE E C   1 
ATOM   642  O  O   . ILE E 1 14 ? -5.239  6.715   -7.862  1.00 46.29  ? 14  ILE E O   1 
ATOM   643  C  CB  . ILE E 1 14 ? -4.529  4.876   -5.198  1.00 42.49  ? 14  ILE E CB  1 
ATOM   644  C  CG1 . ILE E 1 14 ? -3.545  4.928   -4.030  1.00 50.53  ? 14  ILE E CG1 1 
ATOM   645  C  CG2 . ILE E 1 14 ? -3.825  4.389   -6.405  1.00 42.24  ? 14  ILE E CG2 1 
ATOM   646  C  CD1 . ILE E 1 14 ? -2.859  3.592   -3.740  1.00 52.59  ? 14  ILE E CD1 1 
ATOM   647  N  N   . LYS E 1 15 ? -6.943  5.610   -6.893  1.00 37.06  ? 15  LYS E N   1 
ATOM   648  C  CA  . LYS E 1 15 ? -7.718  5.419   -8.098  1.00 47.25  ? 15  LYS E CA  1 
ATOM   649  C  C   . LYS E 1 15 ? -8.252  6.767   -8.584  1.00 53.35  ? 15  LYS E C   1 
ATOM   650  O  O   . LYS E 1 15 ? -8.414  6.919   -9.812  1.00 51.78  ? 15  LYS E O   1 
ATOM   651  C  CB  . LYS E 1 15 ? -8.845  4.426   -7.786  1.00 48.71  ? 15  LYS E CB  1 
ATOM   652  C  CG  . LYS E 1 15 ? -9.754  4.079   -8.950  1.00 69.38  ? 15  LYS E CG  1 
ATOM   653  C  CD  . LYS E 1 15 ? -11.106 4.746   -8.794  1.00 82.99  ? 15  LYS E CD  1 
ATOM   654  C  CE  . LYS E 1 15 ? -11.761 4.345   -7.476  1.00 89.28  ? 15  LYS E CE  1 
ATOM   655  N  NZ  . LYS E 1 15 ? -11.885 2.862   -7.357  1.00 93.14  ? 15  LYS E NZ  1 
HETATM 656  N  N   . NH2 E 1 16 ? -8.492  7.716   -7.686  1.00 47.12  ? 16  NH2 E N   1 
HETATM 657  O  O1  . ZJU F 1 1  ? -19.248 -9.423  0.247   1.00 97.62  ? 1   ZJU F O1  1 
HETATM 658  C  C1  . ZJU F 1 1  ? -19.105 -10.287 -0.640  1.00 96.02  ? 1   ZJU F C1  1 
HETATM 659  O  O2  . ZJU F 1 1  ? -18.749 -11.458 -0.390  1.00 97.73  ? 1   ZJU F O2  1 
HETATM 660  C  C2  . ZJU F 1 1  ? -19.372 -9.896  -2.087  1.00 96.23  ? 1   ZJU F C2  1 
HETATM 661  C  C3  . ZJU F 1 1  ? -19.793 -8.436  -2.242  1.00 91.76  ? 1   ZJU F C3  1 
HETATM 662  C  C4  . ZJU F 1 1  ? -18.680 -7.551  -2.773  1.00 85.85  ? 1   ZJU F C4  1 
HETATM 663  O  O3  . ZJU F 1 1  ? -17.967 -6.927  -1.985  1.00 81.06  ? 1   ZJU F O3  1 
HETATM 664  N  N   . ZJU F 1 1  ? -18.714 -7.294  -4.082  1.00 82.21  ? 1   ZJU F N   1 
HETATM 665  C  CA  . ZJU F 1 1  ? -17.665 -6.477  -4.774  1.00 70.63  ? 1   ZJU F CA  1 
HETATM 666  C  CB  . ZJU F 1 1  ? -17.662 -5.051  -4.218  1.00 83.73  ? 1   ZJU F CB  1 
HETATM 667  C  CG  . ZJU F 1 1  ? -16.599 -4.175  -4.856  1.00 84.23  ? 1   ZJU F CG  1 
HETATM 668  O  OD2 . ZJU F 1 1  ? -16.049 -4.563  -5.909  1.00 95.05  ? 1   ZJU F OD2 1 
HETATM 669  O  OD1 . ZJU F 1 1  ? -16.319 -3.089  -4.307  1.00 88.80  ? 1   ZJU F OD1 1 
HETATM 670  C  C   . ZJU F 1 1  ? -16.283 -7.100  -4.596  1.00 65.93  ? 1   ZJU F C   1 
HETATM 671  O  O   . ZJU F 1 1  ? -15.890 -7.467  -3.491  1.00 59.50  ? 1   ZJU F O   1 
ATOM   672  N  N   . GLU F 1 2  ? -15.544 -7.223  -5.691  1.00 53.74  ? 2   GLU F N   1 
ATOM   673  C  CA  . GLU F 1 2  ? -14.224 -7.812  -5.626  1.00 59.39  ? 2   GLU F CA  1 
ATOM   674  C  C   . GLU F 1 2  ? -13.199 -6.919  -4.929  1.00 51.47  ? 2   GLU F C   1 
ATOM   675  O  O   . GLU F 1 2  ? -12.272 -7.425  -4.317  1.00 49.07  ? 2   GLU F O   1 
ATOM   676  C  CB  . GLU F 1 2  ? -13.728 -8.173  -7.027  1.00 71.75  ? 2   GLU F CB  1 
ATOM   677  C  CG  . GLU F 1 2  ? -14.471 -9.349  -7.635  1.00 89.00  ? 2   GLU F CG  1 
ATOM   678  C  CD  . GLU F 1 2  ? -14.813 -10.412 -6.597  1.00 101.52 ? 2   GLU F CD  1 
ATOM   679  O  OE1 . GLU F 1 2  ? -13.889 -10.922 -5.918  1.00 106.88 ? 2   GLU F OE1 1 
ATOM   680  O  OE2 . GLU F 1 2  ? -16.013 -10.735 -6.461  1.00 99.36  ? 2   GLU F OE2 1 
ATOM   681  N  N   . LEU F 1 3  ? -13.355 -5.602  -5.025  1.00 51.84  ? 3   LEU F N   1 
ATOM   682  C  CA  . LEU F 1 3  ? -12.409 -4.712  -4.366  1.00 51.22  ? 3   LEU F CA  1 
ATOM   683  C  C   . LEU F 1 3  ? -12.645 -4.787  -2.856  1.00 46.72  ? 3   LEU F C   1 
ATOM   684  O  O   . LEU F 1 3  ? -11.696 -4.877  -2.069  1.00 43.74  ? 3   LEU F O   1 
ATOM   685  C  CB  . LEU F 1 3  ? -12.558 -3.272  -4.868  1.00 44.65  ? 3   LEU F CB  1 
ATOM   686  C  CG  . LEU F 1 3  ? -11.506 -2.299  -4.304  1.00 52.76  ? 3   LEU F CG  1 
ATOM   687  C  CD1 . LEU F 1 3  ? -10.130 -2.673  -4.820  1.00 55.29  ? 3   LEU F CD1 1 
ATOM   688  C  CD2 . LEU F 1 3  ? -11.848 -0.858  -4.702  1.00 55.75  ? 3   LEU F CD2 1 
ATOM   689  N  N   . GLU F 1 4  ? -13.908 -4.793  -2.455  1.00 46.71  ? 4   GLU F N   1 
ATOM   690  C  CA  . GLU F 1 4  ? -14.242 -4.871  -1.043  1.00 49.11  ? 4   GLU F CA  1 
ATOM   691  C  C   . GLU F 1 4  ? -13.726 -6.158  -0.425  1.00 55.26  ? 4   GLU F C   1 
ATOM   692  O  O   . GLU F 1 4  ? -13.229 -6.155  0.698   1.00 54.72  ? 4   GLU F O   1 
ATOM   693  C  CB  . GLU F 1 4  ? -15.755 -4.764  -0.838  1.00 62.10  ? 4   GLU F CB  1 
ATOM   694  C  CG  . GLU F 1 4  ? -16.246 -3.367  -0.479  1.00 77.89  ? 4   GLU F CG  1 
ATOM   695  C  CD  . GLU F 1 4  ? -17.766 -3.292  -0.372  1.00 90.85  ? 4   GLU F CD  1 
ATOM   696  O  OE1 . GLU F 1 4  ? -18.382 -4.283  0.079   1.00 92.09  ? 4   GLU F OE1 1 
ATOM   697  O  OE2 . GLU F 1 4  ? -18.344 -2.241  -0.729  1.00 89.08  ? 4   GLU F OE2 1 
ATOM   698  N  N   . ARG F 1 5  ? -13.810 -7.263  -1.155  1.00 46.15  ? 5   ARG F N   1 
ATOM   699  C  CA  . ARG F 1 5  ? -13.343 -8.537  -0.619  1.00 44.76  ? 5   ARG F CA  1 
ATOM   700  C  C   . ARG F 1 5  ? -11.822 -8.576  -0.561  1.00 41.65  ? 5   ARG F C   1 
ATOM   701  O  O   . ARG F 1 5  ? -11.245 -9.194  0.327   1.00 46.48  ? 5   ARG F O   1 
ATOM   702  C  CB  . ARG F 1 5  ? -13.874 -9.710  -1.464  1.00 58.11  ? 5   ARG F CB  1 
ATOM   703  C  CG  . ARG F 1 5  ? -15.211 -10.289 -0.980  1.00 69.06  ? 5   ARG F CG  1 
ATOM   704  C  CD  . ARG F 1 5  ? -15.819 -11.303 -1.967  1.00 62.22  ? 5   ARG F CD  1 
ATOM   705  N  NE  . ARG F 1 5  ? -16.442 -10.618 -3.093  1.00 86.19  ? 5   ARG F NE  1 
ATOM   706  C  CZ  . ARG F 1 5  ? -17.330 -11.166 -3.918  1.00 89.15  ? 5   ARG F CZ  1 
ATOM   707  N  NH1 . ARG F 1 5  ? -17.713 -12.428 -3.753  1.00 90.55  ? 5   ARG F NH1 1 
ATOM   708  N  NH2 . ARG F 1 5  ? -17.850 -10.438 -4.897  1.00 84.58  ? 5   ARG F NH2 1 
ATOM   709  N  N   . ALA F 1 6  ? -11.168 -7.929  -1.513  1.00 45.54  ? 6   ALA F N   1 
ATOM   710  C  CA  . ALA F 1 6  ? -9.706  -7.890  -1.527  1.00 43.90  ? 6   ALA F CA  1 
ATOM   711  C  C   . ALA F 1 6  ? -9.234  -7.097  -0.304  1.00 42.85  ? 6   ALA F C   1 
ATOM   712  O  O   . ALA F 1 6  ? -8.276  -7.477  0.372   1.00 46.26  ? 6   ALA F O   1 
ATOM   713  C  CB  . ALA F 1 6  ? -9.221  -7.210  -2.774  1.00 34.23  ? 6   ALA F CB  1 
ATOM   714  N  N   . ILE F 1 7  ? -9.931  -6.002  -0.021  1.00 38.28  ? 7   ILE F N   1 
ATOM   715  C  CA  . ILE F 1 7  ? -9.572  -5.142  1.110   1.00 43.34  ? 7   ILE F CA  1 
ATOM   716  C  C   . ILE F 1 7  ? -9.787  -5.860  2.448   1.00 48.15  ? 7   ILE F C   1 
ATOM   717  O  O   . ILE F 1 7  ? -8.980  -5.732  3.378   1.00 38.10  ? 7   ILE F O   1 
ATOM   718  C  CB  . ILE F 1 7  ? -10.379 -3.816  1.049   1.00 43.17  ? 7   ILE F CB  1 
ATOM   719  C  CG1 . ILE F 1 7  ? -9.868  -2.990  -0.135  1.00 33.38  ? 7   ILE F CG1 1 
ATOM   720  C  CG2 . ILE F 1 7  ? -10.248 -3.023  2.382   1.00 38.39  ? 7   ILE F CG2 1 
ATOM   721  C  CD1 . ILE F 1 7  ? -10.715 -1.757  -0.427  1.00 38.91  ? 7   ILE F CD1 1 
ATOM   722  N  N   . ARG F 1 8  ? -10.876 -6.615  2.533   1.00 43.07  ? 8   ARG F N   1 
ATOM   723  C  CA  . ARG F 1 8  ? -11.213 -7.394  3.724   1.00 45.30  ? 8   ARG F CA  1 
ATOM   724  C  C   . ARG F 1 8  ? -10.088 -8.395  4.005   1.00 43.32  ? 8   ARG F C   1 
ATOM   725  O  O   . ARG F 1 8  ? -9.674  -8.560  5.151   1.00 50.41  ? 8   ARG F O   1 
ATOM   726  C  CB  . ARG F 1 8  ? -12.522 -8.144  3.487   1.00 58.75  ? 8   ARG F CB  1 
ATOM   727  C  CG  . ARG F 1 8  ? -13.124 -8.781  4.717   1.00 65.82  ? 8   ARG F CG  1 
ATOM   728  C  CD  . ARG F 1 8  ? -14.568 -8.313  4.847   1.00 87.77  ? 8   ARG F CD  1 
ATOM   729  N  NE  . ARG F 1 8  ? -15.339 -8.585  3.632   1.00 90.77  ? 8   ARG F NE  1 
ATOM   730  C  CZ  . ARG F 1 8  ? -16.138 -7.702  3.040   1.00 90.82  ? 8   ARG F CZ  1 
ATOM   731  N  NH1 . ARG F 1 8  ? -16.271 -6.479  3.546   1.00 88.46  ? 8   ARG F NH1 1 
ATOM   732  N  NH2 . ARG F 1 8  ? -16.807 -8.046  1.946   1.00 85.71  ? 8   ARG F NH2 1 
ATOM   733  N  N   . GLU F 1 9  ? -9.576  -9.028  2.949   1.00 42.34  ? 9   GLU F N   1 
ATOM   734  C  CA  . GLU F 1 9  ? -8.477  -9.996  3.058   1.00 42.45  ? 9   GLU F CA  1 
ATOM   735  C  C   . GLU F 1 9  ? -7.174  -9.309  3.543   1.00 45.72  ? 9   GLU F C   1 
ATOM   736  O  O   . GLU F 1 9  ? -6.468  -9.841  4.398   1.00 44.78  ? 9   GLU F O   1 
ATOM   737  C  CB  . GLU F 1 9  ? -8.255  -10.674 1.694   1.00 44.00  ? 9   GLU F CB  1 
ATOM   738  C  CG  . GLU F 1 9  ? -7.078  -11.662 1.579   1.00 49.56  ? 9   GLU F CG  1 
ATOM   739  C  CD  . GLU F 1 9  ? -7.121  -12.807 2.592   1.00 56.92  ? 9   GLU F CD  1 
ATOM   740  O  OE1 . GLU F 1 9  ? -8.229  -13.169 3.051   1.00 64.29  ? 9   GLU F OE1 1 
ATOM   741  O  OE2 . GLU F 1 9  ? -6.039  -13.359 2.913   1.00 48.77  ? 9   GLU F OE2 1 
ATOM   742  N  N   . LEU F 1 10 ? -6.852  -8.143  2.990   1.00 42.01  ? 10  LEU F N   1 
ATOM   743  C  CA  . LEU F 1 10 ? -5.654  -7.396  3.416   1.00 44.06  ? 10  LEU F CA  1 
ATOM   744  C  C   . LEU F 1 10 ? -5.780  -6.966  4.894   1.00 41.73  ? 10  LEU F C   1 
ATOM   745  O  O   . LEU F 1 10 ? -4.824  -7.064  5.654   1.00 48.05  ? 10  LEU F O   1 
ATOM   746  C  CB  . LEU F 1 10 ? -5.434  -6.144  2.541   1.00 39.30  ? 10  LEU F CB  1 
ATOM   747  C  CG  . LEU F 1 10 ? -4.253  -5.206  2.935   1.00 36.83  ? 10  LEU F CG  1 
ATOM   748  C  CD1 . LEU F 1 10 ? -2.959  -5.973  2.909   1.00 31.14  ? 10  LEU F CD1 1 
ATOM   749  C  CD2 . LEU F 1 10 ? -4.186  -3.994  2.005   1.00 33.44  ? 10  LEU F CD2 1 
ATOM   750  N  N   . ALA F 1 11 ? -6.956  -6.505  5.299   1.00 35.05  ? 11  ALA F N   1 
ATOM   751  C  CA  . ALA F 1 11 ? -7.141  -6.061  6.679   1.00 43.99  ? 11  ALA F CA  1 
ATOM   752  C  C   . ALA F 1 11 ? -7.004  -7.234  7.643   1.00 50.28  ? 11  ALA F C   1 
ATOM   753  O  O   . ALA F 1 11 ? -6.431  -7.094  8.718   1.00 45.61  ? 11  ALA F O   1 
ATOM   754  C  CB  . ALA F 1 11 ? -8.493  -5.395  6.841   1.00 36.59  ? 11  ALA F CB  1 
ATOM   755  N  N   . ALA F 1 12 ? -7.538  -8.387  7.254   1.00 44.80  ? 12  ALA F N   1 
ATOM   756  C  CA  . ALA F 1 12 ? -7.431  -9.597  8.071   1.00 46.08  ? 12  ALA F CA  1 
ATOM   757  C  C   . ALA F 1 12 ? -5.965  -10.013 8.211   1.00 45.31  ? 12  ALA F C   1 
ATOM   758  O  O   . ALA F 1 12 ? -5.536  -10.453 9.268   1.00 51.57  ? 12  ALA F O   1 
ATOM   759  C  CB  . ALA F 1 12 ? -8.219  -10.743 7.421   1.00 43.39  ? 12  ALA F CB  1 
ATOM   760  N  N   . ARG F 1 13 ? -5.204  -9.902  7.130   1.00 45.88  ? 13  ARG F N   1 
ATOM   761  C  CA  . ARG F 1 13 ? -3.799  -10.288 7.157   1.00 44.63  ? 13  ARG F CA  1 
ATOM   762  C  C   . ARG F 1 13 ? -2.983  -9.316  8.018   1.00 54.91  ? 13  ARG F C   1 
ATOM   763  O  O   . ARG F 1 13 ? -2.099  -9.726  8.767   1.00 51.15  ? 13  ARG F O   1 
ATOM   764  C  CB  . ARG F 1 13 ? -3.250  -10.317 5.740   1.00 41.45  ? 13  ARG F CB  1 
ATOM   765  C  CG  . ARG F 1 13 ? -2.660  -11.664 5.277   1.00 64.83  ? 13  ARG F CG  1 
ATOM   766  C  CD  . ARG F 1 13 ? -3.681  -12.806 5.259   1.00 53.64  ? 13  ARG F CD  1 
ATOM   767  N  NE  . ARG F 1 13 ? -4.086  -13.210 6.607   1.00 68.04  ? 13  ARG F NE  1 
ATOM   768  C  CZ  . ARG F 1 13 ? -5.328  -13.557 6.949   1.00 76.36  ? 13  ARG F CZ  1 
ATOM   769  N  NH1 . ARG F 1 13 ? -6.299  -13.555 6.038   1.00 66.99  ? 13  ARG F NH1 1 
ATOM   770  N  NH2 . ARG F 1 13 ? -5.602  -13.895 8.207   1.00 73.99  ? 13  ARG F NH2 1 
ATOM   771  N  N   . ILE F 1 14 ? -3.276  -8.026  7.904   1.00 48.38  ? 14  ILE F N   1 
ATOM   772  C  CA  . ILE F 1 14 ? -2.557  -7.024  8.694   1.00 38.72  ? 14  ILE F CA  1 
ATOM   773  C  C   . ILE F 1 14 ? -2.841  -7.247  10.164  1.00 43.07  ? 14  ILE F C   1 
ATOM   774  O  O   . ILE F 1 14 ? -1.921  -7.243  10.980  1.00 51.58  ? 14  ILE F O   1 
ATOM   775  C  CB  . ILE F 1 14 ? -2.979  -5.592  8.294   1.00 36.37  ? 14  ILE F CB  1 
ATOM   776  C  CG1 . ILE F 1 14 ? -2.417  -5.300  6.904   1.00 29.20  ? 14  ILE F CG1 1 
ATOM   777  C  CG2 . ILE F 1 14 ? -2.463  -4.557  9.335   1.00 34.97  ? 14  ILE F CG2 1 
ATOM   778  C  CD1 . ILE F 1 14 ? -2.880  -3.924  6.315   1.00 32.16  ? 14  ILE F CD1 1 
ATOM   779  N  N   . LYS F 1 15 ? -4.108  -7.451  10.501  1.00 39.11  ? 15  LYS F N   1 
ATOM   780  C  CA  . LYS F 1 15 ? -4.478  -7.676  11.889  1.00 47.81  ? 15  LYS F CA  1 
ATOM   781  C  C   . LYS F 1 15 ? -4.042  -9.037  12.415  1.00 53.78  ? 15  LYS F C   1 
ATOM   782  O  O   . LYS F 1 15 ? -4.177  -9.229  13.633  1.00 59.73  ? 15  LYS F O   1 
ATOM   783  C  CB  . LYS F 1 15 ? -5.972  -7.511  12.087  1.00 44.66  ? 15  LYS F CB  1 
ATOM   784  C  CG  . LYS F 1 15 ? -6.470  -6.078  11.925  1.00 52.67  ? 15  LYS F CG  1 
ATOM   785  C  CD  . LYS F 1 15 ? -7.948  -5.958  12.319  1.00 47.46  ? 15  LYS F CD  1 
ATOM   786  C  CE  . LYS F 1 15 ? -8.368  -4.511  12.391  1.00 58.79  ? 15  LYS F CE  1 
ATOM   787  N  NZ  . LYS F 1 15 ? -9.808  -4.361  12.676  1.00 68.60  ? 15  LYS F NZ  1 
HETATM 788  N  N   . NH2 F 1 16 ? -3.543  -9.936  11.574  1.00 59.30  ? 16  NH2 F N   1 
HETATM 789  O  O1  . ZJU G 1 1  ? -13.376 -7.898  -12.637 1.00 108.42 ? 1   ZJU G O1  1 
HETATM 790  C  C1  . ZJU G 1 1  ? -13.256 -7.515  -11.453 1.00 105.85 ? 1   ZJU G C1  1 
HETATM 791  O  O2  . ZJU G 1 1  ? -13.115 -8.306  -10.492 1.00 106.82 ? 1   ZJU G O2  1 
HETATM 792  C  C2  . ZJU G 1 1  ? -13.279 -6.018  -11.172 1.00 102.81 ? 1   ZJU G C2  1 
HETATM 793  C  C3  . ZJU G 1 1  ? -11.967 -5.506  -10.585 1.00 93.76  ? 1   ZJU G C3  1 
HETATM 794  C  C4  . ZJU G 1 1  ? -10.799 -5.674  -11.540 1.00 90.47  ? 1   ZJU G C4  1 
HETATM 795  O  O3  . ZJU G 1 1  ? -10.809 -6.575  -12.395 1.00 80.96  ? 1   ZJU G O3  1 
HETATM 796  N  N   . ZJU G 1 1  ? -9.692  -4.974  -11.282 1.00 79.01  ? 1   ZJU G N   1 
HETATM 797  C  CA  . ZJU G 1 1  ? -8.442  -5.297  -12.004 1.00 63.02  ? 1   ZJU G CA  1 
HETATM 798  C  CB  . ZJU G 1 1  ? -8.468  -4.664  -13.397 1.00 65.98  ? 1   ZJU G CB  1 
HETATM 799  C  CG  . ZJU G 1 1  ? -7.487  -5.328  -14.349 1.00 76.23  ? 1   ZJU G CG  1 
HETATM 800  O  OD2 . ZJU G 1 1  ? -7.541  -5.045  -15.572 1.00 83.44  ? 1   ZJU G OD2 1 
HETATM 801  O  OD1 . ZJU G 1 1  ? -6.658  -6.134  -13.867 1.00 65.49  ? 1   ZJU G OD1 1 
HETATM 802  C  C   . ZJU G 1 1  ? -7.107  -4.981  -11.311 1.00 48.80  ? 1   ZJU G C   1 
HETATM 803  O  O   . ZJU G 1 1  ? -6.732  -5.679  -10.391 1.00 43.74  ? 1   ZJU G O   1 
ATOM   804  N  N   . GLU G 1 2  ? -6.386  -3.959  -11.765 1.00 44.32  ? 2   GLU G N   1 
ATOM   805  C  CA  . GLU G 1 2  ? -5.066  -3.665  -11.201 1.00 47.11  ? 2   GLU G CA  1 
ATOM   806  C  C   . GLU G 1 2  ? -5.034  -3.363  -9.711  1.00 39.33  ? 2   GLU G C   1 
ATOM   807  O  O   . GLU G 1 2  ? -4.198  -3.901  -8.995  1.00 40.67  ? 2   GLU G O   1 
ATOM   808  C  CB  . GLU G 1 2  ? -4.373  -2.536  -11.979 1.00 34.37  ? 2   GLU G CB  1 
ATOM   809  C  CG  . GLU G 1 2  ? -3.888  -2.922  -13.365 1.00 46.84  ? 2   GLU G CG  1 
ATOM   810  C  CD  . GLU G 1 2  ? -4.941  -2.697  -14.445 1.00 63.83  ? 2   GLU G CD  1 
ATOM   811  O  OE1 . GLU G 1 2  ? -4.603  -2.868  -15.636 1.00 74.71  ? 2   GLU G OE1 1 
ATOM   812  O  OE2 . GLU G 1 2  ? -6.100  -2.351  -14.109 1.00 61.89  ? 2   GLU G OE2 1 
ATOM   813  N  N   . LEU G 1 3  ? -5.963  -2.544  -9.240  1.00 39.31  ? 3   LEU G N   1 
ATOM   814  C  CA  . LEU G 1 3  ? -6.021  -2.177  -7.829  1.00 44.65  ? 3   LEU G CA  1 
ATOM   815  C  C   . LEU G 1 3  ? -6.370  -3.360  -6.921  1.00 43.38  ? 3   LEU G C   1 
ATOM   816  O  O   . LEU G 1 3  ? -5.739  -3.580  -5.899  1.00 45.97  ? 3   LEU G O   1 
ATOM   817  C  CB  . LEU G 1 3  ? -7.052  -1.055  -7.620  1.00 40.64  ? 3   LEU G CB  1 
ATOM   818  C  CG  . LEU G 1 3  ? -7.187  -0.512  -6.174  1.00 40.29  ? 3   LEU G CG  1 
ATOM   819  C  CD1 . LEU G 1 3  ? -5.874  0.119   -5.719  1.00 42.94  ? 3   LEU G CD1 1 
ATOM   820  C  CD2 . LEU G 1 3  ? -8.294  0.537   -6.125  1.00 48.31  ? 3   LEU G CD2 1 
ATOM   821  N  N   . GLU G 1 4  ? -7.397  -4.108  -7.289  1.00 43.84  ? 4   GLU G N   1 
ATOM   822  C  CA  . GLU G 1 4  ? -7.819  -5.265  -6.506  1.00 41.33  ? 4   GLU G CA  1 
ATOM   823  C  C   . GLU G 1 4  ? -6.665  -6.243  -6.397  1.00 40.25  ? 4   GLU G C   1 
ATOM   824  O  O   . GLU G 1 4  ? -6.359  -6.775  -5.325  1.00 41.65  ? 4   GLU G O   1 
ATOM   825  C  CB  . GLU G 1 4  ? -9.022  -5.951  -7.184  1.00 45.43  ? 4   GLU G CB  1 
ATOM   826  C  CG  . GLU G 1 4  ? -9.551  -7.198  -6.431  1.00 70.50  ? 4   GLU G CG  1 
ATOM   827  C  CD  . GLU G 1 4  ? -8.856  -8.512  -6.820  1.00 79.48  ? 4   GLU G CD  1 
ATOM   828  O  OE1 . GLU G 1 4  ? -7.684  -8.477  -7.254  1.00 91.43  ? 4   GLU G OE1 1 
ATOM   829  O  OE2 . GLU G 1 4  ? -9.476  -9.593  -6.679  1.00 68.44  ? 4   GLU G OE2 1 
ATOM   830  N  N   . ARG G 1 5  ? -6.001  -6.460  -7.517  1.00 32.34  ? 5   ARG G N   1 
ATOM   831  C  CA  . ARG G 1 5  ? -4.893  -7.399  -7.557  1.00 40.53  ? 5   ARG G CA  1 
ATOM   832  C  C   . ARG G 1 5  ? -3.698  -6.956  -6.698  1.00 41.06  ? 5   ARG G C   1 
ATOM   833  O  O   . ARG G 1 5  ? -3.104  -7.775  -5.993  1.00 35.40  ? 5   ARG G O   1 
ATOM   834  C  CB  . ARG G 1 5  ? -4.429  -7.608  -9.002  1.00 35.40  ? 5   ARG G CB  1 
ATOM   835  C  CG  . ARG G 1 5  ? -3.281  -8.606  -9.098  1.00 34.48  ? 5   ARG G CG  1 
ATOM   836  C  CD  . ARG G 1 5  ? -2.813  -8.720  -10.537 1.00 47.64  ? 5   ARG G CD  1 
ATOM   837  N  NE  . ARG G 1 5  ? -3.822  -9.337  -11.398 1.00 45.09  ? 5   ARG G NE  1 
ATOM   838  C  CZ  . ARG G 1 5  ? -4.406  -8.729  -12.433 1.00 58.23  ? 5   ARG G CZ  1 
ATOM   839  N  NH1 . ARG G 1 5  ? -4.086  -7.487  -12.748 1.00 46.62  ? 5   ARG G NH1 1 
ATOM   840  N  NH2 . ARG G 1 5  ? -5.337  -9.357  -13.145 1.00 50.58  ? 5   ARG G NH2 1 
ATOM   841  N  N   . ALA G 1 6  ? -3.330  -5.677  -6.774  1.00 44.85  ? 6   ALA G N   1 
ATOM   842  C  CA  . ALA G 1 6  ? -2.218  -5.141  -5.959  1.00 39.12  ? 6   ALA G CA  1 
ATOM   843  C  C   . ALA G 1 6  ? -2.541  -5.384  -4.484  1.00 38.00  ? 6   ALA G C   1 
ATOM   844  O  O   . ALA G 1 6  ? -1.706  -5.845  -3.722  1.00 39.48  ? 6   ALA G O   1 
ATOM   845  C  CB  . ALA G 1 6  ? -2.050  -3.632  -6.223  1.00 40.03  ? 6   ALA G CB  1 
ATOM   846  N  N   . ILE G 1 7  ? -3.776  -5.100  -4.088  1.00 32.47  ? 7   ILE G N   1 
ATOM   847  C  CA  . ILE G 1 7  ? -4.183  -5.299  -2.706  1.00 31.69  ? 7   ILE G CA  1 
ATOM   848  C  C   . ILE G 1 7  ? -4.084  -6.770  -2.272  1.00 50.64  ? 7   ILE G C   1 
ATOM   849  O  O   . ILE G 1 7  ? -3.630  -7.064  -1.147  1.00 38.67  ? 7   ILE G O   1 
ATOM   850  C  CB  . ILE G 1 7  ? -5.598  -4.757  -2.494  1.00 37.58  ? 7   ILE G CB  1 
ATOM   851  C  CG1 . ILE G 1 7  ? -5.564  -3.218  -2.614  1.00 37.09  ? 7   ILE G CG1 1 
ATOM   852  C  CG2 . ILE G 1 7  ? -6.126  -5.198  -1.118  1.00 35.60  ? 7   ILE G CG2 1 
ATOM   853  C  CD1 . ILE G 1 7  ? -6.928  -2.580  -2.691  1.00 43.89  ? 7   ILE G CD1 1 
ATOM   854  N  N   . ARG G 1 8  ? -4.471  -7.696  -3.161  1.00 44.27  ? 8   ARG G N   1 
ATOM   855  C  CA  . ARG G 1 8  ? -4.388  -9.127  -2.850  1.00 39.45  ? 8   ARG G CA  1 
ATOM   856  C  C   . ARG G 1 8  ? -2.949  -9.603  -2.859  1.00 27.46  ? 8   ARG G C   1 
ATOM   857  O  O   . ARG G 1 8  ? -2.568  -10.452 -2.054  1.00 37.29  ? 8   ARG G O   1 
ATOM   858  C  CB  . ARG G 1 8  ? -5.157  -9.980  -3.863  1.00 44.08  ? 8   ARG G CB  1 
ATOM   859  C  CG  . ARG G 1 8  ? -6.619  -10.057 -3.610  1.00 48.17  ? 8   ARG G CG  1 
ATOM   860  C  CD  . ARG G 1 8  ? -7.343  -10.873 -4.663  1.00 54.85  ? 8   ARG G CD  1 
ATOM   861  N  NE  . ARG G 1 8  ? -8.769  -10.775 -4.396  1.00 52.75  ? 8   ARG G NE  1 
ATOM   862  C  CZ  . ARG G 1 8  ? -9.361  -11.390 -3.379  1.00 48.54  ? 8   ARG G CZ  1 
ATOM   863  N  NH1 . ARG G 1 8  ? -8.649  -12.157 -2.566  1.00 47.63  ? 8   ARG G NH1 1 
ATOM   864  N  NH2 . ARG G 1 8  ? -10.647 -11.196 -3.148  1.00 54.26  ? 8   ARG G NH2 1 
ATOM   865  N  N   . GLU G 1 9  ? -2.148  -9.108  -3.789  1.00 32.59  ? 9   GLU G N   1 
ATOM   866  C  CA  . GLU G 1 9  ? -0.773  -9.574  -3.816  1.00 35.33  ? 9   GLU G CA  1 
ATOM   867  C  C   . GLU G 1 9  ? -0.020  -9.021  -2.598  1.00 42.71  ? 9   GLU G C   1 
ATOM   868  O  O   . GLU G 1 9  ? 0.958   -9.609  -2.130  1.00 39.97  ? 9   GLU G O   1 
ATOM   869  C  CB  . GLU G 1 9  ? -0.083  -9.178  -5.126  1.00 39.92  ? 9   GLU G CB  1 
ATOM   870  C  CG  . GLU G 1 9  ? -0.617  -9.897  -6.375  1.00 42.91  ? 9   GLU G CG  1 
ATOM   871  C  CD  . GLU G 1 9  ? -0.410  -11.413 -6.346  1.00 54.53  ? 9   GLU G CD  1 
ATOM   872  O  OE1 . GLU G 1 9  ? 0.454   -11.915 -5.586  1.00 48.84  ? 9   GLU G OE1 1 
ATOM   873  O  OE2 . GLU G 1 9  ? -1.111  -12.110 -7.105  1.00 56.92  ? 9   GLU G OE2 1 
ATOM   874  N  N   . LEU G 1 10 ? -0.497  -7.903  -2.066  1.00 40.77  ? 10  LEU G N   1 
ATOM   875  C  CA  . LEU G 1 10 ? 0.136   -7.305  -0.891  1.00 36.28  ? 10  LEU G CA  1 
ATOM   876  C  C   . LEU G 1 10 ? -0.243  -8.190  0.276   1.00 42.09  ? 10  LEU G C   1 
ATOM   877  O  O   . LEU G 1 10 ? 0.612   -8.631  1.039   1.00 39.19  ? 10  LEU G O   1 
ATOM   878  C  CB  . LEU G 1 10 ? -0.398  -5.890  -0.677  1.00 36.02  ? 10  LEU G CB  1 
ATOM   879  C  CG  . LEU G 1 10 ? 0.187   -5.089  0.484   1.00 44.13  ? 10  LEU G CG  1 
ATOM   880  C  CD1 . LEU G 1 10 ? 1.708   -5.088  0.424   1.00 47.72  ? 10  LEU G CD1 1 
ATOM   881  C  CD2 . LEU G 1 10 ? -0.370  -3.665  0.397   1.00 36.14  ? 10  LEU G CD2 1 
ATOM   882  N  N   . ALA G 1 11 ? -1.540  -8.456  0.401   1.00 36.77  ? 11  ALA G N   1 
ATOM   883  C  CA  . ALA G 1 11 ? -2.035  -9.312  1.459   1.00 33.98  ? 11  ALA G CA  1 
ATOM   884  C  C   . ALA G 1 11 ? -1.279  -10.630 1.517   1.00 46.02  ? 11  ALA G C   1 
ATOM   885  O  O   . ALA G 1 11 ? -0.963  -11.116 2.612   1.00 44.04  ? 11  ALA G O   1 
ATOM   886  C  CB  . ALA G 1 11 ? -3.531  -9.589  1.273   1.00 40.50  ? 11  ALA G CB  1 
ATOM   887  N  N   . ALA G 1 12 ? -0.984  -11.219 0.359   1.00 35.49  ? 12  ALA G N   1 
ATOM   888  C  CA  . ALA G 1 12 ? -0.240  -12.488 0.366   1.00 37.81  ? 12  ALA G CA  1 
ATOM   889  C  C   . ALA G 1 12 ? 1.162   -12.349 0.930   1.00 48.53  ? 12  ALA G C   1 
ATOM   890  O  O   . ALA G 1 12 ? 1.720   -13.327 1.411   1.00 45.04  ? 12  ALA G O   1 
ATOM   891  C  CB  . ALA G 1 12 ? -0.130  -13.062 -1.047  1.00 40.06  ? 12  ALA G CB  1 
ATOM   892  N  N   . ARG G 1 13 ? 1.747   -11.152 0.858   1.00 43.32  ? 13  ARG G N   1 
ATOM   893  C  CA  . ARG G 1 13 ? 3.117   -10.965 1.343   1.00 44.69  ? 13  ARG G CA  1 
ATOM   894  C  C   . ARG G 1 13 ? 3.205   -10.473 2.787   1.00 41.48  ? 13  ARG G C   1 
ATOM   895  O  O   . ARG G 1 13 ? 4.296   -10.395 3.338   1.00 51.53  ? 13  ARG G O   1 
ATOM   896  C  CB  . ARG G 1 13 ? 3.899   -10.003 0.425   1.00 36.08  ? 13  ARG G CB  1 
ATOM   897  C  CG  . ARG G 1 13 ? 4.310   -10.584 -0.935  1.00 48.46  ? 13  ARG G CG  1 
ATOM   898  C  CD  . ARG G 1 13 ? 5.446   -11.630 -0.832  1.00 49.74  ? 13  ARG G CD  1 
ATOM   899  N  NE  . ARG G 1 13 ? 6.774   -11.072 -0.494  1.00 39.04  ? 13  ARG G NE  1 
ATOM   900  C  CZ  . ARG G 1 13 ? 7.503   -10.310 -1.303  1.00 41.81  ? 13  ARG G CZ  1 
ATOM   901  N  NH1 . ARG G 1 13 ? 7.055   -9.995  -2.503  1.00 42.51  ? 13  ARG G NH1 1 
ATOM   902  N  NH2 . ARG G 1 13 ? 8.681   -9.851  -0.910  1.00 41.17  ? 13  ARG G NH2 1 
ATOM   903  N  N   . ILE G 1 14 ? 2.069   -10.153 3.402   1.00 39.08  ? 14  ILE G N   1 
ATOM   904  C  CA  . ILE G 1 14 ? 2.060   -9.656  4.779   1.00 48.21  ? 14  ILE G CA  1 
ATOM   905  C  C   . ILE G 1 14 ? 2.288   -10.830 5.721   1.00 55.31  ? 14  ILE G C   1 
ATOM   906  O  O   . ILE G 1 14 ? 1.567   -11.823 5.666   1.00 61.66  ? 14  ILE G O   1 
ATOM   907  C  CB  . ILE G 1 14 ? 0.715   -9.006  5.150   1.00 48.96  ? 14  ILE G CB  1 
ATOM   908  C  CG1 . ILE G 1 14 ? 0.493   -7.721  4.345   1.00 53.12  ? 14  ILE G CG1 1 
ATOM   909  C  CG2 . ILE G 1 14 ? 0.625   -8.811  6.667   1.00 39.37  ? 14  ILE G CG2 1 
ATOM   910  C  CD1 . ILE G 1 14 ? 1.497   -6.652  4.577   1.00 49.19  ? 14  ILE G CD1 1 
ATOM   911  N  N   . LYS G 1 15 ? 3.297   -10.715 6.578   1.00 63.67  ? 15  LYS G N   1 
ATOM   912  C  CA  . LYS G 1 15 ? 3.611   -11.781 7.525   1.00 71.79  ? 15  LYS G CA  1 
ATOM   913  C  C   . LYS G 1 15 ? 2.844   -11.525 8.824   1.00 70.80  ? 15  LYS G C   1 
ATOM   914  O  O   . LYS G 1 15 ? 2.528   -10.348 9.096   1.00 69.11  ? 15  LYS G O   1 
ATOM   915  C  CB  . LYS G 1 15 ? 5.126   -11.814 7.786   1.00 68.93  ? 15  LYS G CB  1 
HETATM 916  N  N   . NH2 G 1 16 ? 2.553   -12.562 9.601   1.00 77.63  ? 16  NH2 G N   1 
HETATM 917  O  O1  . ZJU H 1 1  ? 6.024   -13.727 -6.142  1.00 67.86  ? 1   ZJU H O1  1 
HETATM 918  C  C1  . ZJU H 1 1  ? 6.549   -13.994 -5.038  1.00 64.39  ? 1   ZJU H C1  1 
HETATM 919  O  O2  . ZJU H 1 1  ? 5.930   -13.888 -3.956  1.00 58.43  ? 1   ZJU H O2  1 
HETATM 920  C  C2  . ZJU H 1 1  ? 7.985   -14.508 -5.014  1.00 54.76  ? 1   ZJU H C2  1 
HETATM 921  C  C3  . ZJU H 1 1  ? 8.841   -13.925 -6.119  1.00 55.87  ? 1   ZJU H C3  1 
HETATM 922  C  C4  . ZJU H 1 1  ? 8.439   -12.510 -6.458  1.00 55.24  ? 1   ZJU H C4  1 
HETATM 923  O  O3  . ZJU H 1 1  ? 8.263   -11.692 -5.557  1.00 61.31  ? 1   ZJU H O3  1 
HETATM 924  N  N   . ZJU H 1 1  ? 8.029   -12.305 -7.706  1.00 50.10  ? 1   ZJU H N   1 
HETATM 925  C  CA  . ZJU H 1 1  ? 7.920   -10.946 -8.278  1.00 42.44  ? 1   ZJU H CA  1 
HETATM 926  C  CB  . ZJU H 1 1  ? 8.702   -10.879 -9.581  1.00 46.12  ? 1   ZJU H CB  1 
HETATM 927  C  CG  . ZJU H 1 1  ? 8.027   -11.650 -10.711 1.00 55.86  ? 1   ZJU H CG  1 
HETATM 928  O  OD2 . ZJU H 1 1  ? 8.444   -11.466 -11.873 1.00 61.00  ? 1   ZJU H OD2 1 
HETATM 929  O  OD1 . ZJU H 1 1  ? 7.086   -12.433 -10.445 1.00 53.59  ? 1   ZJU H OD1 1 
HETATM 930  C  C   . ZJU H 1 1  ? 6.463   -10.574 -8.540  1.00 39.63  ? 1   ZJU H C   1 
HETATM 931  O  O   . ZJU H 1 1  ? 6.182   -9.628  -9.287  1.00 48.77  ? 1   ZJU H O   1 
ATOM   932  N  N   . GLU H 1 2  ? 5.548   -11.320 -7.924  1.00 45.88  ? 2   GLU H N   1 
ATOM   933  C  CA  . GLU H 1 2  ? 4.114   -11.097 -8.080  1.00 45.56  ? 2   GLU H CA  1 
ATOM   934  C  C   . GLU H 1 2  ? 3.604   -9.752  -7.531  1.00 47.09  ? 2   GLU H C   1 
ATOM   935  O  O   . GLU H 1 2  ? 2.820   -9.070  -8.189  1.00 38.33  ? 2   GLU H O   1 
ATOM   936  C  CB  . GLU H 1 2  ? 3.355   -12.264 -7.439  1.00 41.91  ? 2   GLU H CB  1 
ATOM   937  C  CG  . GLU H 1 2  ? 3.364   -13.544 -8.332  1.00 39.69  ? 2   GLU H CG  1 
ATOM   938  C  CD  . GLU H 1 2  ? 2.482   -13.414 -9.582  1.00 51.23  ? 2   GLU H CD  1 
ATOM   939  O  OE1 . GLU H 1 2  ? 2.525   -14.322 -10.441 1.00 47.35  ? 2   GLU H OE1 1 
ATOM   940  O  OE2 . GLU H 1 2  ? 1.745   -12.406 -9.713  1.00 44.91  ? 2   GLU H OE2 1 
ATOM   941  N  N   . LEU H 1 3  ? 4.024   -9.390  -6.317  1.00 41.48  ? 3   LEU H N   1 
ATOM   942  C  CA  . LEU H 1 3  ? 3.617   -8.108  -5.714  1.00 39.54  ? 3   LEU H CA  1 
ATOM   943  C  C   . LEU H 1 3  ? 4.273   -7.010  -6.545  1.00 37.12  ? 3   LEU H C   1 
ATOM   944  O  O   . LEU H 1 3  ? 3.634   -6.044  -6.938  1.00 45.72  ? 3   LEU H O   1 
ATOM   945  C  CB  . LEU H 1 3  ? 4.083   -8.025  -4.248  1.00 40.40  ? 3   LEU H CB  1 
ATOM   946  C  CG  . LEU H 1 3  ? 3.896   -6.698  -3.511  1.00 33.46  ? 3   LEU H CG  1 
ATOM   947  C  CD1 . LEU H 1 3  ? 2.524   -6.120  -3.803  1.00 31.70  ? 3   LEU H CD1 1 
ATOM   948  C  CD2 . LEU H 1 3  ? 4.069   -6.930  -1.995  1.00 30.64  ? 3   LEU H CD2 1 
ATOM   949  N  N   . GLU H 1 4  ? 5.551   -7.180  -6.856  1.00 36.46  ? 4   GLU H N   1 
ATOM   950  C  CA  . GLU H 1 4  ? 6.242   -6.174  -7.666  1.00 34.47  ? 4   GLU H CA  1 
ATOM   951  C  C   . GLU H 1 4  ? 5.557   -5.864  -9.006  1.00 42.42  ? 4   GLU H C   1 
ATOM   952  O  O   . GLU H 1 4  ? 5.459   -4.702  -9.419  1.00 41.36  ? 4   GLU H O   1 
ATOM   953  C  CB  . GLU H 1 4  ? 7.666   -6.601  -7.977  1.00 30.69  ? 4   GLU H CB  1 
ATOM   954  C  CG  . GLU H 1 4  ? 8.280   -5.639  -9.006  1.00 38.85  ? 4   GLU H CG  1 
ATOM   955  C  CD  . GLU H 1 4  ? 9.664   -6.018  -9.494  1.00 48.01  ? 4   GLU H CD  1 
ATOM   956  O  OE1 . GLU H 1 4  ? 10.172  -5.307  -10.387 1.00 45.46  ? 4   GLU H OE1 1 
ATOM   957  O  OE2 . GLU H 1 4  ? 10.242  -7.004  -8.994  1.00 52.24  ? 4   GLU H OE2 1 
ATOM   958  N  N   . ARG H 1 5  ? 5.107   -6.897  -9.712  1.00 42.07  ? 5   ARG H N   1 
ATOM   959  C  CA  . ARG H 1 5  ? 4.464   -6.658  -11.007 1.00 35.14  ? 5   ARG H CA  1 
ATOM   960  C  C   . ARG H 1 5  ? 3.090   -6.057  -10.842 1.00 30.46  ? 5   ARG H C   1 
ATOM   961  O  O   . ARG H 1 5  ? 2.695   -5.211  -11.636 1.00 42.20  ? 5   ARG H O   1 
ATOM   962  C  CB  . ARG H 1 5  ? 4.396   -7.949  -11.848 1.00 40.40  ? 5   ARG H CB  1 
ATOM   963  C  CG  . ARG H 1 5  ? 5.760   -8.342  -12.479 1.00 46.72  ? 5   ARG H CG  1 
ATOM   964  C  CD  . ARG H 1 5  ? 5.685   -9.592  -13.371 1.00 49.06  ? 5   ARG H CD  1 
ATOM   965  N  NE  . ARG H 1 5  ? 7.001   -9.994  -13.852 1.00 47.88  ? 5   ARG H NE  1 
ATOM   966  C  CZ  . ARG H 1 5  ? 7.632   -9.419  -14.874 1.00 51.83  ? 5   ARG H CZ  1 
ATOM   967  N  NH1 . ARG H 1 5  ? 7.068   -8.423  -15.540 1.00 49.68  ? 5   ARG H NH1 1 
ATOM   968  N  NH2 . ARG H 1 5  ? 8.845   -9.815  -15.209 1.00 56.78  ? 5   ARG H NH2 1 
ATOM   969  N  N   . ALA H 1 6  ? 2.358   -6.497  -9.816  1.00 35.76  ? 6   ALA H N   1 
ATOM   970  C  CA  . ALA H 1 6  ? 1.036   -5.952  -9.549  1.00 35.15  ? 6   ALA H CA  1 
ATOM   971  C  C   . ALA H 1 6  ? 1.127   -4.444  -9.233  1.00 37.81  ? 6   ALA H C   1 
ATOM   972  O  O   . ALA H 1 6  ? 0.255   -3.660  -9.628  1.00 38.79  ? 6   ALA H O   1 
ATOM   973  C  CB  . ALA H 1 6  ? 0.401   -6.687  -8.410  1.00 30.87  ? 6   ALA H CB  1 
ATOM   974  N  N   . ILE H 1 7  ? 2.171   -4.035  -8.511  1.00 36.84  ? 7   ILE H N   1 
ATOM   975  C  CA  . ILE H 1 7  ? 2.353   -2.614  -8.204  1.00 33.47  ? 7   ILE H CA  1 
ATOM   976  C  C   . ILE H 1 7  ? 2.780   -1.837  -9.453  1.00 32.19  ? 7   ILE H C   1 
ATOM   977  O  O   . ILE H 1 7  ? 2.258   -0.759  -9.718  1.00 32.60  ? 7   ILE H O   1 
ATOM   978  C  CB  . ILE H 1 7  ? 3.436   -2.387  -7.095  1.00 45.91  ? 7   ILE H CB  1 
ATOM   979  C  CG1 . ILE H 1 7  ? 2.849   -2.698  -5.717  1.00 37.06  ? 7   ILE H CG1 1 
ATOM   980  C  CG2 . ILE H 1 7  ? 3.943   -0.930  -7.136  1.00 35.91  ? 7   ILE H CG2 1 
ATOM   981  C  CD1 . ILE H 1 7  ? 3.921   -2.970  -4.701  1.00 50.49  ? 7   ILE H CD1 1 
ATOM   982  N  N   . ARG H 1 8  ? 3.727   -2.359  -10.234 1.00 30.35  ? 8   ARG H N   1 
ATOM   983  C  CA  . ARG H 1 8  ? 4.108   -1.602  -11.417 1.00 33.34  ? 8   ARG H CA  1 
ATOM   984  C  C   . ARG H 1 8  ? 2.953   -1.506  -12.437 1.00 40.57  ? 8   ARG H C   1 
ATOM   985  O  O   . ARG H 1 8  ? 2.792   -0.487  -13.101 1.00 39.22  ? 8   ARG H O   1 
ATOM   986  C  CB  . ARG H 1 8  ? 5.351   -2.196  -12.066 1.00 39.34  ? 8   ARG H CB  1 
ATOM   987  C  CG  . ARG H 1 8  ? 6.483   -2.487  -11.104 1.00 42.39  ? 8   ARG H CG  1 
ATOM   988  C  CD  . ARG H 1 8  ? 7.803   -2.593  -11.825 1.00 50.59  ? 8   ARG H CD  1 
ATOM   989  N  NE  . ARG H 1 8  ? 7.688   -3.250  -13.117 1.00 65.43  ? 8   ARG H NE  1 
ATOM   990  C  CZ  . ARG H 1 8  ? 8.628   -3.227  -14.058 1.00 74.55  ? 8   ARG H CZ  1 
ATOM   991  N  NH1 . ARG H 1 8  ? 9.768   -2.583  -13.856 1.00 68.82  ? 8   ARG H NH1 1 
ATOM   992  N  NH2 . ARG H 1 8  ? 8.418   -3.836  -15.218 1.00 84.84  ? 8   ARG H NH2 1 
ATOM   993  N  N   . GLU H 1 9  ? 2.121   -2.535  -12.546 1.00 37.22  ? 9   GLU H N   1 
ATOM   994  C  CA  . GLU H 1 9  ? 1.014   -2.471  -13.516 1.00 37.71  ? 9   GLU H CA  1 
ATOM   995  C  C   . GLU H 1 9  ? -0.066  -1.506  -13.034 1.00 47.45  ? 9   GLU H C   1 
ATOM   996  O  O   . GLU H 1 9  ? -0.764  -0.883  -13.840 1.00 42.61  ? 9   GLU H O   1 
ATOM   997  C  CB  . GLU H 1 9  ? 0.438   -3.868  -13.746 1.00 43.38  ? 9   GLU H CB  1 
ATOM   998  C  CG  . GLU H 1 9  ? 1.461   -4.819  -14.349 1.00 45.49  ? 9   GLU H CG  1 
ATOM   999  C  CD  . GLU H 1 9  ? 1.088   -6.276  -14.146 1.00 51.90  ? 9   GLU H CD  1 
ATOM   1000 O  OE1 . GLU H 1 9  ? -0.044  -6.532  -13.707 1.00 37.45  ? 9   GLU H OE1 1 
ATOM   1001 O  OE2 . GLU H 1 9  ? 1.920   -7.167  -14.430 1.00 48.81  ? 9   GLU H OE2 1 
ATOM   1002 N  N   . LEU H 1 10 ? -0.211  -1.390  -11.717 1.00 36.79  ? 10  LEU H N   1 
ATOM   1003 C  CA  . LEU H 1 10 ? -1.181  -0.466  -11.148 1.00 40.41  ? 10  LEU H CA  1 
ATOM   1004 C  C   . LEU H 1 10 ? -0.685  0.955   -11.402 1.00 42.57  ? 10  LEU H C   1 
ATOM   1005 O  O   . LEU H 1 10 ? -1.430  1.804   -11.892 1.00 39.33  ? 10  LEU H O   1 
ATOM   1006 C  CB  . LEU H 1 10 ? -1.337  -0.708  -9.639  1.00 36.45  ? 10  LEU H CB  1 
ATOM   1007 C  CG  . LEU H 1 10 ? -2.124  0.308   -8.801  1.00 37.31  ? 10  LEU H CG  1 
ATOM   1008 C  CD1 . LEU H 1 10 ? -3.555  0.463   -9.264  1.00 38.92  ? 10  LEU H CD1 1 
ATOM   1009 C  CD2 . LEU H 1 10 ? -2.098  -0.159  -7.354  1.00 41.19  ? 10  LEU H CD2 1 
ATOM   1010 N  N   . ALA H 1 11 ? 0.575   1.230   -11.086 1.00 41.01  ? 11  ALA H N   1 
ATOM   1011 C  CA  . ALA H 1 11 ? 1.091   2.585   -11.325 1.00 41.60  ? 11  ALA H CA  1 
ATOM   1012 C  C   . ALA H 1 11 ? 0.965   2.997   -12.804 1.00 44.33  ? 11  ALA H C   1 
ATOM   1013 O  O   . ALA H 1 11 ? 0.626   4.135   -13.090 1.00 41.20  ? 11  ALA H O   1 
ATOM   1014 C  CB  . ALA H 1 11 ? 2.539   2.694   -10.861 1.00 42.43  ? 11  ALA H CB  1 
ATOM   1015 N  N   . ALA H 1 12 ? 1.206   2.075   -13.739 1.00 48.56  ? 12  ALA H N   1 
ATOM   1016 C  CA  . ALA H 1 12 ? 1.110   2.384   -15.182 1.00 45.60  ? 12  ALA H CA  1 
ATOM   1017 C  C   . ALA H 1 12 ? -0.319  2.732   -15.595 1.00 50.31  ? 12  ALA H C   1 
ATOM   1018 O  O   . ALA H 1 12 ? -0.548  3.534   -16.495 1.00 50.74  ? 12  ALA H O   1 
ATOM   1019 C  CB  . ALA H 1 12 ? 1.598   1.191   -16.012 1.00 47.35  ? 12  ALA H CB  1 
ATOM   1020 N  N   . ARG H 1 13 ? -1.273  2.107   -14.921 1.00 55.46  ? 13  ARG H N   1 
ATOM   1021 C  CA  . ARG H 1 13 ? -2.696  2.318   -15.165 1.00 60.38  ? 13  ARG H CA  1 
ATOM   1022 C  C   . ARG H 1 13 ? -3.215  3.623   -14.529 1.00 62.95  ? 13  ARG H C   1 
ATOM   1023 O  O   . ARG H 1 13 ? -4.050  4.305   -15.113 1.00 68.41  ? 13  ARG H O   1 
ATOM   1024 C  CB  . ARG H 1 13 ? -3.485  1.127   -14.599 1.00 53.25  ? 13  ARG H CB  1 
ATOM   1025 C  CG  . ARG H 1 13 ? -4.990  1.135   -14.856 1.00 57.45  ? 13  ARG H CG  1 
ATOM   1026 C  CD  . ARG H 1 13 ? -5.761  0.403   -13.711 1.00 77.71  ? 13  ARG H CD  1 
ATOM   1027 N  NE  . ARG H 1 13 ? -6.131  1.281   -12.587 1.00 77.35  ? 13  ARG H NE  1 
ATOM   1028 C  CZ  . ARG H 1 13 ? -6.813  0.907   -11.503 1.00 67.80  ? 13  ARG H CZ  1 
ATOM   1029 N  NH1 . ARG H 1 13 ? -7.228  -0.348  -11.350 1.00 58.72  ? 13  ARG H NH1 1 
ATOM   1030 N  NH2 . ARG H 1 13 ? -7.100  1.800   -10.569 1.00 58.12  ? 13  ARG H NH2 1 
ATOM   1031 N  N   . ILE H 1 14 ? -2.720  3.982   -13.345 1.00 63.86  ? 14  ILE H N   1 
ATOM   1032 C  CA  . ILE H 1 14 ? -3.217  5.184   -12.662 1.00 63.28  ? 14  ILE H CA  1 
ATOM   1033 C  C   . ILE H 1 14 ? -2.231  6.294   -12.349 1.00 65.32  ? 14  ILE H C   1 
ATOM   1034 O  O   . ILE H 1 14 ? -2.507  7.109   -11.469 1.00 59.31  ? 14  ILE H O   1 
ATOM   1035 C  CB  . ILE H 1 14 ? -3.886  4.840   -11.304 1.00 61.37  ? 14  ILE H CB  1 
ATOM   1036 C  CG1 . ILE H 1 14 ? -2.814  4.368   -10.329 1.00 69.60  ? 14  ILE H CG1 1 
ATOM   1037 C  CG2 . ILE H 1 14 ? -4.969  3.786   -11.481 1.00 74.74  ? 14  ILE H CG2 1 
ATOM   1038 C  CD1 . ILE H 1 14 ? -3.354  3.668   -9.139  1.00 81.94  ? 14  ILE H CD1 1 
ATOM   1039 N  N   . LYS H 1 15 ? -1.091  6.354   -13.033 1.00 74.82  ? 15  LYS H N   1 
ATOM   1040 C  CA  . LYS H 1 15 ? -0.149  7.422   -12.723 1.00 77.52  ? 15  LYS H CA  1 
ATOM   1041 C  C   . LYS H 1 15 ? -0.784  8.766   -13.062 1.00 83.75  ? 15  LYS H C   1 
ATOM   1042 O  O   . LYS H 1 15 ? -1.887  8.753   -13.653 1.00 78.21  ? 15  LYS H O   1 
ATOM   1043 C  CB  . LYS H 1 15 ? 1.171   7.249   -13.486 1.00 80.16  ? 15  LYS H CB  1 
ATOM   1044 C  CG  . LYS H 1 15 ? 1.065   7.211   -15.002 1.00 74.12  ? 15  LYS H CG  1 
ATOM   1045 C  CD  . LYS H 1 15 ? 2.389   7.669   -15.616 1.00 76.69  ? 15  LYS H CD  1 
ATOM   1046 C  CE  . LYS H 1 15 ? 2.920   6.710   -16.675 1.00 79.40  ? 15  LYS H CE  1 
ATOM   1047 N  NZ  . LYS H 1 15 ? 3.554   5.487   -16.099 1.00 74.97  ? 15  LYS H NZ  1 
HETATM 1048 N  N   . NH2 H 1 16 ? -0.145  9.873   -12.705 1.00 92.37  ? 16  NH2 H N   1 
HETATM 1049 CL CL  . CL  I 2 .  ? -12.556 -13.519 -1.517  1.00 77.52  ? 202 CL  G CL  1 
HETATM 1050 MG MG  . MG  J 3 .  ? 0.537   -11.709 -11.024 1.00 42.45  ? 201 MG  H MG  1 
HETATM 1051 O  O   . HOH K 4 .  ? 1.527   9.707   -9.451  1.00 45.97  ? 23  HOH A O   1 
HETATM 1052 O  O   . HOH K 4 .  ? 15.437  -0.462  -3.197  1.00 51.94  ? 28  HOH A O   1 
HETATM 1053 O  O   . HOH K 4 .  ? 12.917  7.813   -12.758 1.00 78.84  ? 34  HOH A O   1 
HETATM 1054 O  O   . HOH K 4 .  ? -1.842  13.974  -6.796  1.00 51.88  ? 46  HOH A O   1 
HETATM 1055 O  O   . HOH K 4 .  ? 18.485  -0.673  -2.182  1.00 69.47  ? 51  HOH A O   1 
HETATM 1056 O  O   . HOH K 4 .  ? 18.133  -1.076  0.314   1.00 74.17  ? 52  HOH A O   1 
HETATM 1057 O  O   . HOH K 4 .  ? 2.158   3.440   -1.381  1.00 64.46  ? 67  HOH A O   1 
HETATM 1058 O  O   . HOH K 4 .  ? 6.559   10.500  -8.963  1.00 69.95  ? 85  HOH A O   1 
HETATM 1059 O  O   . HOH K 4 .  ? 1.748   14.519  -8.088  1.00 60.34  ? 95  HOH A O   1 
HETATM 1060 O  O   . HOH K 4 .  ? 4.721   14.332  -5.584  1.00 56.03  ? 99  HOH A O   1 
HETATM 1061 O  O   . HOH K 4 .  ? 7.082   9.417   -12.390 1.00 77.69  ? 100 HOH A O   1 
HETATM 1062 O  O   . HOH K 4 .  ? 8.025   2.365   -13.167 1.00 63.61  ? 101 HOH A O   1 
HETATM 1063 O  O   . HOH K 4 .  ? 5.903   10.456  -4.329  1.00 63.45  ? 104 HOH A O   1 
HETATM 1064 O  O   . HOH L 4 .  ? 15.961  3.255   2.878   1.00 59.49  ? 17  HOH B O   1 
HETATM 1065 O  O   . HOH L 4 .  ? 16.135  -6.464  -2.106  1.00 56.60  ? 18  HOH B O   1 
HETATM 1066 O  O   . HOH L 4 .  ? 11.930  -2.786  6.561   1.00 69.49  ? 19  HOH B O   1 
HETATM 1067 O  O   . HOH L 4 .  ? 18.078  -2.922  2.307   1.00 65.39  ? 20  HOH B O   1 
HETATM 1068 O  O   . HOH L 4 .  ? 16.747  0.565   1.895   1.00 79.85  ? 21  HOH B O   1 
HETATM 1069 O  O   . HOH L 4 .  ? 15.010  -10.080 0.986   1.00 71.47  ? 22  HOH B O   1 
HETATM 1070 O  O   . HOH M 4 .  ? 4.683   -2.735  11.042  1.00 39.73  ? 17  HOH C O   1 
HETATM 1071 O  O   . HOH M 4 .  ? 8.792   6.816   10.198  1.00 63.83  ? 18  HOH C O   1 
HETATM 1072 O  O   . HOH M 4 .  ? 0.981   8.298   11.715  1.00 60.95  ? 19  HOH C O   1 
HETATM 1073 O  O   . HOH M 4 .  ? 13.710  1.208   6.779   1.00 72.00  ? 20  HOH C O   1 
HETATM 1074 O  O   . HOH M 4 .  ? 10.726  -0.498  7.943   1.00 50.73  ? 21  HOH C O   1 
HETATM 1075 O  O   . HOH M 4 .  ? 1.359   12.500  4.823   1.00 58.96  ? 22  HOH C O   1 
HETATM 1076 O  O   . HOH M 4 .  ? 0.221   12.472  2.703   1.00 71.63  ? 23  HOH C O   1 
HETATM 1077 O  O   . HOH M 4 .  ? 12.086  1.304   8.469   1.00 61.09  ? 24  HOH C O   1 
HETATM 1078 O  O   . HOH M 4 .  ? 1.535   -9.838  13.032  1.00 62.64  ? 25  HOH C O   1 
HETATM 1079 O  O   . HOH M 4 .  ? 8.912   5.117   11.715  1.00 59.07  ? 26  HOH C O   1 
HETATM 1080 O  O   . HOH M 4 .  ? 10.378  -7.206  6.142   1.00 60.64  ? 27  HOH C O   1 
HETATM 1081 O  O   . HOH N 4 .  ? -9.682  5.735   13.353  1.00 59.02  ? 17  HOH D O   1 
HETATM 1082 O  O   . HOH N 4 .  ? -6.296  1.171   15.438  1.00 72.47  ? 18  HOH D O   1 
HETATM 1083 O  O   . HOH N 4 .  ? 1.263   0.550   17.586  1.00 45.39  ? 19  HOH D O   1 
HETATM 1084 O  O   . HOH N 4 .  ? 0.859   6.822   9.334   1.00 39.10  ? 20  HOH D O   1 
HETATM 1085 O  O   . HOH N 4 .  ? 0.228   16.115  1.967   1.00 74.10  ? 21  HOH D O   1 
HETATM 1086 O  O   . HOH N 4 .  ? 2.207   3.077   13.454  1.00 40.27  ? 22  HOH D O   1 
HETATM 1087 O  O   . HOH N 4 .  ? 2.622   -4.061  11.962  1.00 45.12  ? 23  HOH D O   1 
HETATM 1088 O  O   . HOH N 4 .  ? -0.868  -4.036  12.225  1.00 46.08  ? 24  HOH D O   1 
HETATM 1089 O  O   . HOH N 4 .  ? -0.975  -7.564  13.685  1.00 56.07  ? 25  HOH D O   1 
HETATM 1090 O  O   . HOH N 4 .  ? -3.236  -5.041  13.420  1.00 51.06  ? 26  HOH D O   1 
HETATM 1091 O  O   . HOH N 4 .  ? -3.690  5.147   16.138  1.00 51.99  ? 27  HOH D O   1 
HETATM 1092 O  O   . HOH N 4 .  ? -8.631  6.458   9.774   1.00 50.32  ? 28  HOH D O   1 
HETATM 1093 O  O   . HOH N 4 .  ? -3.768  11.509  11.261  1.00 49.18  ? 29  HOH D O   1 
HETATM 1094 O  O   . HOH N 4 .  ? -10.005 12.948  9.495   1.00 59.01  ? 30  HOH D O   1 
HETATM 1095 O  O   . HOH N 4 .  ? 0.539   -3.359  19.186  1.00 62.94  ? 31  HOH D O   1 
HETATM 1096 O  O   . HOH N 4 .  ? -5.057  10.493  13.237  1.00 53.89  ? 32  HOH D O   1 
HETATM 1097 O  O   . HOH N 4 .  ? 4.770   -5.509  13.683  1.00 56.42  ? 33  HOH D O   1 
HETATM 1098 O  O   . HOH N 4 .  ? -5.610  -0.874  16.867  1.00 75.00  ? 34  HOH D O   1 
HETATM 1099 O  O   . HOH N 4 .  ? -0.075  10.340  13.889  1.00 67.20  ? 35  HOH D O   1 
HETATM 1100 O  O   . HOH O 4 .  ? -2.139  -0.291  1.944   1.00 79.21  ? 17  HOH E O   1 
HETATM 1101 O  O   . HOH O 4 .  ? -11.864 2.772   -4.900  1.00 57.13  ? 18  HOH E O   1 
HETATM 1102 O  O   . HOH O 4 .  ? -10.509 7.617   7.980   1.00 68.48  ? 19  HOH E O   1 
HETATM 1103 O  O   . HOH O 4 .  ? 0.668   1.077   -1.551  1.00 62.76  ? 20  HOH E O   1 
HETATM 1104 O  O   . HOH O 4 .  ? -13.863 -4.146  2.603   1.00 56.22  ? 21  HOH E O   1 
HETATM 1105 O  O   . HOH O 4 .  ? 0.559   2.468   0.716   1.00 72.35  ? 22  HOH E O   1 
HETATM 1106 O  O   . HOH O 4 .  ? -1.554  -0.405  -2.181  1.00 67.68  ? 23  HOH E O   1 
HETATM 1107 O  O   . HOH O 4 .  ? -3.786  0.755   -1.304  1.00 71.15  ? 24  HOH E O   1 
HETATM 1108 O  O   . HOH O 4 .  ? -11.868 7.218   -6.254  0.50 42.42  ? 25  HOH E O   1 
HETATM 1109 O  O   . HOH O 4 .  ? -11.741 3.969   9.960   1.00 64.92  ? 26  HOH E O   1 
HETATM 1110 O  O   . HOH O 4 .  ? -10.513 8.501   -0.365  1.00 53.53  ? 27  HOH E O   1 
HETATM 1111 O  O   . HOH O 4 .  ? -12.163 2.093   -2.528  1.00 58.86  ? 28  HOH E O   1 
HETATM 1112 O  O   . HOH P 4 .  ? -10.858 -12.461 3.645   1.00 63.91  ? 17  HOH F O   1 
HETATM 1113 O  O   . HOH P 4 .  ? -10.974 -8.126  7.382   1.00 47.34  ? 18  HOH F O   1 
HETATM 1114 O  O   . HOH P 4 .  ? -12.169 -11.418 1.806   1.00 57.18  ? 19  HOH F O   1 
HETATM 1115 O  O   . HOH P 4 .  ? -4.168  -13.355 1.607   1.00 52.46  ? 20  HOH F O   1 
HETATM 1116 O  O   . HOH P 4 .  ? -7.279  -11.133 10.867  1.00 66.52  ? 21  HOH F O   1 
HETATM 1117 O  O   . HOH P 4 .  ? -2.935  -14.502 9.716   1.00 68.05  ? 22  HOH F O   1 
HETATM 1118 O  O   . HOH P 4 .  ? -9.652  -1.777  12.954  1.00 69.17  ? 23  HOH F O   1 
HETATM 1119 O  O   . HOH Q 4 .  ? 2.276   -11.554 -3.759  1.00 43.79  ? 203 HOH G O   1 
HETATM 1120 O  O   . HOH Q 4 .  ? -7.628  -10.889 -8.011  1.00 71.71  ? 204 HOH G O   1 
HETATM 1121 O  O   . HOH Q 4 .  ? -2.115  -4.697  -10.379 1.00 35.58  ? 205 HOH G O   1 
HETATM 1122 O  O   . HOH Q 4 .  ? -2.462  -5.929  -12.479 1.00 52.28  ? 206 HOH G O   1 
HETATM 1123 O  O   . HOH Q 4 .  ? -10.840 -9.525  -4.794  1.00 68.26  ? 207 HOH G O   1 
HETATM 1124 O  O   . HOH Q 4 .  ? -6.750  -10.019 -15.740 1.00 48.35  ? 208 HOH G O   1 
HETATM 1125 O  O   . HOH Q 4 .  ? -3.311  -0.093  -3.675  1.00 80.65  ? 209 HOH G O   1 
HETATM 1126 O  O   . HOH Q 4 .  ? -4.401  -6.065  -15.051 1.00 80.23  ? 210 HOH G O   1 
HETATM 1127 O  O   . HOH Q 4 .  ? -9.505  -3.494  -9.096  1.00 52.32  ? 211 HOH G O   1 
HETATM 1128 O  O   . HOH Q 4 .  ? -4.022  -12.421 -0.791  1.00 51.04  ? 212 HOH G O   1 
HETATM 1129 O  O   . HOH Q 4 .  ? -11.834 -9.030  -14.586 1.00 58.95  ? 213 HOH G O   1 
HETATM 1130 O  O   . HOH Q 4 .  ? -1.142  0.630   -0.069  1.00 62.36  ? 214 HOH G O   1 
HETATM 1131 O  O   . HOH Q 4 .  ? -5.312  -12.079 -8.246  1.00 54.94  ? 215 HOH G O   1 
HETATM 1132 O  O   . HOH Q 4 .  ? -5.259  0.480   -18.336 1.00 78.50  ? 216 HOH G O   1 
HETATM 1133 O  O   . HOH R 4 .  ? 4.631   -12.534 -11.371 1.00 47.31  ? 202 HOH H O   1 
HETATM 1134 O  O   . HOH R 4 .  ? 2.193   -11.472 -12.020 1.00 35.60  ? 203 HOH H O   1 
HETATM 1135 O  O   . HOH R 4 .  ? 7.290   -9.119  -5.581  1.00 42.95  ? 204 HOH H O   1 
HETATM 1136 O  O   . HOH R 4 .  ? 6.911   -0.682  -15.810 1.00 59.78  ? 205 HOH H O   1 
HETATM 1137 O  O   . HOH R 4 .  ? 4.674   1.114   -13.561 1.00 51.08  ? 206 HOH H O   1 
HETATM 1138 O  O   . HOH R 4 .  ? 1.097   -9.730  -10.117 1.00 39.74  ? 207 HOH H O   1 
HETATM 1139 O  O   . HOH R 4 .  ? 5.013   -11.202 -4.364  1.00 42.36  ? 208 HOH H O   1 
HETATM 1140 O  O   . HOH R 4 .  ? 7.437   -14.753 -9.665  1.00 49.86  ? 209 HOH H O   1 
HETATM 1141 O  O   . HOH R 4 .  ? 7.855   -6.122  -14.216 1.00 74.87  ? 210 HOH H O   1 
HETATM 1142 O  O   . HOH R 4 .  ? -0.970  -11.853 -9.895  1.00 38.27  ? 211 HOH H O   1 
HETATM 1143 O  O   . HOH R 4 .  ? 4.079   -7.283  -15.308 1.00 61.96  ? 212 HOH H O   1 
HETATM 1144 O  O   . HOH R 4 .  ? 9.901   -8.467  -6.794  1.00 56.83  ? 213 HOH H O   1 
HETATM 1145 O  O   . HOH R 4 .  ? 3.201   -13.898 -2.776  1.00 52.56  ? 214 HOH H O   1 
HETATM 1146 O  O   . HOH R 4 .  ? 10.204  -11.216 -3.753  1.00 53.64  ? 215 HOH H O   1 
HETATM 1147 O  O   . HOH R 4 .  ? -1.425  6.305   -17.306 1.00 60.15  ? 216 HOH H O   1 
HETATM 1148 O  O   . HOH R 4 .  ? -2.071  -6.451  -15.802 1.00 62.08  ? 217 HOH H O   1 
HETATM 1149 O  O   . HOH R 4 .  ? -1.117  -1.482  -16.441 1.00 44.61  ? 218 HOH H O   1 
HETATM 1150 O  O   . HOH R 4 .  ? 9.941   -6.953  -17.193 1.00 72.11  ? 219 HOH H O   1 
HETATM 1151 O  O   . HOH R 4 .  ? 4.458   3.599   -14.389 1.00 62.17  ? 220 HOH H O   1 
HETATM 1152 O  O   . HOH R 4 .  ? 9.513   -5.220  -12.721 1.00 62.04  ? 221 HOH H O   1 
HETATM 1153 O  O   . HOH R 4 .  ? -2.737  4.263   -19.583 1.00 90.48  ? 222 HOH H O   1 
HETATM 1154 O  O   . HOH R 4 .  ? -0.628  -8.098  -11.304 1.00 71.22  ? 223 HOH H O   1 
HETATM 1155 O  O   . HOH R 4 .  ? -9.104  -1.613  -10.424 1.00 65.37  ? 224 HOH H O   1 
# 
